data_2MPN
#
_entry.id   2MPN
#
_entity_poly.entity_id   1
_entity_poly.type   'polypeptide(L)'
_entity_poly.pdbx_seq_one_letter_code
;KSQPLPLMRQVQIAAGGLILIGVVLGYTVNSGFFLLSGFVGAGLLFAGISGFSGMARLLDKMPWNQRA
;
_entity_poly.pdbx_strand_id   A,B
#
# COMPACT_ATOMS: atom_id res chain seq x y z
N LYS A 1 8.57 -24.99 0.80
CA LYS A 1 9.13 -23.86 0.06
C LYS A 1 8.46 -23.71 -1.30
N SER A 2 7.21 -23.26 -1.29
CA SER A 2 6.46 -23.08 -2.52
C SER A 2 6.99 -21.89 -3.32
N GLN A 3 7.06 -20.73 -2.65
CA GLN A 3 7.55 -19.52 -3.30
C GLN A 3 8.89 -19.10 -2.71
N PRO A 4 9.69 -18.38 -3.52
CA PRO A 4 11.02 -17.91 -3.10
C PRO A 4 10.93 -16.81 -2.04
N LEU A 5 9.72 -16.32 -1.80
CA LEU A 5 9.51 -15.27 -0.81
C LEU A 5 10.46 -14.10 -1.05
N PRO A 6 10.26 -13.40 -2.17
CA PRO A 6 11.09 -12.25 -2.54
C PRO A 6 10.84 -11.04 -1.63
N LEU A 7 11.41 -9.90 -2.00
CA LEU A 7 11.25 -8.68 -1.22
C LEU A 7 10.59 -7.58 -2.05
N MET A 8 10.28 -7.91 -3.30
CA MET A 8 9.64 -6.95 -4.20
C MET A 8 8.18 -6.71 -3.80
N ARG A 9 7.65 -7.62 -2.98
CA ARG A 9 6.27 -7.50 -2.53
C ARG A 9 6.21 -7.31 -1.02
N GLN A 10 7.05 -8.03 -0.30
CA GLN A 10 7.09 -7.94 1.16
C GLN A 10 7.24 -6.50 1.60
N VAL A 11 7.85 -5.68 0.76
CA VAL A 11 8.06 -4.27 1.07
C VAL A 11 6.79 -3.47 0.85
N GLN A 12 5.98 -3.91 -0.11
CA GLN A 12 4.72 -3.23 -0.42
C GLN A 12 3.67 -3.52 0.65
N ILE A 13 3.61 -4.76 1.10
CA ILE A 13 2.65 -5.17 2.11
C ILE A 13 3.07 -4.66 3.49
N ALA A 14 4.36 -4.72 3.77
CA ALA A 14 4.89 -4.25 5.06
C ALA A 14 4.87 -2.73 5.14
N ALA A 15 5.53 -2.08 4.19
CA ALA A 15 5.59 -0.62 4.16
C ALA A 15 4.23 -0.03 3.81
N GLY A 16 3.52 -0.67 2.89
CA GLY A 16 2.21 -0.19 2.48
C GLY A 16 1.18 -0.31 3.59
N GLY A 17 1.23 -1.41 4.33
CA GLY A 17 0.29 -1.61 5.42
C GLY A 17 0.52 -0.68 6.58
N LEU A 18 1.78 -0.59 7.02
CA LEU A 18 2.14 0.28 8.14
C LEU A 18 1.90 1.74 7.79
N ILE A 19 2.50 2.20 6.69
CA ILE A 19 2.34 3.57 6.24
C ILE A 19 0.87 3.93 6.08
N LEU A 20 0.14 3.09 5.36
CA LEU A 20 -1.29 3.32 5.12
C LEU A 20 -2.02 3.57 6.44
N ILE A 21 -1.83 2.67 7.39
CA ILE A 21 -2.48 2.78 8.69
C ILE A 21 -2.22 4.16 9.30
N GLY A 22 -0.96 4.57 9.32
CA GLY A 22 -0.60 5.86 9.87
C GLY A 22 -1.17 7.01 9.08
N VAL A 23 -0.76 7.12 7.82
CA VAL A 23 -1.23 8.18 6.94
C VAL A 23 -2.75 8.27 6.95
N VAL A 24 -3.39 7.14 7.25
CA VAL A 24 -4.86 7.09 7.29
C VAL A 24 -5.39 7.74 8.55
N LEU A 25 -4.93 7.26 9.70
CA LEU A 25 -5.38 7.80 10.99
C LEU A 25 -5.16 9.31 11.05
N GLY A 26 -4.18 9.79 10.29
CA GLY A 26 -3.90 11.21 10.27
C GLY A 26 -4.78 11.96 9.28
N TYR A 27 -4.87 11.46 8.06
CA TYR A 27 -5.67 12.09 7.02
C TYR A 27 -7.15 12.09 7.42
N THR A 28 -7.52 11.20 8.32
CA THR A 28 -8.89 11.10 8.78
C THR A 28 -9.11 11.93 10.04
N VAL A 29 -8.15 11.88 10.95
CA VAL A 29 -8.24 12.63 12.19
C VAL A 29 -7.92 14.11 11.97
N ASN A 30 -7.49 14.44 10.75
CA ASN A 30 -7.15 15.82 10.41
C ASN A 30 -7.98 16.29 9.21
N SER A 31 -8.11 15.42 8.21
CA SER A 31 -8.86 15.75 7.01
C SER A 31 -10.13 14.92 6.92
N GLY A 32 -10.36 14.06 7.92
CA GLY A 32 -11.53 13.23 7.93
C GLY A 32 -12.64 13.80 8.79
N PHE A 33 -12.27 14.64 9.76
CA PHE A 33 -13.24 15.25 10.66
C PHE A 33 -14.20 16.16 9.88
N PHE A 34 -13.82 16.50 8.65
CA PHE A 34 -14.64 17.36 7.81
C PHE A 34 -15.69 16.54 7.06
N LEU A 35 -15.27 15.41 6.52
CA LEU A 35 -16.17 14.55 5.76
C LEU A 35 -17.42 14.21 6.59
N LEU A 36 -17.27 13.22 7.48
CA LEU A 36 -18.38 12.81 8.32
C LEU A 36 -18.00 12.92 9.81
N SER A 37 -17.36 11.87 10.32
CA SER A 37 -16.94 11.85 11.71
C SER A 37 -15.45 11.56 11.84
N GLY A 38 -14.96 10.63 11.02
CA GLY A 38 -13.55 10.27 11.05
C GLY A 38 -13.34 8.80 11.34
N PHE A 39 -14.34 7.99 11.06
CA PHE A 39 -14.25 6.55 11.29
C PHE A 39 -14.51 5.77 10.01
N VAL A 40 -15.46 6.25 9.22
CA VAL A 40 -15.81 5.61 7.95
C VAL A 40 -14.65 5.67 6.96
N GLY A 41 -13.98 6.81 6.93
CA GLY A 41 -12.85 6.98 6.02
C GLY A 41 -11.65 6.15 6.43
N ALA A 42 -11.05 6.50 7.56
CA ALA A 42 -9.88 5.78 8.06
C ALA A 42 -10.20 4.30 8.29
N GLY A 43 -11.45 4.03 8.67
CA GLY A 43 -11.86 2.66 8.92
C GLY A 43 -11.89 1.82 7.66
N LEU A 44 -12.65 2.28 6.67
CA LEU A 44 -12.76 1.56 5.40
C LEU A 44 -11.39 1.37 4.75
N LEU A 45 -10.53 2.37 4.91
CA LEU A 45 -9.19 2.32 4.35
C LEU A 45 -8.36 1.23 5.03
N PHE A 46 -8.39 1.20 6.35
CA PHE A 46 -7.64 0.22 7.11
C PHE A 46 -8.06 -1.20 6.73
N ALA A 47 -9.36 -1.46 6.79
CA ALA A 47 -9.90 -2.77 6.45
C ALA A 47 -9.50 -3.18 5.03
N GLY A 48 -9.54 -2.22 4.11
CA GLY A 48 -9.18 -2.49 2.74
C GLY A 48 -7.75 -2.96 2.60
N ILE A 49 -6.81 -2.08 2.89
CA ILE A 49 -5.39 -2.41 2.79
C ILE A 49 -5.04 -3.59 3.68
N SER A 50 -5.88 -3.84 4.69
CA SER A 50 -5.65 -4.94 5.61
C SER A 50 -5.85 -6.29 4.92
N GLY A 51 -7.07 -6.53 4.45
CA GLY A 51 -7.37 -7.78 3.77
C GLY A 51 -6.54 -7.96 2.51
N PHE A 52 -6.26 -6.87 1.82
CA PHE A 52 -5.47 -6.92 0.60
C PHE A 52 -4.04 -7.35 0.90
N SER A 53 -3.36 -6.59 1.74
CA SER A 53 -1.98 -6.90 2.10
C SER A 53 -1.85 -8.33 2.62
N GLY A 54 -2.80 -8.74 3.45
CA GLY A 54 -2.78 -10.09 3.99
C GLY A 54 -2.83 -11.15 2.92
N MET A 55 -3.78 -11.01 1.99
CA MET A 55 -3.93 -11.97 0.90
C MET A 55 -2.66 -12.03 0.05
N ALA A 56 -2.01 -10.88 -0.09
CA ALA A 56 -0.79 -10.81 -0.89
C ALA A 56 0.39 -11.44 -0.15
N ARG A 57 0.55 -11.07 1.12
CA ARG A 57 1.64 -11.60 1.94
C ARG A 57 1.57 -13.12 2.02
N LEU A 58 0.35 -13.65 1.95
CA LEU A 58 0.14 -15.09 2.03
C LEU A 58 0.40 -15.75 0.68
N LEU A 59 -0.12 -15.14 -0.38
CA LEU A 59 0.06 -15.65 -1.74
C LEU A 59 1.54 -15.63 -2.13
N ASP A 60 2.32 -14.84 -1.42
CA ASP A 60 3.75 -14.74 -1.70
C ASP A 60 4.57 -15.56 -0.70
N LYS A 61 4.29 -15.35 0.59
CA LYS A 61 4.98 -16.07 1.65
C LYS A 61 4.00 -16.65 2.66
N MET A 62 3.07 -17.46 2.18
CA MET A 62 2.07 -18.07 3.04
C MET A 62 2.72 -18.74 4.25
N PRO A 63 2.04 -18.68 5.40
CA PRO A 63 2.54 -19.28 6.65
C PRO A 63 2.54 -20.81 6.61
N TRP A 64 3.06 -21.36 5.52
CA TRP A 64 3.12 -22.82 5.36
C TRP A 64 3.78 -23.47 6.56
N ASN A 65 5.11 -23.53 6.53
CA ASN A 65 5.88 -24.13 7.62
C ASN A 65 6.00 -23.17 8.80
N GLN A 66 5.47 -21.97 8.63
CA GLN A 66 5.52 -20.95 9.67
C GLN A 66 4.89 -21.47 10.97
N ARG A 67 4.01 -22.45 10.84
CA ARG A 67 3.35 -23.03 12.00
C ARG A 67 3.17 -24.54 11.82
N ALA A 68 4.18 -25.19 11.25
CA ALA A 68 4.13 -26.62 11.02
C ALA A 68 4.15 -27.38 12.34
N LYS B 1 4.09 -15.55 -20.94
CA LYS B 1 3.27 -15.83 -19.77
C LYS B 1 4.10 -16.43 -18.65
N SER B 2 4.93 -15.59 -18.02
CA SER B 2 5.79 -16.04 -16.94
C SER B 2 4.97 -16.29 -15.67
N GLN B 3 4.21 -15.30 -15.26
CA GLN B 3 3.38 -15.41 -14.06
C GLN B 3 1.90 -15.43 -14.43
N PRO B 4 1.09 -16.06 -13.57
CA PRO B 4 -0.36 -16.16 -13.78
C PRO B 4 -1.06 -14.81 -13.61
N LEU B 5 -0.35 -13.83 -13.10
CA LEU B 5 -0.90 -12.50 -12.89
C LEU B 5 -2.20 -12.57 -12.10
N PRO B 6 -2.10 -12.96 -10.83
CA PRO B 6 -3.26 -13.08 -9.94
C PRO B 6 -3.84 -11.71 -9.57
N LEU B 7 -4.78 -11.71 -8.63
CA LEU B 7 -5.42 -10.48 -8.18
C LEU B 7 -5.05 -10.15 -6.75
N MET B 8 -4.21 -10.99 -6.15
CA MET B 8 -3.76 -10.78 -4.77
C MET B 8 -2.62 -9.79 -4.71
N ARG B 9 -2.13 -9.39 -5.88
CA ARG B 9 -1.02 -8.43 -5.96
C ARG B 9 -1.46 -7.14 -6.65
N GLN B 10 -2.15 -7.28 -7.77
CA GLN B 10 -2.63 -6.13 -8.53
C GLN B 10 -3.47 -5.22 -7.65
N VAL B 11 -4.18 -5.81 -6.69
CA VAL B 11 -5.03 -5.06 -5.78
C VAL B 11 -4.20 -4.31 -4.75
N GLN B 12 -3.05 -4.88 -4.38
CA GLN B 12 -2.17 -4.27 -3.41
C GLN B 12 -1.47 -3.06 -3.99
N ILE B 13 -1.02 -3.17 -5.23
CA ILE B 13 -0.33 -2.07 -5.90
C ILE B 13 -1.32 -1.03 -6.39
N ALA B 14 -2.46 -1.49 -6.90
CA ALA B 14 -3.49 -0.59 -7.40
C ALA B 14 -4.18 0.16 -6.26
N ALA B 15 -4.72 -0.60 -5.31
CA ALA B 15 -5.41 -0.01 -4.17
C ALA B 15 -4.42 0.63 -3.21
N GLY B 16 -3.27 -0.02 -3.00
CA GLY B 16 -2.26 0.50 -2.11
C GLY B 16 -1.63 1.78 -2.64
N GLY B 17 -1.32 1.78 -3.94
CA GLY B 17 -0.71 2.95 -4.56
C GLY B 17 -1.65 4.12 -4.64
N LEU B 18 -2.85 3.88 -5.17
CA LEU B 18 -3.85 4.94 -5.31
C LEU B 18 -4.22 5.52 -3.95
N ILE B 19 -4.69 4.65 -3.05
CA ILE B 19 -5.09 5.06 -1.72
C ILE B 19 -3.98 5.87 -1.04
N LEU B 20 -2.77 5.33 -1.04
CA LEU B 20 -1.63 6.00 -0.44
C LEU B 20 -1.49 7.42 -0.97
N ILE B 21 -1.39 7.55 -2.28
CA ILE B 21 -1.26 8.85 -2.92
C ILE B 21 -2.26 9.85 -2.35
N GLY B 22 -3.53 9.45 -2.34
CA GLY B 22 -4.57 10.32 -1.81
C GLY B 22 -4.41 10.59 -0.33
N VAL B 23 -4.54 9.54 0.48
CA VAL B 23 -4.41 9.68 1.92
C VAL B 23 -3.13 10.41 2.29
N VAL B 24 -2.13 10.34 1.41
CA VAL B 24 -0.86 11.00 1.65
C VAL B 24 -1.00 12.52 1.51
N LEU B 25 -1.38 12.96 0.32
CA LEU B 25 -1.53 14.39 0.05
C LEU B 25 -2.46 15.03 1.07
N GLY B 26 -3.38 14.24 1.62
CA GLY B 26 -4.31 14.75 2.62
C GLY B 26 -3.70 14.80 4.00
N TYR B 27 -3.10 13.69 4.42
CA TYR B 27 -2.48 13.62 5.74
C TYR B 27 -1.34 14.62 5.87
N THR B 28 -0.80 15.04 4.72
CA THR B 28 0.30 16.01 4.72
C THR B 28 -0.22 17.43 4.58
N VAL B 29 -1.25 17.60 3.75
CA VAL B 29 -1.85 18.91 3.54
C VAL B 29 -2.75 19.30 4.69
N ASN B 30 -2.98 18.36 5.61
CA ASN B 30 -3.84 18.60 6.76
C ASN B 30 -3.08 18.33 8.06
N SER B 31 -2.28 17.26 8.05
CA SER B 31 -1.50 16.89 9.24
C SER B 31 -0.01 17.04 8.97
N GLY B 32 0.34 17.49 7.77
CA GLY B 32 1.72 17.67 7.42
C GLY B 32 2.17 19.11 7.55
N PHE B 33 1.23 20.04 7.48
CA PHE B 33 1.54 21.45 7.60
C PHE B 33 2.10 21.78 8.98
N PHE B 34 1.92 20.85 9.91
CA PHE B 34 2.42 21.04 11.28
C PHE B 34 3.86 20.59 11.40
N LEU B 35 4.17 19.43 10.83
CA LEU B 35 5.52 18.89 10.86
C LEU B 35 6.55 19.91 10.39
N LEU B 36 6.69 20.03 9.07
CA LEU B 36 7.63 20.98 8.50
C LEU B 36 6.91 21.94 7.55
N SER B 37 6.74 21.51 6.30
CA SER B 37 6.08 22.35 5.30
C SER B 37 4.91 21.59 4.66
N GLY B 38 5.13 20.30 4.38
CA GLY B 38 4.10 19.50 3.77
C GLY B 38 4.53 18.89 2.45
N PHE B 39 5.84 18.76 2.27
CA PHE B 39 6.39 18.18 1.05
C PHE B 39 7.29 16.99 1.36
N VAL B 40 8.04 17.09 2.44
CA VAL B 40 8.93 16.00 2.84
C VAL B 40 8.15 14.76 3.25
N GLY B 41 7.03 14.97 3.95
CA GLY B 41 6.21 13.87 4.38
C GLY B 41 5.50 13.17 3.22
N ALA B 42 4.56 13.88 2.60
CA ALA B 42 3.81 13.33 1.48
C ALA B 42 4.74 12.96 0.33
N GLY B 43 5.83 13.71 0.20
CA GLY B 43 6.79 13.45 -0.87
C GLY B 43 7.50 12.13 -0.69
N LEU B 44 8.14 11.95 0.47
CA LEU B 44 8.88 10.73 0.76
C LEU B 44 7.95 9.51 0.69
N LEU B 45 6.70 9.70 1.11
CA LEU B 45 5.72 8.62 1.10
C LEU B 45 5.39 8.21 -0.33
N PHE B 46 5.14 9.19 -1.19
CA PHE B 46 4.82 8.92 -2.59
C PHE B 46 5.95 8.18 -3.28
N ALA B 47 7.17 8.69 -3.12
CA ALA B 47 8.34 8.08 -3.73
C ALA B 47 8.49 6.63 -3.29
N GLY B 48 8.29 6.38 -2.00
CA GLY B 48 8.41 5.05 -1.47
C GLY B 48 7.41 4.09 -2.07
N ILE B 49 6.12 4.35 -1.84
CA ILE B 49 5.07 3.50 -2.37
C ILE B 49 5.15 3.39 -3.89
N SER B 50 5.78 4.39 -4.51
CA SER B 50 5.93 4.42 -5.95
C SER B 50 6.89 3.33 -6.42
N GLY B 51 8.14 3.44 -5.99
CA GLY B 51 9.15 2.45 -6.38
C GLY B 51 8.77 1.05 -5.94
N PHE B 52 8.15 0.94 -4.77
CA PHE B 52 7.75 -0.36 -4.24
C PHE B 52 6.67 -0.99 -5.12
N SER B 53 5.57 -0.26 -5.31
CA SER B 53 4.46 -0.75 -6.11
C SER B 53 4.93 -1.16 -7.50
N GLY B 54 5.80 -0.34 -8.09
CA GLY B 54 6.33 -0.63 -9.41
C GLY B 54 7.07 -1.94 -9.46
N MET B 55 8.03 -2.12 -8.57
CA MET B 55 8.82 -3.35 -8.52
C MET B 55 7.92 -4.56 -8.31
N ALA B 56 6.86 -4.38 -7.54
CA ALA B 56 5.91 -5.47 -7.25
C ALA B 56 5.06 -5.77 -8.48
N ARG B 57 4.51 -4.73 -9.09
CA ARG B 57 3.67 -4.89 -10.27
C ARG B 57 4.43 -5.59 -11.39
N LEU B 58 5.75 -5.40 -11.41
CA LEU B 58 6.59 -6.03 -12.43
C LEU B 58 6.85 -7.50 -12.11
N LEU B 59 7.22 -7.77 -10.85
CA LEU B 59 7.50 -9.13 -10.41
C LEU B 59 6.22 -9.97 -10.43
N ASP B 60 5.08 -9.30 -10.51
CA ASP B 60 3.80 -9.99 -10.54
C ASP B 60 3.24 -10.05 -11.96
N LYS B 61 3.28 -8.93 -12.65
CA LYS B 61 2.79 -8.85 -14.02
C LYS B 61 3.69 -7.97 -14.89
N MET B 62 4.97 -8.32 -14.96
CA MET B 62 5.92 -7.55 -15.75
C MET B 62 5.38 -7.31 -17.16
N PRO B 63 5.69 -6.12 -17.70
CA PRO B 63 5.26 -5.73 -19.04
C PRO B 63 5.96 -6.53 -20.14
N TRP B 64 6.00 -7.84 -19.97
CA TRP B 64 6.64 -8.71 -20.95
C TRP B 64 6.09 -8.46 -22.35
N ASN B 65 4.97 -9.09 -22.67
CA ASN B 65 4.34 -8.92 -23.97
C ASN B 65 3.55 -7.62 -24.05
N GLN B 66 3.53 -6.88 -22.94
CA GLN B 66 2.80 -5.62 -22.87
C GLN B 66 3.34 -4.64 -23.92
N ARG B 67 4.58 -4.85 -24.34
CA ARG B 67 5.20 -3.99 -25.33
C ARG B 67 6.10 -4.79 -26.27
N ALA B 68 5.62 -5.96 -26.67
CA ALA B 68 6.39 -6.83 -27.57
C ALA B 68 6.56 -6.19 -28.94
N LYS A 1 11.35 -24.10 1.12
CA LYS A 1 11.27 -22.78 0.51
C LYS A 1 11.29 -22.88 -1.01
N SER A 2 10.16 -23.28 -1.59
CA SER A 2 10.04 -23.42 -3.04
C SER A 2 9.94 -22.06 -3.71
N GLN A 3 8.99 -21.24 -3.25
CA GLN A 3 8.79 -19.91 -3.81
C GLN A 3 10.09 -19.11 -3.80
N PRO A 4 10.21 -18.16 -4.74
CA PRO A 4 11.41 -17.31 -4.85
C PRO A 4 11.54 -16.33 -3.69
N LEU A 5 10.45 -16.11 -2.97
CA LEU A 5 10.44 -15.20 -1.84
C LEU A 5 11.08 -13.87 -2.21
N PRO A 6 10.41 -13.10 -3.09
CA PRO A 6 10.89 -11.80 -3.55
C PRO A 6 10.83 -10.74 -2.44
N LEU A 7 11.39 -9.57 -2.73
CA LEU A 7 11.39 -8.48 -1.76
C LEU A 7 10.66 -7.26 -2.31
N MET A 8 10.14 -7.39 -3.52
CA MET A 8 9.41 -6.29 -4.16
C MET A 8 7.92 -6.34 -3.81
N ARG A 9 7.53 -7.42 -3.12
CA ARG A 9 6.13 -7.58 -2.72
C ARG A 9 5.98 -7.43 -1.21
N GLN A 10 6.84 -8.11 -0.46
CA GLN A 10 6.80 -8.05 1.00
C GLN A 10 6.93 -6.62 1.49
N VAL A 11 7.67 -5.80 0.73
CA VAL A 11 7.87 -4.40 1.09
C VAL A 11 6.64 -3.56 0.75
N GLN A 12 5.88 -4.00 -0.25
CA GLN A 12 4.68 -3.29 -0.66
C GLN A 12 3.56 -3.47 0.35
N ILE A 13 3.40 -4.70 0.84
CA ILE A 13 2.37 -5.00 1.81
C ILE A 13 2.76 -4.51 3.21
N ALA A 14 4.03 -4.67 3.54
CA ALA A 14 4.55 -4.24 4.84
C ALA A 14 4.60 -2.73 4.93
N ALA A 15 5.32 -2.11 4.00
CA ALA A 15 5.45 -0.66 3.98
C ALA A 15 4.14 0.01 3.58
N GLY A 16 3.44 -0.60 2.63
CA GLY A 16 2.17 -0.06 2.19
C GLY A 16 1.10 -0.10 3.26
N GLY A 17 1.05 -1.21 3.99
CA GLY A 17 0.06 -1.35 5.04
C GLY A 17 0.33 -0.43 6.21
N LEU A 18 1.57 -0.42 6.68
CA LEU A 18 1.95 0.43 7.81
C LEU A 18 1.83 1.91 7.45
N ILE A 19 2.57 2.32 6.42
CA ILE A 19 2.56 3.71 5.97
C ILE A 19 1.12 4.20 5.77
N LEU A 20 0.34 3.44 5.02
CA LEU A 20 -1.05 3.79 4.75
C LEU A 20 -1.82 4.00 6.06
N ILE A 21 -1.74 3.02 6.95
CA ILE A 21 -2.42 3.11 8.23
C ILE A 21 -2.17 4.45 8.91
N GLY A 22 -0.93 4.91 8.86
CA GLY A 22 -0.57 6.18 9.46
C GLY A 22 -1.20 7.36 8.73
N VAL A 23 -0.80 7.54 7.48
CA VAL A 23 -1.33 8.65 6.67
C VAL A 23 -2.85 8.60 6.60
N VAL A 24 -3.41 7.42 6.86
CA VAL A 24 -4.85 7.23 6.81
C VAL A 24 -5.52 7.81 8.06
N LEU A 25 -5.15 7.28 9.22
CA LEU A 25 -5.71 7.75 10.48
C LEU A 25 -5.52 9.25 10.64
N GLY A 26 -4.46 9.77 10.03
CA GLY A 26 -4.18 11.19 10.11
C GLY A 26 -5.02 12.01 9.14
N TYR A 27 -5.04 11.60 7.89
CA TYR A 27 -5.80 12.29 6.86
C TYR A 27 -7.29 12.28 7.19
N THR A 28 -7.70 11.30 7.99
CA THR A 28 -9.11 11.18 8.38
C THR A 28 -9.38 11.93 9.67
N VAL A 29 -8.43 11.88 10.60
CA VAL A 29 -8.57 12.57 11.88
C VAL A 29 -8.24 14.05 11.75
N ASN A 30 -7.74 14.45 10.57
CA ASN A 30 -7.39 15.83 10.33
C ASN A 30 -8.14 16.38 9.12
N SER A 31 -8.35 15.52 8.12
CA SER A 31 -9.05 15.92 6.91
C SER A 31 -10.32 15.09 6.72
N GLY A 32 -10.57 14.18 7.66
CA GLY A 32 -11.74 13.32 7.57
C GLY A 32 -12.88 13.81 8.44
N PHE A 33 -12.54 14.58 9.47
CA PHE A 33 -13.55 15.11 10.39
C PHE A 33 -14.54 16.00 9.65
N PHE A 34 -14.16 16.45 8.46
CA PHE A 34 -15.01 17.31 7.66
C PHE A 34 -16.11 16.50 6.98
N LEU A 35 -15.73 15.39 6.37
CA LEU A 35 -16.69 14.52 5.69
C LEU A 35 -17.84 14.14 6.61
N LEU A 36 -17.62 13.17 7.47
CA LEU A 36 -18.64 12.72 8.41
C LEU A 36 -18.15 12.83 9.85
N SER A 37 -17.45 11.80 10.31
CA SER A 37 -16.91 11.78 11.67
C SER A 37 -15.41 11.53 11.66
N GLY A 38 -14.97 10.62 10.81
CA GLY A 38 -13.56 10.29 10.72
C GLY A 38 -13.27 8.84 11.01
N PHE A 39 -14.27 7.98 10.78
CA PHE A 39 -14.12 6.55 11.02
C PHE A 39 -14.43 5.76 9.75
N VAL A 40 -15.41 6.23 8.99
CA VAL A 40 -15.82 5.56 7.75
C VAL A 40 -14.69 5.61 6.72
N GLY A 41 -14.00 6.73 6.66
CA GLY A 41 -12.90 6.89 5.71
C GLY A 41 -11.71 6.04 6.07
N ALA A 42 -11.03 6.41 7.15
CA ALA A 42 -9.85 5.68 7.61
C ALA A 42 -10.19 4.23 7.91
N GLY A 43 -11.43 4.00 8.35
CA GLY A 43 -11.86 2.65 8.67
C GLY A 43 -11.94 1.76 7.45
N LEU A 44 -12.74 2.18 6.46
CA LEU A 44 -12.91 1.42 5.23
C LEU A 44 -11.56 1.18 4.55
N LEU A 45 -10.67 2.16 4.62
CA LEU A 45 -9.35 2.06 4.02
C LEU A 45 -8.51 1.00 4.73
N PHE A 46 -8.54 1.03 6.05
CA PHE A 46 -7.78 0.08 6.86
C PHE A 46 -8.21 -1.36 6.55
N ALA A 47 -9.51 -1.60 6.59
CA ALA A 47 -10.05 -2.92 6.31
C ALA A 47 -9.64 -3.41 4.93
N GLY A 48 -9.75 -2.53 3.94
CA GLY A 48 -9.39 -2.88 2.59
C GLY A 48 -7.94 -3.31 2.47
N ILE A 49 -7.02 -2.39 2.74
CA ILE A 49 -5.60 -2.69 2.67
C ILE A 49 -5.22 -3.82 3.60
N SER A 50 -6.05 -4.04 4.63
CA SER A 50 -5.80 -5.10 5.60
C SER A 50 -5.92 -6.48 4.94
N GLY A 51 -7.12 -6.79 4.45
CA GLY A 51 -7.35 -8.07 3.81
C GLY A 51 -6.52 -8.25 2.57
N PHE A 52 -6.30 -7.16 1.84
CA PHE A 52 -5.52 -7.20 0.61
C PHE A 52 -4.05 -7.52 0.91
N SER A 53 -3.45 -6.69 1.76
CA SER A 53 -2.04 -6.88 2.13
C SER A 53 -1.81 -8.28 2.68
N GLY A 54 -2.70 -8.73 3.55
CA GLY A 54 -2.57 -10.06 4.12
C GLY A 54 -2.57 -11.15 3.08
N MET A 55 -3.52 -11.09 2.15
CA MET A 55 -3.63 -12.08 1.09
C MET A 55 -2.37 -12.08 0.22
N ALA A 56 -1.80 -10.90 0.02
CA ALA A 56 -0.60 -10.76 -0.79
C ALA A 56 0.63 -11.29 -0.05
N ARG A 57 0.76 -10.90 1.22
CA ARG A 57 1.89 -11.33 2.04
C ARG A 57 1.95 -12.85 2.13
N LEU A 58 0.77 -13.48 2.15
CA LEU A 58 0.70 -14.94 2.23
C LEU A 58 0.99 -15.57 0.88
N LEU A 59 0.36 -15.06 -0.17
CA LEU A 59 0.55 -15.57 -1.52
C LEU A 59 1.97 -15.30 -2.01
N ASP A 60 2.68 -14.42 -1.31
CA ASP A 60 4.04 -14.07 -1.67
C ASP A 60 5.05 -14.87 -0.84
N LYS A 61 4.79 -14.94 0.47
CA LYS A 61 5.68 -15.67 1.37
C LYS A 61 4.92 -16.11 2.63
N MET A 62 3.87 -16.91 2.43
CA MET A 62 3.07 -17.40 3.54
C MET A 62 3.95 -18.04 4.62
N PRO A 63 3.47 -18.03 5.86
CA PRO A 63 4.20 -18.61 6.99
C PRO A 63 4.28 -20.13 6.93
N TRP A 64 4.76 -20.64 5.81
CA TRP A 64 4.88 -22.09 5.61
C TRP A 64 5.54 -22.73 6.82
N ASN A 65 6.87 -22.70 6.86
CA ASN A 65 7.61 -23.29 7.97
C ASN A 65 7.65 -22.35 9.16
N GLN A 66 7.04 -21.18 9.02
CA GLN A 66 7.00 -20.19 10.08
C GLN A 66 5.71 -20.31 10.89
N ARG A 67 5.10 -21.49 10.85
CA ARG A 67 3.86 -21.74 11.57
C ARG A 67 4.10 -21.74 13.08
N ALA A 68 5.33 -22.07 13.48
CA ALA A 68 5.69 -22.12 14.88
C ALA A 68 5.78 -20.72 15.48
N LYS B 1 1.38 -16.22 -21.15
CA LYS B 1 0.98 -15.96 -19.77
C LYS B 1 1.36 -17.14 -18.87
N SER B 2 2.65 -17.25 -18.54
CA SER B 2 3.14 -18.32 -17.69
C SER B 2 2.73 -18.10 -16.24
N GLN B 3 3.06 -16.93 -15.72
CA GLN B 3 2.74 -16.58 -14.34
C GLN B 3 1.25 -16.79 -14.06
N PRO B 4 0.92 -17.06 -12.78
CA PRO B 4 -0.46 -17.29 -12.37
C PRO B 4 -1.31 -16.01 -12.42
N LEU B 5 -0.64 -14.87 -12.40
CA LEU B 5 -1.33 -13.58 -12.46
C LEU B 5 -2.45 -13.53 -11.42
N PRO B 6 -2.07 -13.51 -10.13
CA PRO B 6 -3.03 -13.45 -9.02
C PRO B 6 -3.73 -12.09 -8.93
N LEU B 7 -4.65 -11.97 -7.98
CA LEU B 7 -5.39 -10.73 -7.80
C LEU B 7 -5.17 -10.18 -6.39
N MET B 8 -4.36 -10.88 -5.60
CA MET B 8 -4.07 -10.46 -4.24
C MET B 8 -2.84 -9.55 -4.21
N ARG B 9 -2.20 -9.38 -5.35
CA ARG B 9 -1.02 -8.54 -5.45
C ARG B 9 -1.33 -7.26 -6.25
N GLN B 10 -1.97 -7.44 -7.40
CA GLN B 10 -2.32 -6.30 -8.26
C GLN B 10 -3.17 -5.30 -7.50
N VAL B 11 -3.99 -5.79 -6.57
CA VAL B 11 -4.86 -4.94 -5.79
C VAL B 11 -4.09 -4.23 -4.68
N GLN B 12 -3.03 -4.89 -4.20
CA GLN B 12 -2.20 -4.32 -3.15
C GLN B 12 -1.42 -3.11 -3.65
N ILE B 13 -0.83 -3.24 -4.83
CA ILE B 13 -0.05 -2.16 -5.43
C ILE B 13 -0.98 -1.10 -6.02
N ALA B 14 -2.06 -1.54 -6.64
CA ALA B 14 -3.03 -0.63 -7.25
C ALA B 14 -3.79 0.15 -6.19
N ALA B 15 -4.47 -0.58 -5.30
CA ALA B 15 -5.24 0.03 -4.23
C ALA B 15 -4.32 0.69 -3.20
N GLY B 16 -3.23 0.02 -2.89
CA GLY B 16 -2.28 0.55 -1.91
C GLY B 16 -1.61 1.83 -2.39
N GLY B 17 -1.23 1.86 -3.66
CA GLY B 17 -0.58 3.03 -4.20
C GLY B 17 -1.53 4.22 -4.33
N LEU B 18 -2.70 3.98 -4.91
CA LEU B 18 -3.69 5.03 -5.08
C LEU B 18 -4.19 5.54 -3.73
N ILE B 19 -4.77 4.64 -2.94
CA ILE B 19 -5.29 4.99 -1.63
C ILE B 19 -4.25 5.76 -0.82
N LEU B 20 -3.05 5.19 -0.71
CA LEU B 20 -1.98 5.83 0.04
C LEU B 20 -1.73 7.26 -0.46
N ILE B 21 -1.53 7.39 -1.77
CA ILE B 21 -1.30 8.70 -2.37
C ILE B 21 -2.30 9.73 -1.86
N GLY B 22 -3.56 9.33 -1.78
CA GLY B 22 -4.59 10.23 -1.31
C GLY B 22 -4.46 10.56 0.16
N VAL B 23 -4.61 9.55 1.00
CA VAL B 23 -4.50 9.74 2.45
C VAL B 23 -3.16 10.37 2.81
N VAL B 24 -2.18 10.23 1.93
CA VAL B 24 -0.86 10.79 2.16
C VAL B 24 -0.85 12.30 1.96
N LEU B 25 -1.15 12.74 0.75
CA LEU B 25 -1.18 14.16 0.42
C LEU B 25 -2.09 14.91 1.38
N GLY B 26 -3.12 14.22 1.88
CA GLY B 26 -4.05 14.84 2.81
C GLY B 26 -3.51 14.90 4.22
N TYR B 27 -3.00 13.78 4.72
CA TYR B 27 -2.44 13.72 6.06
C TYR B 27 -1.25 14.66 6.21
N THR B 28 -0.61 14.96 5.09
CA THR B 28 0.55 15.86 5.09
C THR B 28 0.12 17.31 4.90
N VAL B 29 -0.88 17.51 4.04
CA VAL B 29 -1.38 18.86 3.77
C VAL B 29 -2.35 19.32 4.85
N ASN B 30 -2.68 18.41 5.77
CA ASN B 30 -3.59 18.73 6.86
C ASN B 30 -2.94 18.45 8.22
N SER B 31 -2.11 17.41 8.27
CA SER B 31 -1.42 17.05 9.50
C SER B 31 0.09 17.09 9.31
N GLY B 32 0.52 17.46 8.11
CA GLY B 32 1.94 17.54 7.82
C GLY B 32 2.47 18.96 7.88
N PHE B 33 1.58 19.93 7.72
CA PHE B 33 1.97 21.34 7.76
C PHE B 33 2.57 21.69 9.12
N PHE B 34 2.31 20.85 10.11
CA PHE B 34 2.83 21.09 11.45
C PHE B 34 4.31 20.71 11.54
N LEU B 35 4.65 19.55 11.02
CA LEU B 35 6.04 19.07 11.03
C LEU B 35 6.98 20.12 10.45
N LEU B 36 7.04 20.17 9.13
CA LEU B 36 7.91 21.13 8.44
C LEU B 36 7.09 22.02 7.49
N SER B 37 6.87 21.52 6.27
CA SER B 37 6.11 22.26 5.28
C SER B 37 4.95 21.43 4.75
N GLY B 38 5.21 20.15 4.51
CA GLY B 38 4.18 19.26 4.01
C GLY B 38 4.55 18.63 2.69
N PHE B 39 5.86 18.53 2.43
CA PHE B 39 6.35 17.94 1.19
C PHE B 39 7.30 16.77 1.47
N VAL B 40 8.08 16.91 2.54
CA VAL B 40 9.02 15.86 2.93
C VAL B 40 8.30 14.58 3.34
N GLY B 41 7.19 14.75 4.05
CA GLY B 41 6.42 13.60 4.50
C GLY B 41 5.72 12.90 3.37
N ALA B 42 4.70 13.56 2.80
CA ALA B 42 3.94 12.99 1.70
C ALA B 42 4.85 12.67 0.51
N GLY B 43 5.91 13.46 0.35
CA GLY B 43 6.84 13.25 -0.74
C GLY B 43 7.61 11.96 -0.60
N LEU B 44 8.31 11.81 0.52
CA LEU B 44 9.10 10.61 0.77
C LEU B 44 8.23 9.36 0.71
N LEU B 45 7.00 9.48 1.18
CA LEU B 45 6.06 8.35 1.18
C LEU B 45 5.68 7.98 -0.25
N PHE B 46 5.39 8.98 -1.07
CA PHE B 46 5.00 8.76 -2.45
C PHE B 46 6.11 8.04 -3.22
N ALA B 47 7.32 8.57 -3.12
CA ALA B 47 8.47 7.98 -3.80
C ALA B 47 8.68 6.53 -3.38
N GLY B 48 8.58 6.28 -2.07
CA GLY B 48 8.75 4.93 -1.56
C GLY B 48 7.76 3.96 -2.15
N ILE B 49 6.48 4.17 -1.85
CA ILE B 49 5.43 3.30 -2.35
C ILE B 49 5.41 3.27 -3.88
N SER B 50 5.98 4.31 -4.49
CA SER B 50 6.03 4.40 -5.94
C SER B 50 6.94 3.32 -6.52
N GLY B 51 8.22 3.36 -6.15
CA GLY B 51 9.16 2.38 -6.65
C GLY B 51 8.84 0.98 -6.19
N PHE B 52 8.30 0.86 -4.98
CA PHE B 52 7.94 -0.44 -4.43
C PHE B 52 6.76 -1.05 -5.18
N SER B 53 5.68 -0.28 -5.27
CA SER B 53 4.48 -0.74 -5.97
C SER B 53 4.80 -1.16 -7.40
N GLY B 54 5.57 -0.32 -8.09
CA GLY B 54 5.94 -0.61 -9.46
C GLY B 54 6.70 -1.92 -9.59
N MET B 55 7.70 -2.11 -8.74
CA MET B 55 8.51 -3.33 -8.76
C MET B 55 7.64 -4.56 -8.50
N ALA B 56 6.64 -4.40 -7.64
CA ALA B 56 5.74 -5.50 -7.30
C ALA B 56 4.77 -5.77 -8.44
N ARG B 57 4.19 -4.71 -9.00
CA ARG B 57 3.24 -4.84 -10.10
C ARG B 57 3.88 -5.56 -11.28
N LEU B 58 5.17 -5.33 -11.48
CA LEU B 58 5.90 -5.96 -12.58
C LEU B 58 6.24 -7.41 -12.24
N LEU B 59 6.78 -7.63 -11.06
CA LEU B 59 7.15 -8.97 -10.61
C LEU B 59 5.91 -9.86 -10.46
N ASP B 60 4.74 -9.22 -10.43
CA ASP B 60 3.49 -9.96 -10.30
C ASP B 60 2.84 -10.18 -11.65
N LYS B 61 2.76 -9.13 -12.45
CA LYS B 61 2.17 -9.20 -13.78
C LYS B 61 2.76 -8.14 -14.71
N MET B 62 4.06 -8.22 -14.92
CA MET B 62 4.75 -7.26 -15.79
C MET B 62 4.06 -7.17 -17.15
N PRO B 63 4.21 -6.02 -17.82
CA PRO B 63 3.62 -5.79 -19.13
C PRO B 63 4.28 -6.61 -20.23
N TRP B 64 4.35 -7.92 -20.01
CA TRP B 64 4.97 -8.82 -20.98
C TRP B 64 4.43 -8.55 -22.39
N ASN B 65 3.28 -9.14 -22.70
CA ASN B 65 2.67 -8.96 -24.02
C ASN B 65 1.90 -7.64 -24.08
N GLN B 66 1.91 -6.91 -22.97
CA GLN B 66 1.22 -5.62 -22.92
C GLN B 66 2.18 -4.47 -23.21
N ARG B 67 3.26 -4.78 -23.92
CA ARG B 67 4.26 -3.78 -24.27
C ARG B 67 3.69 -2.79 -25.29
N ALA B 68 2.71 -3.23 -26.06
CA ALA B 68 2.10 -2.39 -27.07
C ALA B 68 1.30 -1.26 -26.43
N LYS A 1 9.63 -25.71 -0.78
CA LYS A 1 10.11 -24.54 -1.53
C LYS A 1 9.08 -24.12 -2.56
N SER A 2 7.97 -23.56 -2.10
CA SER A 2 6.91 -23.10 -2.99
C SER A 2 7.32 -21.84 -3.74
N GLN A 3 7.74 -20.83 -2.98
CA GLN A 3 8.17 -19.56 -3.57
C GLN A 3 9.51 -19.11 -2.98
N PRO A 4 10.26 -18.32 -3.76
CA PRO A 4 11.57 -17.81 -3.34
C PRO A 4 11.45 -16.77 -2.23
N LEU A 5 10.22 -16.37 -1.93
CA LEU A 5 9.97 -15.38 -0.88
C LEU A 5 10.83 -14.13 -1.11
N PRO A 6 10.54 -13.41 -2.20
CA PRO A 6 11.27 -12.18 -2.55
C PRO A 6 10.96 -11.04 -1.60
N LEU A 7 11.46 -9.85 -1.93
CA LEU A 7 11.23 -8.67 -1.10
C LEU A 7 10.52 -7.58 -1.89
N MET A 8 10.20 -7.88 -3.15
CA MET A 8 9.52 -6.92 -4.00
C MET A 8 8.03 -6.85 -3.66
N ARG A 9 7.53 -7.88 -2.99
CA ARG A 9 6.12 -7.94 -2.60
C ARG A 9 5.97 -7.71 -1.10
N GLN A 10 6.77 -8.40 -0.31
CA GLN A 10 6.72 -8.27 1.13
C GLN A 10 6.93 -6.83 1.57
N VAL A 11 7.65 -6.07 0.75
CA VAL A 11 7.92 -4.66 1.04
C VAL A 11 6.70 -3.79 0.73
N GLN A 12 5.91 -4.22 -0.25
CA GLN A 12 4.73 -3.48 -0.65
C GLN A 12 3.61 -3.64 0.39
N ILE A 13 3.44 -4.87 0.88
CA ILE A 13 2.43 -5.16 1.88
C ILE A 13 2.84 -4.65 3.26
N ALA A 14 4.12 -4.82 3.58
CA ALA A 14 4.65 -4.38 4.87
C ALA A 14 4.73 -2.86 4.94
N ALA A 15 5.44 -2.27 3.99
CA ALA A 15 5.58 -0.81 3.95
C ALA A 15 4.27 -0.14 3.55
N GLY A 16 3.56 -0.75 2.60
CA GLY A 16 2.31 -0.19 2.15
C GLY A 16 1.23 -0.24 3.21
N GLY A 17 1.16 -1.36 3.93
CA GLY A 17 0.17 -1.51 4.99
C GLY A 17 0.43 -0.58 6.16
N LEU A 18 1.67 -0.57 6.64
CA LEU A 18 2.04 0.27 7.77
C LEU A 18 1.88 1.74 7.43
N ILE A 19 2.61 2.20 6.41
CA ILE A 19 2.53 3.59 5.98
C ILE A 19 1.09 4.02 5.76
N LEU A 20 0.37 3.25 4.95
CA LEU A 20 -1.03 3.56 4.66
C LEU A 20 -1.82 3.81 5.95
N ILE A 21 -1.78 2.84 6.85
CA ILE A 21 -2.49 2.96 8.12
C ILE A 21 -2.17 4.29 8.80
N GLY A 22 -0.92 4.70 8.74
CA GLY A 22 -0.51 5.96 9.36
C GLY A 22 -1.11 7.16 8.65
N VAL A 23 -0.72 7.37 7.40
CA VAL A 23 -1.22 8.49 6.63
C VAL A 23 -2.75 8.51 6.59
N VAL A 24 -3.34 7.35 6.83
CA VAL A 24 -4.80 7.22 6.84
C VAL A 24 -5.40 7.79 8.12
N LEU A 25 -4.92 7.27 9.26
CA LEU A 25 -5.41 7.74 10.56
C LEU A 25 -5.25 9.24 10.70
N GLY A 26 -4.23 9.79 10.04
CA GLY A 26 -3.98 11.22 10.11
C GLY A 26 -4.87 12.01 9.16
N TYR A 27 -4.93 11.55 7.91
CA TYR A 27 -5.75 12.22 6.90
C TYR A 27 -7.21 12.21 7.28
N THR A 28 -7.60 11.24 8.11
CA THR A 28 -8.98 11.12 8.56
C THR A 28 -9.21 11.89 9.85
N VAL A 29 -8.22 11.86 10.75
CA VAL A 29 -8.31 12.57 12.01
C VAL A 29 -7.98 14.04 11.85
N ASN A 30 -7.55 14.42 10.65
CA ASN A 30 -7.20 15.81 10.37
C ASN A 30 -8.01 16.33 9.19
N SER A 31 -8.26 15.47 8.21
CA SER A 31 -9.02 15.86 7.03
C SER A 31 -10.28 15.00 6.89
N GLY A 32 -10.48 14.10 7.84
CA GLY A 32 -11.64 13.24 7.81
C GLY A 32 -12.78 13.75 8.68
N PHE A 33 -12.43 14.54 9.69
CA PHE A 33 -13.43 15.09 10.60
C PHE A 33 -14.39 16.01 9.85
N PHE A 34 -13.99 16.43 8.65
CA PHE A 34 -14.82 17.30 7.83
C PHE A 34 -15.97 16.52 7.19
N LEU A 35 -15.63 15.40 6.55
CA LEU A 35 -16.64 14.57 5.90
C LEU A 35 -17.77 14.24 6.86
N LEU A 36 -17.54 13.27 7.73
CA LEU A 36 -18.54 12.85 8.70
C LEU A 36 -18.02 13.00 10.13
N SER A 37 -17.32 11.98 10.60
CA SER A 37 -16.75 11.99 11.95
C SER A 37 -15.24 11.75 11.92
N GLY A 38 -14.83 10.80 11.08
CA GLY A 38 -13.42 10.48 10.96
C GLY A 38 -13.13 9.02 11.27
N PHE A 39 -14.14 8.17 11.07
CA PHE A 39 -13.98 6.74 11.33
C PHE A 39 -14.30 5.93 10.08
N VAL A 40 -15.30 6.38 9.32
CA VAL A 40 -15.71 5.71 8.10
C VAL A 40 -14.60 5.73 7.05
N GLY A 41 -13.90 6.86 6.97
CA GLY A 41 -12.83 7.00 6.02
C GLY A 41 -11.64 6.14 6.34
N ALA A 42 -10.94 6.47 7.43
CA ALA A 42 -9.77 5.71 7.86
C ALA A 42 -10.14 4.26 8.15
N GLY A 43 -11.36 4.05 8.63
CA GLY A 43 -11.82 2.71 8.94
C GLY A 43 -11.93 1.83 7.72
N LEU A 44 -12.72 2.27 6.74
CA LEU A 44 -12.91 1.50 5.51
C LEU A 44 -11.57 1.27 4.81
N LEU A 45 -10.69 2.25 4.88
CA LEU A 45 -9.38 2.16 4.25
C LEU A 45 -8.53 1.08 4.93
N PHE A 46 -8.57 1.05 6.25
CA PHE A 46 -7.81 0.08 7.02
C PHE A 46 -8.26 -1.35 6.70
N ALA A 47 -9.58 -1.57 6.74
CA ALA A 47 -10.14 -2.88 6.44
C ALA A 47 -9.74 -3.35 5.05
N GLY A 48 -9.86 -2.46 4.06
CA GLY A 48 -9.51 -2.81 2.70
C GLY A 48 -8.05 -3.21 2.57
N ILE A 49 -7.16 -2.27 2.89
CA ILE A 49 -5.72 -2.51 2.79
C ILE A 49 -5.31 -3.70 3.67
N SER A 50 -6.12 -3.98 4.68
CA SER A 50 -5.85 -5.08 5.61
C SER A 50 -6.00 -6.42 4.89
N GLY A 51 -7.21 -6.70 4.43
CA GLY A 51 -7.48 -7.95 3.74
C GLY A 51 -6.66 -8.10 2.47
N PHE A 52 -6.44 -6.98 1.78
CA PHE A 52 -5.68 -6.98 0.54
C PHE A 52 -4.23 -7.36 0.80
N SER A 53 -3.54 -6.56 1.60
CA SER A 53 -2.14 -6.80 1.93
C SER A 53 -1.95 -8.22 2.47
N GLY A 54 -2.87 -8.64 3.33
CA GLY A 54 -2.78 -9.97 3.90
C GLY A 54 -2.80 -11.06 2.84
N MET A 55 -3.75 -10.97 1.90
CA MET A 55 -3.87 -11.95 0.84
C MET A 55 -2.63 -11.93 -0.07
N ALA A 56 -2.04 -10.75 -0.21
CA ALA A 56 -0.85 -10.59 -1.05
C ALA A 56 0.38 -11.18 -0.36
N ARG A 57 0.63 -10.73 0.86
CA ARG A 57 1.78 -11.21 1.63
C ARG A 57 1.74 -12.72 1.78
N LEU A 58 0.54 -13.27 1.83
CA LEU A 58 0.36 -14.72 1.99
C LEU A 58 0.63 -15.43 0.66
N LEU A 59 0.01 -14.95 -0.41
CA LEU A 59 0.19 -15.55 -1.73
C LEU A 59 1.62 -15.37 -2.22
N ASP A 60 2.37 -14.48 -1.56
CA ASP A 60 3.75 -14.22 -1.93
C ASP A 60 4.70 -15.07 -1.08
N LYS A 61 4.44 -15.13 0.22
CA LYS A 61 5.26 -15.90 1.14
C LYS A 61 4.55 -16.11 2.46
N MET A 62 3.39 -16.75 2.42
CA MET A 62 2.61 -17.02 3.63
C MET A 62 3.46 -17.74 4.67
N PRO A 63 3.11 -17.57 5.95
CA PRO A 63 3.83 -18.19 7.07
C PRO A 63 3.61 -19.70 7.12
N TRP A 64 3.82 -20.36 6.00
CA TRP A 64 3.64 -21.80 5.92
C TRP A 64 4.39 -22.51 7.05
N ASN A 65 5.67 -22.79 6.81
CA ASN A 65 6.50 -23.46 7.81
C ASN A 65 7.04 -22.46 8.84
N GLN A 66 6.69 -21.19 8.65
CA GLN A 66 7.14 -20.13 9.55
C GLN A 66 6.10 -19.85 10.63
N ARG A 67 5.23 -20.85 10.87
CA ARG A 67 4.19 -20.70 11.88
C ARG A 67 4.77 -20.80 13.28
N ALA A 68 5.91 -21.47 13.40
CA ALA A 68 6.57 -21.63 14.70
C ALA A 68 7.26 -20.34 15.12
N LYS B 1 4.10 -17.53 -20.71
CA LYS B 1 3.32 -17.76 -19.49
C LYS B 1 4.22 -17.83 -18.27
N SER B 2 4.78 -16.69 -17.88
CA SER B 2 5.67 -16.63 -16.73
C SER B 2 4.89 -16.75 -15.43
N GLN B 3 3.88 -15.89 -15.27
CA GLN B 3 3.05 -15.90 -14.08
C GLN B 3 1.57 -15.89 -14.45
N PRO B 4 0.74 -16.43 -13.54
CA PRO B 4 -0.72 -16.50 -13.74
C PRO B 4 -1.38 -15.12 -13.67
N LEU B 5 -0.62 -14.13 -13.21
CA LEU B 5 -1.13 -12.77 -13.08
C LEU B 5 -2.38 -12.73 -12.23
N PRO B 6 -2.23 -13.07 -10.94
CA PRO B 6 -3.35 -13.08 -9.99
C PRO B 6 -3.85 -11.67 -9.67
N LEU B 7 -4.75 -11.57 -8.69
CA LEU B 7 -5.31 -10.29 -8.29
C LEU B 7 -5.00 -10.00 -6.83
N MET B 8 -4.28 -10.91 -6.19
CA MET B 8 -3.93 -10.75 -4.78
C MET B 8 -2.78 -9.76 -4.62
N ARG B 9 -2.06 -9.52 -5.71
CA ARG B 9 -0.93 -8.59 -5.70
C ARG B 9 -1.26 -7.32 -6.47
N GLN B 10 -1.83 -7.47 -7.65
CA GLN B 10 -2.20 -6.33 -8.48
C GLN B 10 -3.08 -5.35 -7.71
N VAL B 11 -3.90 -5.90 -6.81
CA VAL B 11 -4.80 -5.08 -6.00
C VAL B 11 -4.03 -4.36 -4.88
N GLN B 12 -2.97 -4.99 -4.40
CA GLN B 12 -2.15 -4.42 -3.34
C GLN B 12 -1.40 -3.19 -3.83
N ILE B 13 -0.81 -3.30 -5.01
CA ILE B 13 -0.06 -2.19 -5.60
C ILE B 13 -1.01 -1.13 -6.18
N ALA B 14 -2.08 -1.59 -6.80
CA ALA B 14 -3.06 -0.69 -7.40
C ALA B 14 -3.85 0.06 -6.32
N ALA B 15 -4.49 -0.70 -5.44
CA ALA B 15 -5.27 -0.11 -4.36
C ALA B 15 -4.38 0.53 -3.31
N GLY B 16 -3.26 -0.13 -3.01
CA GLY B 16 -2.33 0.39 -2.02
C GLY B 16 -1.66 1.66 -2.48
N GLY B 17 -1.25 1.69 -3.74
CA GLY B 17 -0.58 2.86 -4.28
C GLY B 17 -1.52 4.05 -4.42
N LEU B 18 -2.69 3.82 -5.00
CA LEU B 18 -3.66 4.89 -5.18
C LEU B 18 -4.14 5.43 -3.84
N ILE B 19 -4.73 4.57 -3.03
CA ILE B 19 -5.22 4.96 -1.72
C ILE B 19 -4.14 5.69 -0.92
N LEU B 20 -2.98 5.05 -0.81
CA LEU B 20 -1.85 5.64 -0.08
C LEU B 20 -1.60 7.07 -0.53
N ILE B 21 -1.39 7.25 -1.82
CA ILE B 21 -1.14 8.58 -2.38
C ILE B 21 -2.19 9.58 -1.90
N GLY B 22 -3.45 9.15 -1.87
CA GLY B 22 -4.52 10.02 -1.42
C GLY B 22 -4.42 10.38 0.04
N VAL B 23 -4.56 9.37 0.90
CA VAL B 23 -4.49 9.58 2.34
C VAL B 23 -3.19 10.29 2.73
N VAL B 24 -2.18 10.17 1.86
CA VAL B 24 -0.89 10.80 2.11
C VAL B 24 -0.95 12.30 1.86
N LEU B 25 -1.35 12.68 0.65
CA LEU B 25 -1.46 14.08 0.29
C LEU B 25 -2.35 14.84 1.26
N GLY B 26 -3.34 14.14 1.81
CA GLY B 26 -4.25 14.76 2.76
C GLY B 26 -3.66 14.85 4.16
N TYR B 27 -3.09 13.74 4.63
CA TYR B 27 -2.50 13.69 5.95
C TYR B 27 -1.34 14.67 6.07
N THR B 28 -0.72 14.98 4.93
CA THR B 28 0.40 15.90 4.90
C THR B 28 -0.07 17.33 4.70
N VAL B 29 -1.10 17.51 3.88
CA VAL B 29 -1.64 18.83 3.61
C VAL B 29 -2.59 19.29 4.73
N ASN B 30 -2.86 18.37 5.66
CA ASN B 30 -3.75 18.67 6.78
C ASN B 30 -3.04 18.44 8.10
N SER B 31 -2.19 17.42 8.15
CA SER B 31 -1.45 17.08 9.35
C SER B 31 0.04 17.16 9.12
N GLY B 32 0.43 17.52 7.90
CA GLY B 32 1.84 17.63 7.57
C GLY B 32 2.35 19.05 7.67
N PHE B 33 1.45 20.01 7.52
CA PHE B 33 1.82 21.43 7.59
C PHE B 33 2.38 21.77 8.97
N PHE B 34 2.13 20.90 9.94
CA PHE B 34 2.62 21.11 11.30
C PHE B 34 4.10 20.81 11.41
N LEU B 35 4.50 19.64 10.89
CA LEU B 35 5.89 19.23 10.94
C LEU B 35 6.80 20.32 10.36
N LEU B 36 6.86 20.38 9.03
CA LEU B 36 7.68 21.37 8.35
C LEU B 36 6.83 22.25 7.42
N SER B 37 6.61 21.77 6.21
CA SER B 37 5.81 22.49 5.23
C SER B 37 4.66 21.64 4.71
N GLY B 38 4.95 20.37 4.46
CA GLY B 38 3.93 19.47 3.96
C GLY B 38 4.31 18.85 2.63
N PHE B 39 5.60 18.77 2.36
CA PHE B 39 6.10 18.19 1.11
C PHE B 39 7.05 17.04 1.38
N VAL B 40 7.85 17.17 2.43
CA VAL B 40 8.80 16.14 2.80
C VAL B 40 8.10 14.85 3.22
N GLY B 41 6.99 15.00 3.94
CA GLY B 41 6.24 13.86 4.40
C GLY B 41 5.56 13.12 3.26
N ALA B 42 4.55 13.75 2.67
CA ALA B 42 3.80 13.16 1.57
C ALA B 42 4.73 12.86 0.39
N GLY B 43 5.77 13.67 0.23
CA GLY B 43 6.71 13.47 -0.85
C GLY B 43 7.50 12.18 -0.71
N LEU B 44 8.20 12.05 0.42
CA LEU B 44 9.01 10.86 0.67
C LEU B 44 8.15 9.60 0.63
N LEU B 45 6.91 9.71 1.10
CA LEU B 45 5.99 8.58 1.12
C LEU B 45 5.62 8.17 -0.30
N PHE B 46 5.36 9.16 -1.15
CA PHE B 46 4.99 8.90 -2.54
C PHE B 46 6.13 8.18 -3.28
N ALA B 47 7.33 8.72 -3.15
CA ALA B 47 8.49 8.14 -3.80
C ALA B 47 8.70 6.69 -3.38
N GLY B 48 8.62 6.45 -2.07
CA GLY B 48 8.80 5.10 -1.55
C GLY B 48 7.77 4.13 -2.10
N ILE B 49 6.50 4.40 -1.82
CA ILE B 49 5.42 3.54 -2.28
C ILE B 49 5.42 3.44 -3.81
N SER B 50 6.01 4.43 -4.47
CA SER B 50 6.08 4.45 -5.92
C SER B 50 7.00 3.35 -6.44
N GLY B 51 8.27 3.43 -6.05
CA GLY B 51 9.25 2.44 -6.49
C GLY B 51 8.90 1.04 -6.00
N PHE B 52 8.34 0.96 -4.79
CA PHE B 52 7.97 -0.32 -4.20
C PHE B 52 6.83 -0.96 -4.99
N SER B 53 5.73 -0.23 -5.13
CA SER B 53 4.57 -0.74 -5.85
C SER B 53 4.95 -1.16 -7.26
N GLY B 54 5.77 -0.34 -7.92
CA GLY B 54 6.20 -0.65 -9.28
C GLY B 54 6.96 -1.95 -9.36
N MET B 55 7.90 -2.14 -8.45
CA MET B 55 8.72 -3.36 -8.43
C MET B 55 7.86 -4.58 -8.13
N ALA B 56 6.84 -4.38 -7.30
CA ALA B 56 5.94 -5.47 -6.93
C ALA B 56 5.01 -5.82 -8.09
N ARG B 57 4.31 -4.81 -8.61
CA ARG B 57 3.38 -5.02 -9.72
C ARG B 57 4.09 -5.64 -10.91
N LEU B 58 5.37 -5.33 -11.06
CA LEU B 58 6.17 -5.86 -12.17
C LEU B 58 6.54 -7.32 -11.93
N LEU B 59 7.08 -7.59 -10.73
CA LEU B 59 7.48 -8.95 -10.37
C LEU B 59 6.27 -9.87 -10.29
N ASP B 60 5.09 -9.27 -10.22
CA ASP B 60 3.85 -10.04 -10.14
C ASP B 60 3.26 -10.28 -11.53
N LYS B 61 3.23 -9.23 -12.34
CA LYS B 61 2.70 -9.31 -13.69
C LYS B 61 3.10 -8.10 -14.53
N MET B 62 4.41 -7.91 -14.68
CA MET B 62 4.93 -6.77 -15.45
C MET B 62 4.32 -6.76 -16.84
N PRO B 63 4.24 -5.55 -17.43
CA PRO B 63 3.68 -5.36 -18.78
C PRO B 63 4.58 -5.95 -19.87
N TRP B 64 4.96 -7.20 -19.69
CA TRP B 64 5.82 -7.88 -20.66
C TRP B 64 5.26 -7.74 -22.07
N ASN B 65 4.35 -8.64 -22.44
CA ASN B 65 3.74 -8.62 -23.76
C ASN B 65 2.58 -7.64 -23.81
N GLN B 66 2.30 -7.00 -22.68
CA GLN B 66 1.21 -6.04 -22.58
C GLN B 66 1.72 -4.62 -22.81
N ARG B 67 2.86 -4.51 -23.49
CA ARG B 67 3.45 -3.21 -23.79
C ARG B 67 2.67 -2.49 -24.88
N ALA B 68 1.98 -3.27 -25.71
CA ALA B 68 1.20 -2.70 -26.80
C ALA B 68 -0.04 -1.98 -26.27
N LYS A 1 8.83 -23.91 1.73
CA LYS A 1 9.46 -22.78 1.05
C LYS A 1 9.34 -22.94 -0.47
N SER A 2 8.12 -22.86 -0.97
CA SER A 2 7.87 -22.99 -2.42
C SER A 2 8.35 -21.76 -3.17
N GLN A 3 7.86 -20.59 -2.74
CA GLN A 3 8.23 -19.34 -3.36
C GLN A 3 9.56 -18.82 -2.81
N PRO A 4 10.27 -18.02 -3.62
CA PRO A 4 11.56 -17.45 -3.24
C PRO A 4 11.42 -16.38 -2.16
N LEU A 5 10.18 -15.95 -1.91
CA LEU A 5 9.92 -14.94 -0.89
C LEU A 5 10.80 -13.71 -1.11
N PRO A 6 10.56 -13.00 -2.22
CA PRO A 6 11.32 -11.79 -2.56
C PRO A 6 11.01 -10.63 -1.62
N LEU A 7 11.50 -9.44 -1.97
CA LEU A 7 11.28 -8.25 -1.17
C LEU A 7 10.48 -7.21 -1.93
N MET A 8 10.08 -7.56 -3.15
CA MET A 8 9.31 -6.66 -4.00
C MET A 8 7.83 -6.67 -3.60
N ARG A 9 7.46 -7.63 -2.75
CA ARG A 9 6.09 -7.75 -2.30
C ARG A 9 6.00 -7.52 -0.79
N GLN A 10 6.86 -8.19 -0.04
CA GLN A 10 6.87 -8.06 1.42
C GLN A 10 7.01 -6.60 1.83
N VAL A 11 7.68 -5.81 1.00
CA VAL A 11 7.87 -4.39 1.28
C VAL A 11 6.61 -3.59 0.96
N GLN A 12 5.87 -4.04 -0.06
CA GLN A 12 4.64 -3.37 -0.46
C GLN A 12 3.55 -3.56 0.59
N ILE A 13 3.43 -4.77 1.11
CA ILE A 13 2.42 -5.08 2.13
C ILE A 13 2.83 -4.54 3.49
N ALA A 14 4.12 -4.65 3.80
CA ALA A 14 4.64 -4.16 5.07
C ALA A 14 4.67 -2.63 5.10
N ALA A 15 5.35 -2.04 4.14
CA ALA A 15 5.45 -0.59 4.05
C ALA A 15 4.12 0.03 3.66
N GLY A 16 3.41 -0.62 2.74
CA GLY A 16 2.13 -0.11 2.29
C GLY A 16 1.08 -0.12 3.40
N GLY A 17 1.05 -1.22 4.17
CA GLY A 17 0.09 -1.33 5.25
C GLY A 17 0.38 -0.37 6.39
N LEU A 18 1.64 -0.32 6.81
CA LEU A 18 2.04 0.56 7.91
C LEU A 18 1.91 2.02 7.51
N ILE A 19 2.61 2.41 6.45
CA ILE A 19 2.56 3.78 5.95
C ILE A 19 1.12 4.26 5.77
N LEU A 20 0.34 3.47 5.03
CA LEU A 20 -1.05 3.81 4.79
C LEU A 20 -1.80 4.04 6.10
N ILE A 21 -1.71 3.07 7.00
CA ILE A 21 -2.37 3.17 8.29
C ILE A 21 -2.12 4.53 8.94
N GLY A 22 -0.87 4.99 8.87
CA GLY A 22 -0.52 6.27 9.44
C GLY A 22 -1.16 7.43 8.72
N VAL A 23 -0.78 7.62 7.46
CA VAL A 23 -1.32 8.70 6.65
C VAL A 23 -2.84 8.65 6.59
N VAL A 24 -3.39 7.46 6.86
CA VAL A 24 -4.83 7.26 6.84
C VAL A 24 -5.49 7.85 8.09
N LEU A 25 -5.12 7.33 9.25
CA LEU A 25 -5.67 7.80 10.51
C LEU A 25 -5.47 9.31 10.66
N GLY A 26 -4.42 9.82 10.03
CA GLY A 26 -4.13 11.25 10.11
C GLY A 26 -4.98 12.06 9.15
N TYR A 27 -5.03 11.62 7.89
CA TYR A 27 -5.80 12.30 6.87
C TYR A 27 -7.29 12.31 7.22
N THR A 28 -7.70 11.35 8.04
CA THR A 28 -9.10 11.23 8.46
C THR A 28 -9.35 11.99 9.75
N VAL A 29 -8.37 11.95 10.66
CA VAL A 29 -8.49 12.63 11.94
C VAL A 29 -8.17 14.12 11.80
N ASN A 30 -7.71 14.51 10.62
CA ASN A 30 -7.36 15.90 10.35
C ASN A 30 -8.15 16.44 9.15
N SER A 31 -8.37 15.58 8.17
CA SER A 31 -9.10 15.96 6.96
C SER A 31 -10.35 15.11 6.79
N GLY A 32 -10.57 14.19 7.73
CA GLY A 32 -11.73 13.33 7.67
C GLY A 32 -12.90 13.86 8.48
N PHE A 33 -12.59 14.65 9.50
CA PHE A 33 -13.63 15.23 10.35
C PHE A 33 -14.59 16.10 9.54
N PHE A 34 -14.15 16.50 8.35
CA PHE A 34 -14.97 17.34 7.47
C PHE A 34 -16.08 16.52 6.84
N LEU A 35 -15.72 15.40 6.22
CA LEU A 35 -16.69 14.53 5.56
C LEU A 35 -17.83 14.18 6.52
N LEU A 36 -17.58 13.21 7.39
CA LEU A 36 -18.57 12.77 8.37
C LEU A 36 -18.06 12.92 9.79
N SER A 37 -17.34 11.92 10.26
CA SER A 37 -16.79 11.93 11.61
C SER A 37 -15.28 11.69 11.58
N GLY A 38 -14.86 10.74 10.76
CA GLY A 38 -13.45 10.44 10.65
C GLY A 38 -13.15 8.98 10.98
N PHE A 39 -14.15 8.12 10.82
CA PHE A 39 -13.99 6.71 11.10
C PHE A 39 -14.33 5.86 9.87
N VAL A 40 -15.32 6.30 9.10
CA VAL A 40 -15.74 5.58 7.90
C VAL A 40 -14.63 5.58 6.86
N GLY A 41 -13.93 6.70 6.75
CA GLY A 41 -12.84 6.79 5.78
C GLY A 41 -11.64 5.94 6.16
N ALA A 42 -10.97 6.31 7.25
CA ALA A 42 -9.81 5.56 7.71
C ALA A 42 -10.17 4.11 8.00
N GLY A 43 -11.41 3.88 8.42
CA GLY A 43 -11.85 2.54 8.73
C GLY A 43 -11.92 1.66 7.50
N LEU A 44 -12.71 2.09 6.52
CA LEU A 44 -12.87 1.33 5.29
C LEU A 44 -11.51 1.07 4.62
N LEU A 45 -10.62 2.05 4.70
CA LEU A 45 -9.29 1.94 4.12
C LEU A 45 -8.48 0.87 4.84
N PHE A 46 -8.54 0.87 6.16
CA PHE A 46 -7.81 -0.11 6.97
C PHE A 46 -8.24 -1.53 6.62
N ALA A 47 -9.55 -1.77 6.66
CA ALA A 47 -10.09 -3.09 6.36
C ALA A 47 -9.65 -3.55 4.97
N GLY A 48 -9.74 -2.64 4.01
CA GLY A 48 -9.36 -2.97 2.64
C GLY A 48 -7.92 -3.42 2.54
N ILE A 49 -7.00 -2.49 2.83
CA ILE A 49 -5.58 -2.79 2.76
C ILE A 49 -5.21 -3.95 3.69
N SER A 50 -6.05 -4.19 4.69
CA SER A 50 -5.82 -5.25 5.65
C SER A 50 -5.94 -6.61 4.98
N GLY A 51 -7.13 -6.92 4.48
CA GLY A 51 -7.37 -8.18 3.83
C GLY A 51 -6.54 -8.35 2.57
N PHE A 52 -6.32 -7.24 1.86
CA PHE A 52 -5.52 -7.27 0.63
C PHE A 52 -4.06 -7.59 0.93
N SER A 53 -3.46 -6.78 1.80
CA SER A 53 -2.06 -6.97 2.17
C SER A 53 -1.81 -8.38 2.69
N GLY A 54 -2.72 -8.84 3.56
CA GLY A 54 -2.58 -10.17 4.12
C GLY A 54 -2.59 -11.25 3.07
N MET A 55 -3.57 -11.19 2.16
CA MET A 55 -3.68 -12.17 1.09
C MET A 55 -2.46 -12.13 0.17
N ALA A 56 -1.90 -10.93 0.01
CA ALA A 56 -0.72 -10.75 -0.84
C ALA A 56 0.53 -11.31 -0.17
N ARG A 57 0.80 -10.87 1.05
CA ARG A 57 1.96 -11.33 1.79
C ARG A 57 1.93 -12.85 1.97
N LEU A 58 0.73 -13.41 2.00
CA LEU A 58 0.56 -14.85 2.17
C LEU A 58 0.85 -15.59 0.87
N LEU A 59 0.28 -15.10 -0.23
CA LEU A 59 0.47 -15.71 -1.54
C LEU A 59 1.91 -15.52 -2.01
N ASP A 60 2.63 -14.60 -1.37
CA ASP A 60 4.01 -14.34 -1.72
C ASP A 60 4.96 -15.06 -0.77
N LYS A 61 4.69 -14.96 0.53
CA LYS A 61 5.52 -15.60 1.54
C LYS A 61 4.66 -16.15 2.67
N MET A 62 3.72 -17.03 2.34
CA MET A 62 2.84 -17.63 3.33
C MET A 62 3.64 -18.20 4.49
N PRO A 63 3.10 -18.08 5.72
CA PRO A 63 3.75 -18.58 6.93
C PRO A 63 3.76 -20.11 6.98
N TRP A 64 4.17 -20.73 5.88
CA TRP A 64 4.23 -22.19 5.82
C TRP A 64 4.95 -22.77 7.03
N ASN A 65 6.28 -22.71 7.01
CA ASN A 65 7.07 -23.23 8.12
C ASN A 65 6.97 -22.33 9.34
N GLN A 66 6.33 -21.17 9.16
CA GLN A 66 6.15 -20.23 10.25
C GLN A 66 4.79 -20.40 10.92
N ARG A 67 4.23 -21.60 10.79
CA ARG A 67 2.92 -21.89 11.37
C ARG A 67 3.02 -21.95 12.90
N ALA A 68 4.20 -22.28 13.39
CA ALA A 68 4.42 -22.38 14.83
C ALA A 68 4.42 -20.99 15.48
N LYS B 1 3.19 -14.42 -20.84
CA LYS B 1 2.28 -14.69 -19.72
C LYS B 1 2.79 -15.83 -18.86
N SER B 2 3.91 -15.59 -18.17
CA SER B 2 4.50 -16.61 -17.31
C SER B 2 3.69 -16.77 -16.03
N GLN B 3 3.45 -15.66 -15.34
CA GLN B 3 2.68 -15.68 -14.10
C GLN B 3 1.18 -15.64 -14.38
N PRO B 4 0.39 -16.18 -13.45
CA PRO B 4 -1.08 -16.21 -13.58
C PRO B 4 -1.70 -14.82 -13.44
N LEU B 5 -0.90 -13.86 -12.98
CA LEU B 5 -1.36 -12.50 -12.81
C LEU B 5 -2.65 -12.47 -11.99
N PRO B 6 -2.53 -12.84 -10.70
CA PRO B 6 -3.67 -12.86 -9.78
C PRO B 6 -4.16 -11.46 -9.43
N LEU B 7 -5.05 -11.37 -8.44
CA LEU B 7 -5.59 -10.09 -8.02
C LEU B 7 -5.15 -9.76 -6.59
N MET B 8 -4.34 -10.63 -6.00
CA MET B 8 -3.85 -10.43 -4.65
C MET B 8 -2.60 -9.53 -4.66
N ARG B 9 -2.11 -9.21 -5.85
CA ARG B 9 -0.95 -8.37 -5.99
C ARG B 9 -1.28 -7.07 -6.70
N GLN B 10 -2.03 -7.18 -7.80
CA GLN B 10 -2.42 -6.01 -8.57
C GLN B 10 -3.28 -5.06 -7.73
N VAL B 11 -4.06 -5.63 -6.82
CA VAL B 11 -4.93 -4.84 -5.95
C VAL B 11 -4.13 -4.16 -4.86
N GLN B 12 -3.06 -4.82 -4.41
CA GLN B 12 -2.21 -4.27 -3.37
C GLN B 12 -1.44 -3.05 -3.86
N ILE B 13 -0.90 -3.15 -5.07
CA ILE B 13 -0.14 -2.06 -5.66
C ILE B 13 -1.07 -0.97 -6.19
N ALA B 14 -2.18 -1.39 -6.79
CA ALA B 14 -3.15 -0.46 -7.33
C ALA B 14 -3.89 0.28 -6.22
N ALA B 15 -4.52 -0.48 -5.33
CA ALA B 15 -5.26 0.10 -4.22
C ALA B 15 -4.32 0.74 -3.20
N GLY B 16 -3.19 0.08 -2.96
CA GLY B 16 -2.22 0.60 -2.01
C GLY B 16 -1.60 1.90 -2.46
N GLY B 17 -1.26 1.98 -3.74
CA GLY B 17 -0.64 3.17 -4.29
C GLY B 17 -1.63 4.33 -4.36
N LEU B 18 -2.81 4.07 -4.90
CA LEU B 18 -3.84 5.10 -5.03
C LEU B 18 -4.31 5.58 -3.67
N ILE B 19 -4.83 4.65 -2.88
CA ILE B 19 -5.32 4.99 -1.54
C ILE B 19 -4.27 5.77 -0.75
N LEU B 20 -3.07 5.20 -0.67
CA LEU B 20 -1.98 5.86 0.06
C LEU B 20 -1.77 7.28 -0.44
N ILE B 21 -1.58 7.43 -1.74
CA ILE B 21 -1.37 8.75 -2.33
C ILE B 21 -2.39 9.76 -1.81
N GLY B 22 -3.65 9.34 -1.73
CA GLY B 22 -4.69 10.21 -1.24
C GLY B 22 -4.53 10.54 0.23
N VAL B 23 -4.66 9.54 1.09
CA VAL B 23 -4.53 9.74 2.52
C VAL B 23 -3.18 10.38 2.87
N VAL B 24 -2.22 10.25 1.95
CA VAL B 24 -0.90 10.82 2.15
C VAL B 24 -0.91 12.33 1.97
N LEU B 25 -1.22 12.76 0.75
CA LEU B 25 -1.27 14.18 0.43
C LEU B 25 -2.19 14.92 1.39
N GLY B 26 -3.20 14.22 1.90
CA GLY B 26 -4.13 14.83 2.82
C GLY B 26 -3.59 14.91 4.24
N TYR B 27 -3.02 13.81 4.71
CA TYR B 27 -2.47 13.74 6.06
C TYR B 27 -1.29 14.71 6.20
N THR B 28 -0.66 15.03 5.08
CA THR B 28 0.48 15.94 5.08
C THR B 28 0.02 17.39 4.87
N VAL B 29 -0.98 17.57 4.03
CA VAL B 29 -1.51 18.90 3.75
C VAL B 29 -2.46 19.36 4.85
N ASN B 30 -2.76 18.45 5.78
CA ASN B 30 -3.66 18.78 6.88
C ASN B 30 -2.97 18.52 8.22
N SER B 31 -2.14 17.48 8.27
CA SER B 31 -1.42 17.12 9.50
C SER B 31 0.08 17.17 9.27
N GLY B 32 0.49 17.54 8.06
CA GLY B 32 1.90 17.62 7.74
C GLY B 32 2.45 19.02 7.88
N PHE B 33 1.57 20.01 7.76
CA PHE B 33 1.97 21.41 7.87
C PHE B 33 2.57 21.69 9.26
N PHE B 34 2.29 20.80 10.21
CA PHE B 34 2.81 20.95 11.56
C PHE B 34 4.28 20.62 11.63
N LEU B 35 4.64 19.44 11.12
CA LEU B 35 6.04 19.00 11.12
C LEU B 35 6.95 20.06 10.52
N LEU B 36 6.99 20.12 9.20
CA LEU B 36 7.82 21.10 8.50
C LEU B 36 6.98 21.98 7.59
N SER B 37 6.73 21.50 6.36
CA SER B 37 5.94 22.24 5.39
C SER B 37 4.79 21.39 4.87
N GLY B 38 5.07 20.12 4.61
CA GLY B 38 4.04 19.22 4.10
C GLY B 38 4.41 18.63 2.76
N PHE B 39 5.70 18.56 2.47
CA PHE B 39 6.18 18.01 1.21
C PHE B 39 7.14 16.85 1.45
N VAL B 40 7.95 16.97 2.49
CA VAL B 40 8.92 15.94 2.84
C VAL B 40 8.22 14.64 3.23
N GLY B 41 7.12 14.77 3.96
CA GLY B 41 6.38 13.59 4.39
C GLY B 41 5.68 12.89 3.23
N ALA B 42 4.69 13.56 2.66
CA ALA B 42 3.94 12.98 1.53
C ALA B 42 4.87 12.68 0.37
N GLY B 43 5.93 13.46 0.23
CA GLY B 43 6.87 13.25 -0.85
C GLY B 43 7.64 11.95 -0.71
N LEU B 44 8.33 11.80 0.42
CA LEU B 44 9.11 10.60 0.68
C LEU B 44 8.23 9.34 0.59
N LEU B 45 7.00 9.46 1.04
CA LEU B 45 6.05 8.35 1.02
C LEU B 45 5.70 7.97 -0.42
N PHE B 46 5.46 8.99 -1.24
CA PHE B 46 5.10 8.78 -2.64
C PHE B 46 6.21 8.04 -3.37
N ALA B 47 7.43 8.56 -3.27
CA ALA B 47 8.58 7.95 -3.92
C ALA B 47 8.76 6.50 -3.48
N GLY B 48 8.63 6.27 -2.19
CA GLY B 48 8.78 4.92 -1.66
C GLY B 48 7.78 3.95 -2.26
N ILE B 49 6.50 4.17 -1.98
CA ILE B 49 5.44 3.31 -2.49
C ILE B 49 5.45 3.27 -4.01
N SER B 50 6.05 4.29 -4.62
CA SER B 50 6.13 4.37 -6.08
C SER B 50 7.04 3.27 -6.63
N GLY B 51 8.31 3.32 -6.24
CA GLY B 51 9.26 2.32 -6.71
C GLY B 51 8.92 0.93 -6.25
N PHE B 52 8.37 0.83 -5.04
CA PHE B 52 7.99 -0.47 -4.48
C PHE B 52 6.82 -1.08 -5.25
N SER B 53 5.75 -0.30 -5.38
CA SER B 53 4.56 -0.77 -6.09
C SER B 53 4.90 -1.17 -7.52
N GLY B 54 5.73 -0.37 -8.18
CA GLY B 54 6.12 -0.67 -9.54
C GLY B 54 6.86 -1.98 -9.65
N MET B 55 7.83 -2.20 -8.79
CA MET B 55 8.62 -3.43 -8.79
C MET B 55 7.74 -4.63 -8.47
N ALA B 56 6.74 -4.41 -7.63
CA ALA B 56 5.83 -5.48 -7.24
C ALA B 56 4.87 -5.82 -8.37
N ARG B 57 4.17 -4.81 -8.88
CA ARG B 57 3.23 -5.01 -9.97
C ARG B 57 3.91 -5.64 -11.19
N LEU B 58 5.20 -5.36 -11.34
CA LEU B 58 5.97 -5.90 -12.46
C LEU B 58 6.32 -7.37 -12.22
N LEU B 59 6.83 -7.65 -11.02
CA LEU B 59 7.21 -9.02 -10.66
C LEU B 59 5.98 -9.92 -10.59
N ASP B 60 4.80 -9.32 -10.54
CA ASP B 60 3.56 -10.06 -10.47
C ASP B 60 2.90 -10.16 -11.85
N LYS B 61 2.79 -9.01 -12.51
CA LYS B 61 2.18 -8.96 -13.83
C LYS B 61 2.95 -8.00 -14.74
N MET B 62 4.23 -8.27 -14.92
CA MET B 62 5.07 -7.44 -15.77
C MET B 62 4.42 -7.21 -17.13
N PRO B 63 4.59 -5.99 -17.68
CA PRO B 63 4.03 -5.62 -18.97
C PRO B 63 4.70 -6.34 -20.13
N TRP B 64 4.84 -7.66 -20.00
CA TRP B 64 5.46 -8.47 -21.04
C TRP B 64 4.86 -8.18 -22.40
N ASN B 65 3.69 -8.76 -22.67
CA ASN B 65 3.00 -8.56 -23.94
C ASN B 65 2.40 -7.16 -24.01
N GLN B 66 2.45 -6.44 -22.90
CA GLN B 66 1.92 -5.08 -22.85
C GLN B 66 3.02 -4.05 -23.07
N ARG B 67 4.09 -4.47 -23.75
CA ARG B 67 5.21 -3.58 -24.04
C ARG B 67 4.81 -2.52 -25.07
N ALA B 68 3.83 -2.85 -25.90
CA ALA B 68 3.35 -1.93 -26.92
C ALA B 68 2.62 -0.75 -26.30
N LYS A 1 8.26 -24.10 1.85
CA LYS A 1 8.86 -22.97 1.12
C LYS A 1 8.65 -23.14 -0.38
N SER A 2 7.43 -22.88 -0.84
CA SER A 2 7.10 -22.99 -2.25
C SER A 2 7.65 -21.80 -3.03
N GLN A 3 7.31 -20.59 -2.57
CA GLN A 3 7.76 -19.37 -3.23
C GLN A 3 9.10 -18.91 -2.67
N PRO A 4 9.86 -18.17 -3.48
CA PRO A 4 11.17 -17.66 -3.08
C PRO A 4 11.06 -16.55 -2.03
N LEU A 5 9.85 -16.06 -1.82
CA LEU A 5 9.61 -15.01 -0.85
C LEU A 5 10.55 -13.84 -1.07
N PRO A 6 10.34 -13.11 -2.19
CA PRO A 6 11.17 -11.95 -2.54
C PRO A 6 10.93 -10.77 -1.61
N LEU A 7 11.49 -9.61 -1.97
CA LEU A 7 11.33 -8.40 -1.17
C LEU A 7 10.51 -7.36 -1.92
N MET A 8 10.05 -7.71 -3.11
CA MET A 8 9.25 -6.81 -3.92
C MET A 8 7.79 -6.86 -3.51
N ARG A 9 7.44 -7.87 -2.71
CA ARG A 9 6.06 -8.04 -2.25
C ARG A 9 5.96 -7.77 -0.75
N GLN A 10 6.87 -8.37 0.02
CA GLN A 10 6.88 -8.20 1.46
C GLN A 10 7.01 -6.73 1.84
N VAL A 11 7.70 -5.97 1.00
CA VAL A 11 7.90 -4.55 1.24
C VAL A 11 6.64 -3.75 0.91
N GLN A 12 5.86 -4.25 -0.04
CA GLN A 12 4.63 -3.59 -0.44
C GLN A 12 3.55 -3.74 0.62
N ILE A 13 3.42 -4.95 1.15
CA ILE A 13 2.43 -5.22 2.18
C ILE A 13 2.86 -4.66 3.53
N ALA A 14 4.16 -4.76 3.82
CA ALA A 14 4.70 -4.27 5.08
C ALA A 14 4.72 -2.74 5.10
N ALA A 15 5.37 -2.14 4.11
CA ALA A 15 5.46 -0.69 4.03
C ALA A 15 4.11 -0.08 3.65
N GLY A 16 3.40 -0.75 2.74
CA GLY A 16 2.10 -0.26 2.31
C GLY A 16 1.06 -0.33 3.40
N GLY A 17 1.08 -1.42 4.17
CA GLY A 17 0.12 -1.58 5.25
C GLY A 17 0.38 -0.63 6.40
N LEU A 18 1.63 -0.56 6.84
CA LEU A 18 2.00 0.32 7.94
C LEU A 18 1.80 1.79 7.56
N ILE A 19 2.42 2.20 6.46
CA ILE A 19 2.31 3.58 5.99
C ILE A 19 0.85 3.98 5.84
N LEU A 20 0.09 3.19 5.08
CA LEU A 20 -1.32 3.48 4.85
C LEU A 20 -2.06 3.65 6.18
N ILE A 21 -1.85 2.71 7.09
CA ILE A 21 -2.49 2.75 8.40
C ILE A 21 -2.31 4.11 9.06
N GLY A 22 -1.05 4.50 9.26
CA GLY A 22 -0.76 5.78 9.88
C GLY A 22 -1.30 6.95 9.08
N VAL A 23 -0.85 7.07 7.83
CA VAL A 23 -1.29 8.15 6.95
C VAL A 23 -2.80 8.23 6.91
N VAL A 24 -3.47 7.09 7.14
CA VAL A 24 -4.92 7.04 7.12
C VAL A 24 -5.51 7.69 8.38
N LEU A 25 -5.11 7.19 9.54
CA LEU A 25 -5.60 7.73 10.81
C LEU A 25 -5.35 9.23 10.89
N GLY A 26 -4.33 9.70 10.18
CA GLY A 26 -4.00 11.11 10.19
C GLY A 26 -4.84 11.90 9.20
N TYR A 27 -4.92 11.41 7.97
CA TYR A 27 -5.69 12.08 6.93
C TYR A 27 -7.17 12.12 7.28
N THR A 28 -7.58 11.23 8.18
CA THR A 28 -8.98 11.17 8.60
C THR A 28 -9.20 11.98 9.88
N VAL A 29 -8.23 11.92 10.79
CA VAL A 29 -8.33 12.65 12.04
C VAL A 29 -8.02 14.14 11.84
N ASN A 30 -7.55 14.48 10.64
CA ASN A 30 -7.23 15.87 10.32
C ASN A 30 -8.00 16.33 9.10
N SER A 31 -8.13 15.46 8.11
CA SER A 31 -8.83 15.78 6.87
C SER A 31 -10.12 14.96 6.76
N GLY A 32 -10.38 14.13 7.76
CA GLY A 32 -11.56 13.30 7.75
C GLY A 32 -12.68 13.88 8.59
N PHE A 33 -12.32 14.71 9.56
CA PHE A 33 -13.31 15.32 10.44
C PHE A 33 -14.27 16.20 9.64
N PHE A 34 -13.87 16.55 8.42
CA PHE A 34 -14.70 17.39 7.56
C PHE A 34 -15.81 16.57 6.92
N LEU A 35 -15.47 15.39 6.43
CA LEU A 35 -16.43 14.51 5.78
C LEU A 35 -17.60 14.20 6.72
N LEU A 36 -17.39 13.26 7.63
CA LEU A 36 -18.41 12.87 8.59
C LEU A 36 -17.92 13.05 10.02
N SER A 37 -17.24 12.03 10.54
CA SER A 37 -16.71 12.07 11.89
C SER A 37 -15.21 11.79 11.91
N GLY A 38 -14.80 10.81 11.11
CA GLY A 38 -13.40 10.46 11.04
C GLY A 38 -13.15 9.00 11.40
N PHE A 39 -14.17 8.17 11.24
CA PHE A 39 -14.06 6.75 11.55
C PHE A 39 -14.41 5.90 10.33
N VAL A 40 -15.42 6.34 9.58
CA VAL A 40 -15.86 5.61 8.39
C VAL A 40 -14.77 5.60 7.32
N GLY A 41 -14.10 6.75 7.17
CA GLY A 41 -13.04 6.84 6.18
C GLY A 41 -11.83 6.01 6.53
N ALA A 42 -11.17 6.36 7.63
CA ALA A 42 -9.99 5.63 8.07
C ALA A 42 -10.32 4.17 8.34
N GLY A 43 -11.55 3.91 8.78
CA GLY A 43 -11.97 2.55 9.07
C GLY A 43 -12.01 1.68 7.82
N LEU A 44 -12.78 2.12 6.83
CA LEU A 44 -12.92 1.37 5.58
C LEU A 44 -11.56 1.18 4.91
N LEU A 45 -10.70 2.19 5.03
CA LEU A 45 -9.37 2.13 4.45
C LEU A 45 -8.52 1.06 5.11
N PHE A 46 -8.56 1.01 6.44
CA PHE A 46 -7.80 0.04 7.20
C PHE A 46 -8.21 -1.39 6.83
N ALA A 47 -9.52 -1.64 6.88
CA ALA A 47 -10.05 -2.96 6.55
C ALA A 47 -9.63 -3.38 5.14
N GLY A 48 -9.69 -2.44 4.21
CA GLY A 48 -9.32 -2.73 2.83
C GLY A 48 -7.87 -3.18 2.71
N ILE A 49 -6.95 -2.30 3.08
CA ILE A 49 -5.53 -2.60 3.01
C ILE A 49 -5.19 -3.82 3.86
N SER A 50 -6.04 -4.11 4.84
CA SER A 50 -5.82 -5.25 5.72
C SER A 50 -6.00 -6.57 4.97
N GLY A 51 -7.21 -6.78 4.47
CA GLY A 51 -7.50 -8.01 3.73
C GLY A 51 -6.66 -8.14 2.49
N PHE A 52 -6.38 -7.02 1.83
CA PHE A 52 -5.58 -7.02 0.61
C PHE A 52 -4.14 -7.40 0.90
N SER A 53 -3.49 -6.63 1.79
CA SER A 53 -2.11 -6.89 2.15
C SER A 53 -1.93 -8.32 2.63
N GLY A 54 -2.86 -8.79 3.45
CA GLY A 54 -2.79 -10.15 3.96
C GLY A 54 -2.81 -11.18 2.86
N MET A 55 -3.76 -11.05 1.94
CA MET A 55 -3.88 -11.99 0.83
C MET A 55 -2.63 -11.96 -0.05
N ALA A 56 -2.01 -10.79 -0.14
CA ALA A 56 -0.80 -10.63 -0.95
C ALA A 56 0.41 -11.26 -0.26
N ARG A 57 0.65 -10.86 0.98
CA ARG A 57 1.78 -11.38 1.74
C ARG A 57 1.68 -12.90 1.88
N LEU A 58 0.45 -13.42 1.82
CA LEU A 58 0.22 -14.86 1.94
C LEU A 58 0.52 -15.57 0.62
N LEU A 59 -0.04 -15.04 -0.47
CA LEU A 59 0.16 -15.62 -1.78
C LEU A 59 1.61 -15.45 -2.24
N ASP A 60 2.35 -14.59 -1.55
CA ASP A 60 3.75 -14.34 -1.87
C ASP A 60 4.66 -15.08 -0.90
N LYS A 61 4.34 -15.01 0.38
CA LYS A 61 5.14 -15.67 1.41
C LYS A 61 4.25 -16.20 2.53
N MET A 62 3.30 -17.05 2.17
CA MET A 62 2.39 -17.64 3.15
C MET A 62 3.15 -18.22 4.33
N PRO A 63 2.56 -18.09 5.53
CA PRO A 63 3.17 -18.59 6.76
C PRO A 63 3.19 -20.12 6.83
N TRP A 64 3.63 -20.75 5.74
CA TRP A 64 3.69 -22.21 5.67
C TRP A 64 4.41 -22.78 6.88
N ASN A 65 5.74 -22.79 6.82
CA ASN A 65 6.55 -23.32 7.91
C ASN A 65 6.69 -22.28 9.03
N GLN A 66 6.11 -21.11 8.82
CA GLN A 66 6.17 -20.04 9.81
C GLN A 66 5.66 -20.52 11.16
N ARG A 67 4.79 -21.52 11.14
CA ARG A 67 4.22 -22.07 12.36
C ARG A 67 3.28 -23.22 12.05
N ALA A 68 2.47 -23.06 11.00
CA ALA A 68 1.52 -24.09 10.60
C ALA A 68 0.50 -24.35 11.71
N LYS B 1 3.77 -14.15 -20.89
CA LYS B 1 2.89 -14.46 -19.77
C LYS B 1 3.49 -15.56 -18.89
N SER B 2 4.50 -15.19 -18.11
CA SER B 2 5.16 -16.15 -17.22
C SER B 2 4.33 -16.40 -15.97
N GLN B 3 3.95 -15.31 -15.30
CA GLN B 3 3.15 -15.41 -14.08
C GLN B 3 1.67 -15.39 -14.40
N PRO B 4 0.86 -15.99 -13.52
CA PRO B 4 -0.59 -16.07 -13.69
C PRO B 4 -1.26 -14.71 -13.51
N LEU B 5 -0.51 -13.75 -13.00
CA LEU B 5 -1.03 -12.40 -12.78
C LEU B 5 -2.33 -12.45 -11.99
N PRO B 6 -2.25 -12.84 -10.72
CA PRO B 6 -3.42 -12.93 -9.83
C PRO B 6 -3.97 -11.55 -9.47
N LEU B 7 -4.91 -11.54 -8.52
CA LEU B 7 -5.53 -10.29 -8.09
C LEU B 7 -5.12 -9.95 -6.66
N MET B 8 -4.28 -10.79 -6.08
CA MET B 8 -3.80 -10.58 -4.71
C MET B 8 -2.61 -9.64 -4.69
N ARG B 9 -2.09 -9.32 -5.87
CA ARG B 9 -0.94 -8.43 -5.98
C ARG B 9 -1.32 -7.15 -6.72
N GLN B 10 -2.00 -7.30 -7.85
CA GLN B 10 -2.43 -6.15 -8.65
C GLN B 10 -3.27 -5.18 -7.82
N VAL B 11 -4.04 -5.73 -6.89
CA VAL B 11 -4.88 -4.92 -6.02
C VAL B 11 -4.07 -4.22 -4.94
N GLN B 12 -2.96 -4.85 -4.55
CA GLN B 12 -2.09 -4.29 -3.52
C GLN B 12 -1.37 -3.05 -4.04
N ILE B 13 -0.83 -3.15 -5.25
CA ILE B 13 -0.12 -2.03 -5.86
C ILE B 13 -1.09 -0.98 -6.39
N ALA B 14 -2.21 -1.44 -6.94
CA ALA B 14 -3.22 -0.54 -7.48
C ALA B 14 -3.94 0.20 -6.36
N ALA B 15 -4.53 -0.54 -5.43
CA ALA B 15 -5.25 0.05 -4.31
C ALA B 15 -4.29 0.70 -3.32
N GLY B 16 -3.16 0.04 -3.09
CA GLY B 16 -2.17 0.56 -2.16
C GLY B 16 -1.52 1.83 -2.67
N GLY B 17 -1.21 1.86 -3.96
CA GLY B 17 -0.58 3.04 -4.55
C GLY B 17 -1.52 4.22 -4.64
N LEU B 18 -2.72 3.98 -5.16
CA LEU B 18 -3.71 5.04 -5.29
C LEU B 18 -4.14 5.57 -3.93
N ILE B 19 -4.59 4.67 -3.06
CA ILE B 19 -5.02 5.06 -1.72
C ILE B 19 -3.93 5.83 -0.99
N LEU B 20 -2.75 5.23 -0.89
CA LEU B 20 -1.62 5.86 -0.21
C LEU B 20 -1.38 7.27 -0.76
N ILE B 21 -1.32 7.37 -2.08
CA ILE B 21 -1.10 8.66 -2.73
C ILE B 21 -2.05 9.72 -2.20
N GLY B 22 -3.35 9.48 -2.34
CA GLY B 22 -4.34 10.42 -1.86
C GLY B 22 -4.24 10.65 -0.37
N VAL B 23 -4.37 9.58 0.41
CA VAL B 23 -4.29 9.68 1.87
C VAL B 23 -3.01 10.39 2.30
N VAL B 24 -1.99 10.32 1.45
CA VAL B 24 -0.71 10.95 1.75
C VAL B 24 -0.80 12.46 1.61
N LEU B 25 -1.18 12.92 0.43
CA LEU B 25 -1.31 14.36 0.17
C LEU B 25 -2.26 15.00 1.17
N GLY B 26 -3.22 14.23 1.66
CA GLY B 26 -4.17 14.76 2.62
C GLY B 26 -3.63 14.75 4.04
N TYR B 27 -3.00 13.64 4.42
CA TYR B 27 -2.44 13.51 5.77
C TYR B 27 -1.30 14.50 5.97
N THR B 28 -0.69 14.94 4.86
CA THR B 28 0.42 15.89 4.92
C THR B 28 -0.08 17.33 4.80
N VAL B 29 -1.09 17.52 3.95
CA VAL B 29 -1.67 18.85 3.74
C VAL B 29 -2.63 19.21 4.85
N ASN B 30 -2.92 18.25 5.72
CA ASN B 30 -3.84 18.47 6.84
C ASN B 30 -3.16 18.16 8.16
N SER B 31 -2.30 17.15 8.16
CA SER B 31 -1.58 16.75 9.37
C SER B 31 -0.07 16.88 9.18
N GLY B 32 0.33 17.34 8.00
CA GLY B 32 1.74 17.51 7.72
C GLY B 32 2.20 18.95 7.85
N PHE B 33 1.26 19.88 7.74
CA PHE B 33 1.57 21.31 7.85
C PHE B 33 2.18 21.62 9.22
N PHE B 34 1.97 20.72 10.17
CA PHE B 34 2.50 20.90 11.52
C PHE B 34 3.98 20.55 11.58
N LEU B 35 4.35 19.46 10.93
CA LEU B 35 5.74 19.01 10.92
C LEU B 35 6.66 20.10 10.37
N LEU B 36 6.72 20.21 9.04
CA LEU B 36 7.55 21.23 8.40
C LEU B 36 6.72 22.13 7.51
N SER B 37 6.51 21.69 6.27
CA SER B 37 5.73 22.46 5.30
C SER B 37 4.60 21.63 4.72
N GLY B 38 4.91 20.37 4.41
CA GLY B 38 3.91 19.48 3.85
C GLY B 38 4.30 18.93 2.50
N PHE B 39 5.60 18.89 2.24
CA PHE B 39 6.12 18.38 0.98
C PHE B 39 7.11 17.24 1.20
N VAL B 40 7.92 17.38 2.25
CA VAL B 40 8.91 16.36 2.57
C VAL B 40 8.25 15.06 2.98
N GLY B 41 7.17 15.16 3.76
CA GLY B 41 6.46 13.98 4.21
C GLY B 41 5.75 13.27 3.06
N ALA B 42 4.76 13.94 2.47
CA ALA B 42 4.01 13.36 1.36
C ALA B 42 4.92 13.00 0.21
N GLY B 43 5.99 13.78 0.04
CA GLY B 43 6.93 13.53 -1.04
C GLY B 43 7.66 12.22 -0.88
N LEU B 44 8.33 12.05 0.26
CA LEU B 44 9.08 10.82 0.53
C LEU B 44 8.17 9.61 0.49
N LEU B 45 6.93 9.78 0.94
CA LEU B 45 5.96 8.70 0.96
C LEU B 45 5.60 8.27 -0.47
N PHE B 46 5.33 9.25 -1.33
CA PHE B 46 4.98 8.98 -2.72
C PHE B 46 6.09 8.22 -3.42
N ALA B 47 7.31 8.75 -3.33
CA ALA B 47 8.47 8.12 -3.96
C ALA B 47 8.64 6.68 -3.48
N GLY B 48 8.45 6.46 -2.18
CA GLY B 48 8.59 5.13 -1.63
C GLY B 48 7.59 4.15 -2.22
N ILE B 49 6.31 4.43 -2.03
CA ILE B 49 5.26 3.56 -2.55
C ILE B 49 5.35 3.45 -4.07
N SER B 50 5.98 4.42 -4.70
CA SER B 50 6.14 4.43 -6.15
C SER B 50 7.09 3.33 -6.60
N GLY B 51 8.34 3.41 -6.15
CA GLY B 51 9.33 2.41 -6.52
C GLY B 51 8.96 1.02 -6.03
N PHE B 52 8.35 0.96 -4.86
CA PHE B 52 7.95 -0.32 -4.27
C PHE B 52 6.83 -0.96 -5.09
N SER B 53 5.73 -0.23 -5.25
CA SER B 53 4.58 -0.72 -5.99
C SER B 53 4.99 -1.16 -7.40
N GLY B 54 5.83 -0.35 -8.04
CA GLY B 54 6.29 -0.67 -9.38
C GLY B 54 7.03 -1.98 -9.43
N MET B 55 7.99 -2.16 -8.53
CA MET B 55 8.78 -3.38 -8.48
C MET B 55 7.91 -4.59 -8.19
N ALA B 56 6.85 -4.37 -7.42
CA ALA B 56 5.92 -5.45 -7.08
C ALA B 56 5.03 -5.81 -8.26
N ARG B 57 4.32 -4.81 -8.79
CA ARG B 57 3.44 -5.02 -9.93
C ARG B 57 4.19 -5.63 -11.11
N LEU B 58 5.49 -5.37 -11.17
CA LEU B 58 6.33 -5.89 -12.24
C LEU B 58 6.71 -7.35 -11.98
N LEU B 59 7.18 -7.64 -10.77
CA LEU B 59 7.57 -8.98 -10.40
C LEU B 59 6.35 -9.92 -10.36
N ASP B 60 5.16 -9.31 -10.36
CA ASP B 60 3.92 -10.09 -10.33
C ASP B 60 3.28 -10.14 -11.71
N LYS B 61 3.22 -8.98 -12.37
CA LYS B 61 2.63 -8.90 -13.71
C LYS B 61 3.41 -7.93 -14.59
N MET B 62 4.70 -8.20 -14.77
CA MET B 62 5.56 -7.34 -15.58
C MET B 62 4.92 -7.09 -16.93
N PRO B 63 5.11 -5.87 -17.46
CA PRO B 63 4.56 -5.47 -18.76
C PRO B 63 5.25 -6.18 -19.93
N TRP B 64 5.38 -7.50 -19.80
CA TRP B 64 6.00 -8.30 -20.85
C TRP B 64 5.38 -8.02 -22.21
N ASN B 65 4.27 -8.68 -22.49
CA ASN B 65 3.58 -8.50 -23.76
C ASN B 65 2.71 -7.24 -23.74
N GLN B 66 2.71 -6.55 -22.60
CA GLN B 66 1.93 -5.34 -22.44
C GLN B 66 2.28 -4.33 -23.53
N ARG B 67 3.50 -4.43 -24.06
CA ARG B 67 3.95 -3.52 -25.11
C ARG B 67 5.37 -3.87 -25.53
N ALA B 68 6.22 -4.20 -24.57
CA ALA B 68 7.60 -4.54 -24.85
C ALA B 68 8.34 -3.39 -25.52
N LYS A 1 9.29 -24.99 -0.20
CA LYS A 1 10.10 -23.93 -0.80
C LYS A 1 9.77 -23.77 -2.28
N SER A 2 8.61 -23.19 -2.56
CA SER A 2 8.17 -22.97 -3.93
C SER A 2 8.88 -21.76 -4.54
N GLN A 3 8.80 -20.63 -3.84
CA GLN A 3 9.43 -19.40 -4.32
C GLN A 3 10.51 -18.93 -3.34
N PRO A 4 11.44 -18.11 -3.85
CA PRO A 4 12.53 -17.57 -3.04
C PRO A 4 12.05 -16.55 -2.00
N LEU A 5 10.81 -16.13 -2.15
CA LEU A 5 10.21 -15.16 -1.23
C LEU A 5 11.01 -13.85 -1.23
N PRO A 6 10.93 -13.13 -2.36
CA PRO A 6 11.63 -11.86 -2.52
C PRO A 6 11.05 -10.75 -1.65
N LEU A 7 11.49 -9.52 -1.87
CA LEU A 7 11.00 -8.37 -1.11
C LEU A 7 10.20 -7.42 -2.00
N MET A 8 10.07 -7.78 -3.28
CA MET A 8 9.32 -6.97 -4.22
C MET A 8 7.86 -6.85 -3.81
N ARG A 9 7.44 -7.73 -2.92
CA ARG A 9 6.05 -7.71 -2.44
C ARG A 9 6.01 -7.51 -0.93
N GLN A 10 6.95 -8.12 -0.22
CA GLN A 10 7.01 -8.00 1.23
C GLN A 10 7.14 -6.55 1.65
N VAL A 11 7.81 -5.75 0.83
CA VAL A 11 8.01 -4.34 1.13
C VAL A 11 6.75 -3.54 0.82
N GLN A 12 5.96 -4.02 -0.14
CA GLN A 12 4.73 -3.36 -0.53
C GLN A 12 3.65 -3.54 0.52
N ILE A 13 3.54 -4.76 1.06
CA ILE A 13 2.55 -5.06 2.08
C ILE A 13 2.97 -4.50 3.43
N ALA A 14 4.26 -4.60 3.73
CA ALA A 14 4.79 -4.10 4.99
C ALA A 14 4.80 -2.57 5.03
N ALA A 15 5.45 -1.97 4.04
CA ALA A 15 5.53 -0.51 3.96
C ALA A 15 4.18 0.08 3.57
N GLY A 16 3.47 -0.58 2.67
CA GLY A 16 2.17 -0.10 2.24
C GLY A 16 1.14 -0.13 3.34
N GLY A 17 1.14 -1.22 4.12
CA GLY A 17 0.19 -1.35 5.20
C GLY A 17 0.46 -0.38 6.34
N LEU A 18 1.72 -0.33 6.78
CA LEU A 18 2.12 0.55 7.86
C LEU A 18 1.93 2.01 7.47
N ILE A 19 2.59 2.42 6.39
CA ILE A 19 2.50 3.79 5.90
C ILE A 19 1.04 4.22 5.75
N LEU A 20 0.28 3.43 4.99
CA LEU A 20 -1.13 3.73 4.76
C LEU A 20 -1.85 3.98 6.08
N ILE A 21 -1.76 3.02 6.99
CA ILE A 21 -2.41 3.14 8.29
C ILE A 21 -2.11 4.50 8.93
N GLY A 22 -0.87 4.95 8.81
CA GLY A 22 -0.48 6.23 9.38
C GLY A 22 -1.13 7.40 8.66
N VAL A 23 -0.75 7.60 7.40
CA VAL A 23 -1.30 8.69 6.61
C VAL A 23 -2.82 8.64 6.59
N VAL A 24 -3.38 7.47 6.86
CA VAL A 24 -4.83 7.29 6.88
C VAL A 24 -5.44 7.88 8.14
N LEU A 25 -5.05 7.34 9.29
CA LEU A 25 -5.56 7.82 10.57
C LEU A 25 -5.36 9.32 10.71
N GLY A 26 -4.33 9.84 10.05
CA GLY A 26 -4.05 11.27 10.11
C GLY A 26 -4.92 12.06 9.17
N TYR A 27 -4.99 11.63 7.91
CA TYR A 27 -5.78 12.32 6.91
C TYR A 27 -7.26 12.33 7.30
N THR A 28 -7.65 11.37 8.13
CA THR A 28 -9.03 11.27 8.58
C THR A 28 -9.25 12.04 9.88
N VAL A 29 -8.27 11.97 10.78
CA VAL A 29 -8.35 12.66 12.06
C VAL A 29 -8.04 14.14 11.90
N ASN A 30 -7.61 14.53 10.70
CA ASN A 30 -7.28 15.92 10.42
C ASN A 30 -8.10 16.44 9.26
N SER A 31 -8.23 15.64 8.21
CA SER A 31 -8.99 16.02 7.03
C SER A 31 -10.28 15.22 6.93
N GLY A 32 -10.50 14.33 7.89
CA GLY A 32 -11.70 13.52 7.90
C GLY A 32 -12.74 14.00 8.87
N PHE A 33 -12.30 14.78 9.87
CA PHE A 33 -13.21 15.30 10.88
C PHE A 33 -14.35 16.09 10.23
N PHE A 34 -14.12 16.56 9.01
CA PHE A 34 -15.13 17.32 8.28
C PHE A 34 -16.15 16.41 7.64
N LEU A 35 -15.69 15.23 7.20
CA LEU A 35 -16.58 14.25 6.56
C LEU A 35 -17.67 13.80 7.52
N LEU A 36 -18.34 12.72 7.17
CA LEU A 36 -19.42 12.17 8.00
C LEU A 36 -19.04 12.25 9.48
N SER A 37 -18.27 11.27 9.94
CA SER A 37 -17.85 11.22 11.34
C SER A 37 -16.32 11.16 11.44
N GLY A 38 -15.71 10.40 10.53
CA GLY A 38 -14.27 10.27 10.54
C GLY A 38 -13.81 8.85 10.83
N PHE A 39 -14.70 7.89 10.59
CA PHE A 39 -14.39 6.49 10.84
C PHE A 39 -14.57 5.66 9.57
N VAL A 40 -15.54 6.04 8.75
CA VAL A 40 -15.82 5.35 7.51
C VAL A 40 -14.66 5.48 6.52
N GLY A 41 -14.02 6.65 6.53
CA GLY A 41 -12.89 6.88 5.64
C GLY A 41 -11.67 6.09 6.04
N ALA A 42 -11.04 6.48 7.14
CA ALA A 42 -9.85 5.79 7.63
C ALA A 42 -10.14 4.33 7.94
N GLY A 43 -11.36 4.05 8.36
CA GLY A 43 -11.75 2.69 8.69
C GLY A 43 -11.81 1.80 7.46
N LEU A 44 -12.63 2.20 6.49
CA LEU A 44 -12.79 1.43 5.26
C LEU A 44 -11.44 1.21 4.58
N LEU A 45 -10.58 2.23 4.64
CA LEU A 45 -9.26 2.15 4.04
C LEU A 45 -8.39 1.13 4.76
N PHE A 46 -8.42 1.17 6.09
CA PHE A 46 -7.63 0.25 6.90
C PHE A 46 -8.01 -1.21 6.58
N ALA A 47 -9.29 -1.52 6.69
CA ALA A 47 -9.77 -2.87 6.42
C ALA A 47 -9.41 -3.31 5.00
N GLY A 48 -9.51 -2.38 4.06
CA GLY A 48 -9.19 -2.70 2.67
C GLY A 48 -7.75 -3.13 2.50
N ILE A 49 -6.82 -2.21 2.73
CA ILE A 49 -5.40 -2.50 2.59
C ILE A 49 -4.99 -3.64 3.52
N SER A 50 -5.78 -3.86 4.56
CA SER A 50 -5.50 -4.92 5.53
C SER A 50 -5.66 -6.29 4.89
N GLY A 51 -6.89 -6.60 4.47
CA GLY A 51 -7.16 -7.88 3.84
C GLY A 51 -6.37 -8.08 2.56
N PHE A 52 -6.18 -7.00 1.81
CA PHE A 52 -5.44 -7.07 0.56
C PHE A 52 -3.98 -7.43 0.79
N SER A 53 -3.31 -6.62 1.61
CA SER A 53 -1.90 -6.84 1.92
C SER A 53 -1.69 -8.24 2.48
N GLY A 54 -2.55 -8.63 3.42
CA GLY A 54 -2.44 -9.94 4.04
C GLY A 54 -2.47 -11.05 3.01
N MET A 55 -3.43 -11.01 2.10
CA MET A 55 -3.58 -12.02 1.06
C MET A 55 -2.35 -12.04 0.16
N ALA A 56 -1.76 -10.86 -0.06
CA ALA A 56 -0.59 -10.74 -0.90
C ALA A 56 0.64 -11.31 -0.22
N ARG A 57 0.86 -10.91 1.03
CA ARG A 57 2.01 -11.37 1.80
C ARG A 57 1.99 -12.89 1.94
N LEU A 58 0.78 -13.45 2.00
CA LEU A 58 0.61 -14.90 2.15
C LEU A 58 0.89 -15.60 0.82
N LEU A 59 0.30 -15.08 -0.25
CA LEU A 59 0.48 -15.66 -1.58
C LEU A 59 1.89 -15.38 -2.11
N ASP A 60 2.60 -14.49 -1.44
CA ASP A 60 3.97 -14.14 -1.84
C ASP A 60 4.99 -14.95 -1.06
N LYS A 61 4.77 -15.09 0.24
CA LYS A 61 5.66 -15.85 1.10
C LYS A 61 4.93 -16.42 2.31
N MET A 62 3.89 -17.20 2.05
CA MET A 62 3.09 -17.80 3.11
C MET A 62 4.00 -18.48 4.13
N PRO A 63 3.62 -18.38 5.42
CA PRO A 63 4.37 -18.98 6.52
C PRO A 63 4.30 -20.50 6.51
N TRP A 64 4.54 -21.09 5.35
CA TRP A 64 4.50 -22.55 5.21
C TRP A 64 5.43 -23.23 6.21
N ASN A 65 6.70 -23.33 5.84
CA ASN A 65 7.70 -23.95 6.72
C ASN A 65 8.16 -22.97 7.80
N GLN A 66 7.64 -21.75 7.74
CA GLN A 66 8.00 -20.73 8.72
C GLN A 66 7.70 -21.20 10.14
N ARG A 67 6.77 -22.15 10.26
CA ARG A 67 6.38 -22.67 11.56
C ARG A 67 5.31 -23.75 11.41
N ALA A 68 4.37 -23.52 10.49
CA ALA A 68 3.30 -24.47 10.25
C ALA A 68 2.52 -24.76 11.53
N LYS B 1 3.85 -16.60 -20.51
CA LYS B 1 2.80 -16.89 -19.54
C LYS B 1 3.34 -17.76 -18.40
N SER B 2 4.12 -17.13 -17.52
CA SER B 2 4.71 -17.84 -16.39
C SER B 2 3.69 -18.02 -15.27
N GLN B 3 3.06 -16.92 -14.87
CA GLN B 3 2.06 -16.95 -13.82
C GLN B 3 0.70 -16.52 -14.34
N PRO B 4 -0.36 -16.92 -13.63
CA PRO B 4 -1.75 -16.59 -14.01
C PRO B 4 -2.06 -15.10 -13.81
N LEU B 5 -1.20 -14.42 -13.05
CA LEU B 5 -1.39 -12.99 -12.79
C LEU B 5 -2.68 -12.75 -12.01
N PRO B 6 -2.71 -13.20 -10.75
CA PRO B 6 -3.87 -13.03 -9.88
C PRO B 6 -4.09 -11.58 -9.47
N LEU B 7 -5.01 -11.36 -8.53
CA LEU B 7 -5.32 -10.02 -8.05
C LEU B 7 -4.82 -9.83 -6.62
N MET B 8 -4.21 -10.88 -6.06
CA MET B 8 -3.70 -10.83 -4.70
C MET B 8 -2.59 -9.78 -4.58
N ARG B 9 -2.06 -9.35 -5.72
CA ARG B 9 -0.99 -8.36 -5.74
C ARG B 9 -1.42 -7.11 -6.50
N GLN B 10 -2.13 -7.31 -7.61
CA GLN B 10 -2.60 -6.21 -8.43
C GLN B 10 -3.44 -5.23 -7.60
N VAL B 11 -4.15 -5.76 -6.63
CA VAL B 11 -4.99 -4.94 -5.76
C VAL B 11 -4.17 -4.23 -4.70
N GLN B 12 -3.06 -4.85 -4.31
CA GLN B 12 -2.17 -4.28 -3.31
C GLN B 12 -1.44 -3.05 -3.85
N ILE B 13 -1.01 -3.14 -5.10
CA ILE B 13 -0.30 -2.04 -5.74
C ILE B 13 -1.27 -0.98 -6.25
N ALA B 14 -2.40 -1.44 -6.78
CA ALA B 14 -3.42 -0.52 -7.30
C ALA B 14 -4.12 0.21 -6.17
N ALA B 15 -4.67 -0.54 -5.23
CA ALA B 15 -5.38 0.05 -4.10
C ALA B 15 -4.40 0.68 -3.11
N GLY B 16 -3.26 0.02 -2.90
CA GLY B 16 -2.26 0.55 -1.99
C GLY B 16 -1.65 1.85 -2.48
N GLY B 17 -1.33 1.90 -3.77
CA GLY B 17 -0.73 3.09 -4.33
C GLY B 17 -1.71 4.26 -4.40
N LEU B 18 -2.90 3.99 -4.93
CA LEU B 18 -3.92 5.03 -5.05
C LEU B 18 -4.34 5.54 -3.67
N ILE B 19 -4.84 4.63 -2.83
CA ILE B 19 -5.28 4.99 -1.49
C ILE B 19 -4.19 5.78 -0.76
N LEU B 20 -3.01 5.19 -0.66
CA LEU B 20 -1.88 5.83 0.02
C LEU B 20 -1.70 7.26 -0.47
N ILE B 21 -1.50 7.42 -1.77
CA ILE B 21 -1.32 8.73 -2.36
C ILE B 21 -2.36 9.72 -1.84
N GLY B 22 -3.61 9.27 -1.75
CA GLY B 22 -4.67 10.12 -1.26
C GLY B 22 -4.51 10.48 0.21
N VAL B 23 -4.66 9.48 1.07
CA VAL B 23 -4.52 9.70 2.51
C VAL B 23 -3.20 10.38 2.85
N VAL B 24 -2.23 10.24 1.95
CA VAL B 24 -0.92 10.85 2.15
C VAL B 24 -0.97 12.35 1.93
N LEU B 25 -1.28 12.76 0.71
CA LEU B 25 -1.36 14.18 0.36
C LEU B 25 -2.28 14.91 1.34
N GLY B 26 -3.26 14.20 1.87
CA GLY B 26 -4.19 14.81 2.80
C GLY B 26 -3.63 14.90 4.20
N TYR B 27 -3.07 13.80 4.69
CA TYR B 27 -2.49 13.76 6.03
C TYR B 27 -1.35 14.75 6.15
N THR B 28 -0.73 15.08 5.02
CA THR B 28 0.39 16.02 5.00
C THR B 28 -0.10 17.45 4.80
N VAL B 29 -1.09 17.62 3.93
CA VAL B 29 -1.65 18.93 3.65
C VAL B 29 -2.59 19.39 4.76
N ASN B 30 -2.87 18.48 5.69
CA ASN B 30 -3.77 18.79 6.80
C ASN B 30 -3.05 18.57 8.14
N SER B 31 -2.30 17.49 8.24
CA SER B 31 -1.58 17.16 9.46
C SER B 31 -0.07 17.29 9.25
N GLY B 32 0.31 17.70 8.05
CA GLY B 32 1.72 17.85 7.73
C GLY B 32 2.16 19.31 7.71
N PHE B 33 1.18 20.21 7.55
CA PHE B 33 1.47 21.63 7.51
C PHE B 33 2.21 22.08 8.77
N PHE B 34 2.08 21.29 9.84
CA PHE B 34 2.74 21.61 11.09
C PHE B 34 4.21 21.16 11.07
N LEU B 35 4.48 20.06 10.38
CA LEU B 35 5.83 19.53 10.27
C LEU B 35 6.75 20.54 9.58
N LEU B 36 7.92 20.07 9.18
CA LEU B 36 8.90 20.93 8.51
C LEU B 36 8.20 21.87 7.54
N SER B 37 7.91 21.37 6.34
CA SER B 37 7.25 22.18 5.31
C SER B 37 5.96 21.51 4.85
N GLY B 38 6.00 20.19 4.73
CA GLY B 38 4.84 19.45 4.28
C GLY B 38 5.06 18.77 2.94
N PHE B 39 6.32 18.54 2.59
CA PHE B 39 6.66 17.90 1.33
C PHE B 39 7.51 16.65 1.57
N VAL B 40 8.33 16.69 2.61
CA VAL B 40 9.19 15.56 2.94
C VAL B 40 8.37 14.36 3.39
N GLY B 41 7.27 14.62 4.08
CA GLY B 41 6.41 13.55 4.56
C GLY B 41 5.65 12.88 3.43
N ALA B 42 4.68 13.59 2.86
CA ALA B 42 3.89 13.06 1.77
C ALA B 42 4.75 12.71 0.56
N GLY B 43 5.83 13.48 0.38
CA GLY B 43 6.73 13.23 -0.73
C GLY B 43 7.49 11.93 -0.60
N LEU B 44 8.22 11.79 0.50
CA LEU B 44 9.00 10.59 0.76
C LEU B 44 8.12 9.35 0.71
N LEU B 45 6.90 9.48 1.21
CA LEU B 45 5.95 8.36 1.23
C LEU B 45 5.53 7.99 -0.19
N PHE B 46 5.24 9.00 -1.00
CA PHE B 46 4.82 8.78 -2.38
C PHE B 46 5.90 8.03 -3.16
N ALA B 47 7.11 8.57 -3.16
CA ALA B 47 8.23 7.95 -3.86
C ALA B 47 8.45 6.52 -3.38
N GLY B 48 8.36 6.31 -2.07
CA GLY B 48 8.55 4.99 -1.51
C GLY B 48 7.56 3.98 -2.06
N ILE B 49 6.29 4.17 -1.72
CA ILE B 49 5.24 3.27 -2.19
C ILE B 49 5.19 3.21 -3.70
N SER B 50 5.74 4.24 -4.35
CA SER B 50 5.76 4.30 -5.80
C SER B 50 6.69 3.24 -6.39
N GLY B 51 7.97 3.34 -6.06
CA GLY B 51 8.94 2.39 -6.56
C GLY B 51 8.65 0.97 -6.10
N PHE B 52 8.16 0.84 -4.87
CA PHE B 52 7.84 -0.47 -4.31
C PHE B 52 6.68 -1.11 -5.07
N SER B 53 5.58 -0.39 -5.19
CA SER B 53 4.41 -0.90 -5.89
C SER B 53 4.76 -1.30 -7.31
N GLY B 54 5.46 -0.42 -8.02
CA GLY B 54 5.84 -0.70 -9.39
C GLY B 54 6.62 -1.99 -9.51
N MET B 55 7.60 -2.18 -8.65
CA MET B 55 8.43 -3.38 -8.68
C MET B 55 7.59 -4.62 -8.39
N ALA B 56 6.57 -4.47 -7.54
CA ALA B 56 5.69 -5.57 -7.19
C ALA B 56 4.75 -5.92 -8.34
N ARG B 57 4.13 -4.89 -8.91
CA ARG B 57 3.21 -5.08 -10.03
C ARG B 57 3.91 -5.72 -11.22
N LEU B 58 5.20 -5.40 -11.37
CA LEU B 58 5.99 -5.95 -12.47
C LEU B 58 6.36 -7.40 -12.20
N LEU B 59 6.84 -7.66 -11.00
CA LEU B 59 7.24 -9.01 -10.62
C LEU B 59 6.02 -9.92 -10.44
N ASP B 60 4.85 -9.30 -10.38
CA ASP B 60 3.60 -10.04 -10.22
C ASP B 60 2.97 -10.34 -11.57
N LYS B 61 2.91 -9.33 -12.44
CA LYS B 61 2.32 -9.50 -13.76
C LYS B 61 2.97 -8.54 -14.76
N MET B 62 4.29 -8.64 -14.90
CA MET B 62 5.02 -7.78 -15.82
C MET B 62 4.34 -7.75 -17.19
N PRO B 63 4.39 -6.58 -17.84
CA PRO B 63 3.77 -6.40 -19.16
C PRO B 63 4.54 -7.14 -20.26
N TRP B 64 4.84 -8.40 -20.02
CA TRP B 64 5.57 -9.21 -20.98
C TRP B 64 4.86 -9.22 -22.33
N ASN B 65 3.89 -10.12 -22.48
CA ASN B 65 3.15 -10.24 -23.72
C ASN B 65 2.05 -9.17 -23.80
N GLN B 66 1.93 -8.37 -22.73
CA GLN B 66 0.94 -7.31 -22.68
C GLN B 66 1.09 -6.36 -23.86
N ARG B 67 2.29 -6.30 -24.41
CA ARG B 67 2.57 -5.43 -25.54
C ARG B 67 4.02 -5.55 -26.00
N ALA B 68 4.92 -5.71 -25.03
CA ALA B 68 6.34 -5.84 -25.32
C ALA B 68 6.85 -4.64 -26.11
N LYS A 1 7.89 -23.94 2.13
CA LYS A 1 8.62 -22.82 1.55
C LYS A 1 9.01 -23.11 0.11
N SER A 2 8.01 -23.36 -0.73
CA SER A 2 8.24 -23.66 -2.13
C SER A 2 8.47 -22.37 -2.93
N GLN A 3 7.56 -21.42 -2.76
CA GLN A 3 7.66 -20.14 -3.46
C GLN A 3 9.04 -19.51 -3.25
N PRO A 4 9.43 -18.63 -4.17
CA PRO A 4 10.73 -17.94 -4.11
C PRO A 4 10.79 -16.93 -2.97
N LEU A 5 9.62 -16.47 -2.53
CA LEU A 5 9.54 -15.50 -1.45
C LEU A 5 10.47 -14.31 -1.71
N PRO A 6 10.12 -13.51 -2.72
CA PRO A 6 10.91 -12.33 -3.10
C PRO A 6 10.81 -11.21 -2.05
N LEU A 7 11.37 -10.06 -2.39
CA LEU A 7 11.35 -8.91 -1.49
C LEU A 7 10.62 -7.73 -2.12
N MET A 8 10.14 -7.92 -3.34
CA MET A 8 9.42 -6.88 -4.06
C MET A 8 7.94 -6.88 -3.68
N ARG A 9 7.52 -7.89 -2.93
CA ARG A 9 6.13 -8.01 -2.51
C ARG A 9 6.00 -7.78 -1.01
N GLN A 10 6.87 -8.41 -0.24
CA GLN A 10 6.85 -8.27 1.22
C GLN A 10 7.01 -6.81 1.63
N VAL A 11 7.73 -6.05 0.81
CA VAL A 11 7.96 -4.64 1.09
C VAL A 11 6.72 -3.81 0.80
N GLN A 12 5.91 -4.27 -0.16
CA GLN A 12 4.70 -3.57 -0.55
C GLN A 12 3.62 -3.73 0.53
N ILE A 13 3.47 -4.94 1.03
CA ILE A 13 2.47 -5.22 2.06
C ILE A 13 2.93 -4.70 3.42
N ALA A 14 4.22 -4.84 3.70
CA ALA A 14 4.79 -4.38 4.96
C ALA A 14 4.82 -2.86 5.02
N ALA A 15 5.49 -2.24 4.05
CA ALA A 15 5.60 -0.79 4.00
C ALA A 15 4.26 -0.15 3.64
N GLY A 16 3.52 -0.79 2.73
CA GLY A 16 2.24 -0.27 2.31
C GLY A 16 1.20 -0.36 3.42
N GLY A 17 1.22 -1.45 4.16
CA GLY A 17 0.26 -1.63 5.25
C GLY A 17 0.53 -0.69 6.42
N LEU A 18 1.78 -0.64 6.85
CA LEU A 18 2.17 0.21 7.97
C LEU A 18 1.94 1.69 7.63
N ILE A 19 2.54 2.13 6.53
CA ILE A 19 2.40 3.52 6.10
C ILE A 19 0.93 3.90 5.94
N LEU A 20 0.18 3.06 5.24
CA LEU A 20 -1.24 3.31 5.01
C LEU A 20 -1.96 3.55 6.33
N ILE A 21 -1.80 2.62 7.27
CA ILE A 21 -2.43 2.73 8.57
C ILE A 21 -2.17 4.09 9.20
N GLY A 22 -0.89 4.48 9.25
CA GLY A 22 -0.53 5.75 9.83
C GLY A 22 -1.08 6.93 9.05
N VAL A 23 -0.67 7.05 7.79
CA VAL A 23 -1.13 8.14 6.93
C VAL A 23 -2.66 8.23 6.94
N VAL A 24 -3.31 7.10 7.22
CA VAL A 24 -4.77 7.05 7.25
C VAL A 24 -5.30 7.71 8.52
N LEU A 25 -4.85 7.23 9.67
CA LEU A 25 -5.29 7.77 10.96
C LEU A 25 -5.09 9.28 11.00
N GLY A 26 -4.07 9.76 10.29
CA GLY A 26 -3.78 11.18 10.26
C GLY A 26 -4.67 11.94 9.30
N TYR A 27 -4.82 11.40 8.10
CA TYR A 27 -5.65 12.04 7.07
C TYR A 27 -7.12 12.02 7.48
N THR A 28 -7.46 11.13 8.42
CA THR A 28 -8.83 11.01 8.90
C THR A 28 -9.08 11.92 10.09
N VAL A 29 -8.13 11.96 11.01
CA VAL A 29 -8.24 12.80 12.19
C VAL A 29 -7.84 14.24 11.89
N ASN A 30 -7.37 14.48 10.68
CA ASN A 30 -6.95 15.81 10.26
C ASN A 30 -7.74 16.27 9.04
N SER A 31 -8.01 15.33 8.13
CA SER A 31 -8.75 15.63 6.91
C SER A 31 -10.03 14.81 6.83
N GLY A 32 -10.27 13.99 7.85
CA GLY A 32 -11.46 13.16 7.88
C GLY A 32 -12.55 13.76 8.75
N PHE A 33 -12.16 14.59 9.70
CA PHE A 33 -13.12 15.22 10.61
C PHE A 33 -14.11 16.09 9.83
N PHE A 34 -13.75 16.42 8.60
CA PHE A 34 -14.60 17.25 7.76
C PHE A 34 -15.79 16.45 7.23
N LEU A 35 -15.51 15.25 6.73
CA LEU A 35 -16.56 14.39 6.20
C LEU A 35 -17.66 14.17 7.22
N LEU A 36 -17.44 13.23 8.13
CA LEU A 36 -18.42 12.92 9.17
C LEU A 36 -17.81 13.09 10.56
N SER A 37 -17.18 12.04 11.05
CA SER A 37 -16.55 12.07 12.38
C SER A 37 -15.07 11.71 12.28
N GLY A 38 -14.76 10.70 11.47
CA GLY A 38 -13.39 10.27 11.31
C GLY A 38 -13.20 8.79 11.57
N PHE A 39 -14.23 8.01 11.25
CA PHE A 39 -14.19 6.56 11.46
C PHE A 39 -14.44 5.82 10.15
N VAL A 40 -15.37 6.34 9.36
CA VAL A 40 -15.71 5.73 8.08
C VAL A 40 -14.55 5.81 7.10
N GLY A 41 -13.84 6.94 7.13
CA GLY A 41 -12.71 7.12 6.24
C GLY A 41 -11.54 6.21 6.59
N ALA A 42 -10.94 6.46 7.74
CA ALA A 42 -9.79 5.67 8.19
C ALA A 42 -10.19 4.20 8.37
N GLY A 43 -11.45 3.98 8.71
CA GLY A 43 -11.93 2.62 8.91
C GLY A 43 -11.97 1.82 7.61
N LEU A 44 -12.68 2.34 6.62
CA LEU A 44 -12.80 1.67 5.33
C LEU A 44 -11.43 1.49 4.69
N LEU A 45 -10.55 2.47 4.89
CA LEU A 45 -9.21 2.41 4.33
C LEU A 45 -8.39 1.30 4.97
N PHE A 46 -8.42 1.25 6.30
CA PHE A 46 -7.68 0.22 7.04
C PHE A 46 -8.12 -1.18 6.62
N ALA A 47 -9.43 -1.42 6.66
CA ALA A 47 -9.98 -2.71 6.29
C ALA A 47 -9.57 -3.08 4.86
N GLY A 48 -9.62 -2.11 3.95
CA GLY A 48 -9.25 -2.35 2.58
C GLY A 48 -7.83 -2.85 2.44
N ILE A 49 -6.87 -2.01 2.78
CA ILE A 49 -5.46 -2.37 2.68
C ILE A 49 -5.14 -3.57 3.57
N SER A 50 -6.00 -3.81 4.56
CA SER A 50 -5.80 -4.91 5.48
C SER A 50 -5.98 -6.26 4.77
N GLY A 51 -7.19 -6.49 4.25
CA GLY A 51 -7.47 -7.73 3.55
C GLY A 51 -6.64 -7.88 2.29
N PHE A 52 -6.36 -6.77 1.63
CA PHE A 52 -5.57 -6.80 0.40
C PHE A 52 -4.14 -7.21 0.69
N SER A 53 -3.48 -6.47 1.56
CA SER A 53 -2.09 -6.76 1.92
C SER A 53 -1.95 -8.19 2.43
N GLY A 54 -2.88 -8.60 3.28
CA GLY A 54 -2.85 -9.95 3.83
C GLY A 54 -2.87 -11.01 2.74
N MET A 55 -3.80 -10.88 1.81
CA MET A 55 -3.93 -11.84 0.72
C MET A 55 -2.68 -11.82 -0.16
N ALA A 56 -2.04 -10.66 -0.25
CA ALA A 56 -0.84 -10.52 -1.06
C ALA A 56 0.37 -11.18 -0.38
N ARG A 57 0.63 -10.77 0.86
CA ARG A 57 1.75 -11.31 1.63
C ARG A 57 1.62 -12.83 1.77
N LEU A 58 0.38 -13.32 1.72
CA LEU A 58 0.12 -14.75 1.85
C LEU A 58 0.41 -15.48 0.55
N LEU A 59 -0.12 -14.96 -0.55
CA LEU A 59 0.08 -15.55 -1.87
C LEU A 59 1.54 -15.38 -2.33
N ASP A 60 2.27 -14.53 -1.62
CA ASP A 60 3.67 -14.27 -1.95
C ASP A 60 4.60 -15.05 -1.03
N LYS A 61 4.29 -15.05 0.26
CA LYS A 61 5.10 -15.75 1.24
C LYS A 61 4.23 -16.28 2.39
N MET A 62 3.22 -17.08 2.04
CA MET A 62 2.32 -17.65 3.03
C MET A 62 3.11 -18.31 4.16
N PRO A 63 2.59 -18.18 5.39
CA PRO A 63 3.22 -18.76 6.58
C PRO A 63 3.15 -20.28 6.59
N TRP A 64 3.51 -20.90 5.48
CA TRP A 64 3.50 -22.35 5.37
C TRP A 64 4.23 -23.00 6.53
N ASN A 65 5.55 -23.07 6.43
CA ASN A 65 6.36 -23.67 7.49
C ASN A 65 6.55 -22.69 8.65
N GLN A 66 6.02 -21.49 8.50
CA GLN A 66 6.12 -20.47 9.53
C GLN A 66 5.56 -20.98 10.86
N ARG A 67 4.66 -21.95 10.77
CA ARG A 67 4.04 -22.52 11.96
C ARG A 67 3.06 -23.62 11.59
N ALA A 68 3.57 -24.67 10.94
CA ALA A 68 2.75 -25.80 10.53
C ALA A 68 2.26 -26.59 11.73
N LYS B 1 4.07 -13.67 -20.87
CA LYS B 1 3.04 -13.92 -19.87
C LYS B 1 3.21 -15.31 -19.25
N SER B 2 4.38 -15.56 -18.70
CA SER B 2 4.67 -16.85 -18.07
C SER B 2 4.06 -16.93 -16.67
N GLN B 3 4.34 -15.91 -15.86
CA GLN B 3 3.81 -15.86 -14.50
C GLN B 3 2.30 -16.06 -14.49
N PRO B 4 1.77 -16.50 -13.34
CA PRO B 4 0.34 -16.74 -13.16
C PRO B 4 -0.47 -15.45 -13.14
N LEU B 5 0.20 -14.35 -12.81
CA LEU B 5 -0.46 -13.05 -12.77
C LEU B 5 -1.74 -13.11 -11.94
N PRO B 6 -1.58 -13.33 -10.62
CA PRO B 6 -2.72 -13.41 -9.70
C PRO B 6 -3.41 -12.07 -9.50
N LEU B 7 -4.37 -12.03 -8.58
CA LEU B 7 -5.11 -10.81 -8.29
C LEU B 7 -4.89 -10.38 -6.84
N MET B 8 -4.09 -11.14 -6.12
CA MET B 8 -3.81 -10.83 -4.72
C MET B 8 -2.66 -9.83 -4.60
N ARG B 9 -2.03 -9.53 -5.74
CA ARG B 9 -0.92 -8.58 -5.77
C ARG B 9 -1.29 -7.32 -6.54
N GLN B 10 -1.92 -7.51 -7.70
CA GLN B 10 -2.32 -6.39 -8.55
C GLN B 10 -3.18 -5.41 -7.77
N VAL B 11 -3.97 -5.94 -6.84
CA VAL B 11 -4.85 -5.11 -6.02
C VAL B 11 -4.06 -4.39 -4.93
N GLN B 12 -2.99 -5.01 -4.48
CA GLN B 12 -2.15 -4.42 -3.44
C GLN B 12 -1.41 -3.19 -3.95
N ILE B 13 -0.85 -3.30 -5.15
CA ILE B 13 -0.12 -2.20 -5.77
C ILE B 13 -1.08 -1.16 -6.34
N ALA B 14 -2.18 -1.64 -6.91
CA ALA B 14 -3.18 -0.76 -7.50
C ALA B 14 -3.94 0.00 -6.43
N ALA B 15 -4.57 -0.74 -5.53
CA ALA B 15 -5.34 -0.13 -4.45
C ALA B 15 -4.42 0.53 -3.42
N GLY B 16 -3.29 -0.12 -3.14
CA GLY B 16 -2.34 0.42 -2.18
C GLY B 16 -1.68 1.69 -2.68
N GLY B 17 -1.31 1.70 -3.96
CA GLY B 17 -0.66 2.86 -4.54
C GLY B 17 -1.60 4.05 -4.64
N LEU B 18 -2.78 3.83 -5.20
CA LEU B 18 -3.76 4.89 -5.36
C LEU B 18 -4.20 5.45 -4.01
N ILE B 19 -4.67 4.57 -3.14
CA ILE B 19 -5.11 4.98 -1.81
C ILE B 19 -4.02 5.76 -1.09
N LEU B 20 -2.80 5.27 -1.15
CA LEU B 20 -1.66 5.92 -0.50
C LEU B 20 -1.51 7.36 -1.01
N ILE B 21 -1.42 7.50 -2.33
CA ILE B 21 -1.27 8.82 -2.93
C ILE B 21 -2.29 9.80 -2.37
N GLY B 22 -3.56 9.42 -2.40
CA GLY B 22 -4.61 10.28 -1.89
C GLY B 22 -4.47 10.54 -0.39
N VAL B 23 -4.59 9.48 0.39
CA VAL B 23 -4.47 9.60 1.85
C VAL B 23 -3.20 10.35 2.24
N VAL B 24 -2.20 10.30 1.37
CA VAL B 24 -0.93 10.96 1.62
C VAL B 24 -1.07 12.47 1.49
N LEU B 25 -1.47 12.93 0.31
CA LEU B 25 -1.64 14.36 0.05
C LEU B 25 -2.56 14.99 1.10
N GLY B 26 -3.47 14.18 1.65
CA GLY B 26 -4.39 14.68 2.66
C GLY B 26 -3.77 14.74 4.03
N TYR B 27 -3.12 13.64 4.44
CA TYR B 27 -2.48 13.57 5.75
C TYR B 27 -1.35 14.59 5.85
N THR B 28 -0.84 15.02 4.71
CA THR B 28 0.25 16.00 4.67
C THR B 28 -0.29 17.42 4.55
N VAL B 29 -1.32 17.58 3.73
CA VAL B 29 -1.92 18.90 3.53
C VAL B 29 -2.75 19.31 4.74
N ASN B 30 -2.96 18.37 5.65
CA ASN B 30 -3.74 18.64 6.86
C ASN B 30 -2.92 18.35 8.11
N SER B 31 -2.24 17.21 8.12
CA SER B 31 -1.42 16.80 9.26
C SER B 31 0.07 16.96 8.93
N GLY B 32 0.36 17.43 7.73
CA GLY B 32 1.74 17.62 7.32
C GLY B 32 2.20 19.06 7.48
N PHE B 33 1.26 19.99 7.45
CA PHE B 33 1.57 21.41 7.59
C PHE B 33 2.18 21.69 8.97
N PHE B 34 2.01 20.75 9.89
CA PHE B 34 2.54 20.90 11.23
C PHE B 34 4.05 20.70 11.25
N LEU B 35 4.50 19.60 10.66
CA LEU B 35 5.93 19.29 10.61
C LEU B 35 6.72 20.46 10.06
N LEU B 36 6.77 20.58 8.74
CA LEU B 36 7.49 21.67 8.09
C LEU B 36 6.58 22.48 7.20
N SER B 37 6.41 22.03 5.95
CA SER B 37 5.55 22.73 5.00
C SER B 37 4.47 21.78 4.47
N GLY B 38 4.87 20.54 4.19
CA GLY B 38 3.92 19.57 3.67
C GLY B 38 4.38 18.95 2.37
N PHE B 39 5.69 18.84 2.20
CA PHE B 39 6.26 18.26 0.99
C PHE B 39 7.16 17.07 1.31
N VAL B 40 7.90 17.17 2.40
CA VAL B 40 8.80 16.11 2.83
C VAL B 40 8.01 14.86 3.24
N GLY B 41 6.89 15.08 3.91
CA GLY B 41 6.06 13.97 4.36
C GLY B 41 5.39 13.25 3.20
N ALA B 42 4.45 13.94 2.55
CA ALA B 42 3.73 13.36 1.42
C ALA B 42 4.68 12.99 0.29
N GLY B 43 5.77 13.74 0.16
CA GLY B 43 6.75 13.48 -0.87
C GLY B 43 7.47 12.16 -0.67
N LEU B 44 8.09 12.01 0.49
CA LEU B 44 8.83 10.79 0.81
C LEU B 44 7.91 9.57 0.76
N LEU B 45 6.66 9.76 1.17
CA LEU B 45 5.68 8.69 1.16
C LEU B 45 5.36 8.24 -0.26
N PHE B 46 5.13 9.21 -1.14
CA PHE B 46 4.82 8.92 -2.53
C PHE B 46 5.96 8.16 -3.21
N ALA B 47 7.18 8.67 -3.04
CA ALA B 47 8.36 8.05 -3.62
C ALA B 47 8.51 6.61 -3.15
N GLY B 48 8.31 6.39 -1.85
CA GLY B 48 8.43 5.06 -1.29
C GLY B 48 7.43 4.09 -1.90
N ILE B 49 6.15 4.37 -1.72
CA ILE B 49 5.10 3.51 -2.26
C ILE B 49 5.19 3.40 -3.77
N SER B 50 5.83 4.40 -4.39
CA SER B 50 5.98 4.42 -5.84
C SER B 50 6.93 3.31 -6.29
N GLY B 51 8.19 3.40 -5.86
CA GLY B 51 9.17 2.40 -6.24
C GLY B 51 8.81 1.01 -5.75
N PHE B 52 8.19 0.95 -4.57
CA PHE B 52 7.80 -0.33 -4.00
C PHE B 52 6.71 -0.99 -4.83
N SER B 53 5.58 -0.30 -4.99
CA SER B 53 4.46 -0.81 -5.76
C SER B 53 4.91 -1.22 -7.16
N GLY B 54 5.70 -0.38 -7.80
CA GLY B 54 6.19 -0.68 -9.13
C GLY B 54 6.97 -1.97 -9.19
N MET B 55 7.89 -2.16 -8.25
CA MET B 55 8.71 -3.36 -8.20
C MET B 55 7.83 -4.59 -7.96
N ALA B 56 6.75 -4.40 -7.22
CA ALA B 56 5.84 -5.51 -6.92
C ALA B 56 4.99 -5.86 -8.14
N ARG B 57 4.31 -4.85 -8.70
CA ARG B 57 3.47 -5.06 -9.86
C ARG B 57 4.27 -5.63 -11.03
N LEU B 58 5.57 -5.35 -11.03
CA LEU B 58 6.45 -5.84 -12.09
C LEU B 58 6.83 -7.29 -11.85
N LEU B 59 7.31 -7.59 -10.65
CA LEU B 59 7.71 -8.95 -10.30
C LEU B 59 6.49 -9.87 -10.23
N ASP B 60 5.30 -9.28 -10.23
CA ASP B 60 4.07 -10.05 -10.18
C ASP B 60 3.44 -10.17 -11.56
N LYS B 61 3.40 -9.06 -12.28
CA LYS B 61 2.82 -9.03 -13.62
C LYS B 61 3.57 -8.05 -14.52
N MET B 62 4.87 -8.25 -14.66
CA MET B 62 5.69 -7.39 -15.49
C MET B 62 5.08 -7.21 -16.88
N PRO B 63 5.22 -6.00 -17.44
CA PRO B 63 4.68 -5.70 -18.77
C PRO B 63 5.44 -6.40 -19.89
N TRP B 64 5.64 -7.71 -19.71
CA TRP B 64 6.35 -8.51 -20.71
C TRP B 64 5.75 -8.30 -22.10
N ASN B 65 4.68 -9.02 -22.39
CA ASN B 65 4.02 -8.92 -23.69
C ASN B 65 3.13 -7.68 -23.75
N GLN B 66 3.06 -6.96 -22.63
CA GLN B 66 2.25 -5.74 -22.56
C GLN B 66 2.65 -4.75 -23.63
N ARG B 67 3.90 -4.86 -24.10
CA ARG B 67 4.41 -3.96 -25.13
C ARG B 67 5.85 -4.32 -25.49
N ALA B 68 6.06 -5.54 -25.96
CA ALA B 68 7.39 -6.00 -26.33
C ALA B 68 7.91 -5.24 -27.55
N LYS A 1 9.96 -24.03 1.76
CA LYS A 1 9.90 -22.76 1.03
C LYS A 1 10.03 -23.00 -0.47
N SER A 2 8.94 -23.41 -1.10
CA SER A 2 8.93 -23.68 -2.54
C SER A 2 8.89 -22.37 -3.33
N GLN A 3 7.93 -21.52 -3.01
CA GLN A 3 7.78 -20.23 -3.68
C GLN A 3 9.11 -19.47 -3.68
N PRO A 4 9.23 -18.50 -4.61
CA PRO A 4 10.43 -17.67 -4.74
C PRO A 4 10.60 -16.72 -3.56
N LEU A 5 9.49 -16.34 -2.94
CA LEU A 5 9.52 -15.42 -1.81
C LEU A 5 10.37 -14.20 -2.13
N PRO A 6 9.88 -13.36 -3.06
CA PRO A 6 10.57 -12.13 -3.47
C PRO A 6 10.56 -11.07 -2.38
N LEU A 7 11.15 -9.91 -2.67
CA LEU A 7 11.20 -8.82 -1.72
C LEU A 7 10.50 -7.58 -2.27
N MET A 8 9.99 -7.69 -3.50
CA MET A 8 9.29 -6.58 -4.13
C MET A 8 7.81 -6.57 -3.75
N ARG A 9 7.37 -7.64 -3.09
CA ARG A 9 5.98 -7.76 -2.68
C ARG A 9 5.85 -7.56 -1.17
N GLN A 10 6.73 -8.21 -0.42
CA GLN A 10 6.72 -8.12 1.04
C GLN A 10 6.92 -6.67 1.48
N VAL A 11 7.62 -5.89 0.67
CA VAL A 11 7.88 -4.49 0.97
C VAL A 11 6.65 -3.63 0.71
N GLN A 12 5.86 -4.03 -0.28
CA GLN A 12 4.65 -3.30 -0.63
C GLN A 12 3.56 -3.52 0.40
N ILE A 13 3.41 -4.75 0.85
CA ILE A 13 2.40 -5.10 1.84
C ILE A 13 2.80 -4.61 3.23
N ALA A 14 4.08 -4.74 3.55
CA ALA A 14 4.60 -4.31 4.84
C ALA A 14 4.66 -2.79 4.94
N ALA A 15 5.39 -2.18 4.01
CA ALA A 15 5.52 -0.72 3.98
C ALA A 15 4.21 -0.05 3.59
N GLY A 16 3.50 -0.66 2.64
CA GLY A 16 2.24 -0.11 2.19
C GLY A 16 1.17 -0.17 3.27
N GLY A 17 1.11 -1.29 3.99
CA GLY A 17 0.12 -1.45 5.04
C GLY A 17 0.38 -0.53 6.21
N LEU A 18 1.61 -0.51 6.69
CA LEU A 18 1.98 0.34 7.82
C LEU A 18 1.83 1.82 7.47
N ILE A 19 2.56 2.25 6.46
CA ILE A 19 2.51 3.65 6.02
C ILE A 19 1.06 4.10 5.79
N LEU A 20 0.33 3.33 4.99
CA LEU A 20 -1.06 3.64 4.70
C LEU A 20 -1.85 3.89 5.98
N ILE A 21 -1.82 2.91 6.88
CA ILE A 21 -2.52 3.02 8.16
C ILE A 21 -2.22 4.35 8.84
N GLY A 22 -0.96 4.76 8.78
CA GLY A 22 -0.56 6.02 9.40
C GLY A 22 -1.15 7.22 8.70
N VAL A 23 -0.76 7.44 7.45
CA VAL A 23 -1.25 8.57 6.68
C VAL A 23 -2.78 8.58 6.64
N VAL A 24 -3.38 7.41 6.87
CA VAL A 24 -4.83 7.30 6.87
C VAL A 24 -5.43 7.85 8.16
N LEU A 25 -4.96 7.34 9.29
CA LEU A 25 -5.45 7.77 10.59
C LEU A 25 -5.28 9.28 10.75
N GLY A 26 -4.27 9.84 10.09
CA GLY A 26 -4.03 11.26 10.17
C GLY A 26 -4.90 12.06 9.22
N TYR A 27 -4.96 11.61 7.97
CA TYR A 27 -5.76 12.29 6.96
C TYR A 27 -7.24 12.27 7.33
N THR A 28 -7.63 11.30 8.15
CA THR A 28 -9.01 11.16 8.59
C THR A 28 -9.25 11.92 9.89
N VAL A 29 -8.28 11.87 10.79
CA VAL A 29 -8.38 12.55 12.08
C VAL A 29 -8.08 14.04 11.94
N ASN A 30 -7.63 14.44 10.75
CA ASN A 30 -7.29 15.83 10.49
C ASN A 30 -8.10 16.36 9.30
N SER A 31 -8.28 15.52 8.30
CA SER A 31 -9.02 15.91 7.10
C SER A 31 -10.28 15.05 6.94
N GLY A 32 -10.50 14.15 7.89
CA GLY A 32 -11.65 13.29 7.83
C GLY A 32 -12.79 13.80 8.69
N PHE A 33 -12.46 14.57 9.71
CA PHE A 33 -13.46 15.13 10.61
C PHE A 33 -14.44 16.03 9.85
N PHE A 34 -14.04 16.46 8.66
CA PHE A 34 -14.87 17.32 7.83
C PHE A 34 -15.99 16.53 7.16
N LEU A 35 -15.63 15.42 6.53
CA LEU A 35 -16.60 14.57 5.86
C LEU A 35 -17.75 14.22 6.80
N LEU A 36 -17.53 13.25 7.66
CA LEU A 36 -18.54 12.81 8.61
C LEU A 36 -18.05 12.95 10.05
N SER A 37 -17.34 11.92 10.52
CA SER A 37 -16.81 11.93 11.88
C SER A 37 -15.30 11.67 11.88
N GLY A 38 -14.87 10.75 11.03
CA GLY A 38 -13.46 10.42 10.94
C GLY A 38 -13.17 8.96 11.24
N PHE A 39 -14.17 8.11 11.03
CA PHE A 39 -14.03 6.69 11.28
C PHE A 39 -14.36 5.88 10.02
N VAL A 40 -15.34 6.35 9.26
CA VAL A 40 -15.75 5.67 8.04
C VAL A 40 -14.64 5.70 7.00
N GLY A 41 -13.94 6.83 6.91
CA GLY A 41 -12.87 6.96 5.95
C GLY A 41 -11.67 6.12 6.30
N ALA A 42 -10.98 6.48 7.39
CA ALA A 42 -9.81 5.73 7.83
C ALA A 42 -10.16 4.28 8.13
N GLY A 43 -11.39 4.06 8.58
CA GLY A 43 -11.83 2.71 8.91
C GLY A 43 -11.92 1.82 7.69
N LEU A 44 -12.70 2.24 6.70
CA LEU A 44 -12.88 1.47 5.47
C LEU A 44 -11.54 1.24 4.79
N LEU A 45 -10.65 2.24 4.87
CA LEU A 45 -9.33 2.13 4.25
C LEU A 45 -8.49 1.07 4.94
N PHE A 46 -8.55 1.05 6.27
CA PHE A 46 -7.80 0.07 7.05
C PHE A 46 -8.24 -1.35 6.73
N ALA A 47 -9.55 -1.58 6.77
CA ALA A 47 -10.10 -2.90 6.48
C ALA A 47 -9.68 -3.37 5.09
N GLY A 48 -9.80 -2.48 4.11
CA GLY A 48 -9.44 -2.83 2.76
C GLY A 48 -7.98 -3.21 2.62
N ILE A 49 -7.09 -2.27 2.91
CA ILE A 49 -5.66 -2.51 2.82
C ILE A 49 -5.24 -3.69 3.70
N SER A 50 -6.06 -3.97 4.72
CA SER A 50 -5.77 -5.06 5.63
C SER A 50 -5.93 -6.42 4.94
N GLY A 51 -7.15 -6.69 4.48
CA GLY A 51 -7.40 -7.95 3.80
C GLY A 51 -6.57 -8.12 2.55
N PHE A 52 -6.33 -7.02 1.85
CA PHE A 52 -5.54 -7.06 0.63
C PHE A 52 -4.09 -7.40 0.92
N SER A 53 -3.46 -6.59 1.78
CA SER A 53 -2.07 -6.82 2.15
C SER A 53 -1.84 -8.24 2.62
N GLY A 54 -2.74 -8.73 3.48
CA GLY A 54 -2.62 -10.09 3.98
C GLY A 54 -2.67 -11.12 2.88
N MET A 55 -3.62 -10.96 1.97
CA MET A 55 -3.78 -11.89 0.85
C MET A 55 -2.53 -11.91 -0.02
N ALA A 56 -1.89 -10.76 -0.14
CA ALA A 56 -0.68 -10.65 -0.95
C ALA A 56 0.51 -11.32 -0.27
N ARG A 57 0.72 -10.99 1.01
CA ARG A 57 1.81 -11.56 1.78
C ARG A 57 1.70 -13.09 1.84
N LEU A 58 0.46 -13.58 1.81
CA LEU A 58 0.21 -15.01 1.86
C LEU A 58 0.49 -15.67 0.52
N LEU A 59 -0.02 -15.06 -0.55
CA LEU A 59 0.18 -15.59 -1.90
C LEU A 59 1.63 -15.41 -2.35
N ASP A 60 2.36 -14.59 -1.60
CA ASP A 60 3.76 -14.33 -1.92
C ASP A 60 4.69 -15.20 -1.08
N LYS A 61 4.38 -15.29 0.21
CA LYS A 61 5.18 -16.10 1.14
C LYS A 61 4.31 -16.69 2.24
N MET A 62 3.29 -17.43 1.84
CA MET A 62 2.38 -18.05 2.81
C MET A 62 3.16 -18.80 3.88
N PRO A 63 2.66 -18.76 5.12
CA PRO A 63 3.29 -19.43 6.26
C PRO A 63 3.18 -20.95 6.17
N TRP A 64 3.51 -21.48 5.01
CA TRP A 64 3.45 -22.93 4.79
C TRP A 64 4.18 -23.67 5.90
N ASN A 65 5.51 -23.72 5.81
CA ASN A 65 6.33 -24.39 6.80
C ASN A 65 6.30 -23.65 8.13
N GLN A 66 5.74 -22.45 8.12
CA GLN A 66 5.65 -21.63 9.32
C GLN A 66 4.29 -21.80 9.99
N ARG A 67 3.63 -22.93 9.72
CA ARG A 67 2.33 -23.21 10.30
C ARG A 67 2.46 -23.61 11.76
N ALA A 68 3.53 -24.32 12.09
CA ALA A 68 3.78 -24.77 13.46
C ALA A 68 2.59 -25.55 14.00
N LYS B 1 2.32 -14.91 -21.25
CA LYS B 1 1.99 -14.81 -19.83
C LYS B 1 2.38 -16.08 -19.08
N SER B 2 3.67 -16.20 -18.78
CA SER B 2 4.18 -17.38 -18.08
C SER B 2 3.79 -17.32 -16.60
N GLN B 3 4.11 -16.21 -15.95
CA GLN B 3 3.80 -16.03 -14.53
C GLN B 3 2.32 -16.30 -14.27
N PRO B 4 1.99 -16.59 -13.00
CA PRO B 4 0.61 -16.87 -12.59
C PRO B 4 -0.27 -15.63 -12.64
N LEU B 5 0.34 -14.46 -12.46
CA LEU B 5 -0.38 -13.20 -12.48
C LEU B 5 -1.62 -13.27 -11.57
N PRO B 6 -1.38 -13.40 -10.26
CA PRO B 6 -2.46 -13.47 -9.27
C PRO B 6 -3.19 -12.14 -9.11
N LEU B 7 -4.18 -12.12 -8.23
CA LEU B 7 -4.96 -10.92 -7.97
C LEU B 7 -4.85 -10.49 -6.51
N MET B 8 -4.11 -11.26 -5.73
CA MET B 8 -3.93 -10.97 -4.31
C MET B 8 -2.86 -9.90 -4.11
N ARG B 9 -2.23 -9.48 -5.21
CA ARG B 9 -1.19 -8.46 -5.16
C ARG B 9 -1.57 -7.26 -6.01
N GLN B 10 -2.18 -7.52 -7.16
CA GLN B 10 -2.58 -6.46 -8.08
C GLN B 10 -3.41 -5.40 -7.34
N VAL B 11 -4.21 -5.84 -6.39
CA VAL B 11 -5.05 -4.94 -5.61
C VAL B 11 -4.24 -4.20 -4.55
N GLN B 12 -3.16 -4.84 -4.10
CA GLN B 12 -2.29 -4.25 -3.08
C GLN B 12 -1.50 -3.08 -3.66
N ILE B 13 -0.92 -3.28 -4.85
CA ILE B 13 -0.14 -2.25 -5.49
C ILE B 13 -1.03 -1.19 -6.11
N ALA B 14 -2.16 -1.62 -6.68
CA ALA B 14 -3.10 -0.70 -7.31
C ALA B 14 -3.85 0.11 -6.25
N ALA B 15 -4.56 -0.59 -5.37
CA ALA B 15 -5.32 0.06 -4.32
C ALA B 15 -4.41 0.69 -3.28
N GLY B 16 -3.30 0.01 -2.97
CA GLY B 16 -2.36 0.52 -2.01
C GLY B 16 -1.66 1.78 -2.48
N GLY B 17 -1.27 1.80 -3.74
CA GLY B 17 -0.60 2.96 -4.30
C GLY B 17 -1.51 4.16 -4.43
N LEU B 18 -2.68 3.95 -5.00
CA LEU B 18 -3.66 5.02 -5.18
C LEU B 18 -4.13 5.56 -3.84
N ILE B 19 -4.73 4.68 -3.04
CA ILE B 19 -5.23 5.06 -1.73
C ILE B 19 -4.16 5.78 -0.92
N LEU B 20 -2.99 5.15 -0.80
CA LEU B 20 -1.88 5.74 -0.06
C LEU B 20 -1.62 7.17 -0.50
N ILE B 21 -1.39 7.34 -1.80
CA ILE B 21 -1.12 8.67 -2.35
C ILE B 21 -2.17 9.68 -1.88
N GLY B 22 -3.43 9.25 -1.85
CA GLY B 22 -4.51 10.13 -1.42
C GLY B 22 -4.41 10.48 0.06
N VAL B 23 -4.57 9.48 0.92
CA VAL B 23 -4.50 9.69 2.35
C VAL B 23 -3.20 10.37 2.75
N VAL B 24 -2.18 10.26 1.89
CA VAL B 24 -0.89 10.88 2.16
C VAL B 24 -0.94 12.38 1.90
N LEU B 25 -1.35 12.75 0.69
CA LEU B 25 -1.43 14.16 0.31
C LEU B 25 -2.33 14.93 1.28
N GLY B 26 -3.33 14.24 1.84
CA GLY B 26 -4.24 14.86 2.77
C GLY B 26 -3.67 14.94 4.17
N TYR B 27 -3.11 13.84 4.65
CA TYR B 27 -2.53 13.79 5.98
C TYR B 27 -1.34 14.74 6.10
N THR B 28 -0.73 15.04 4.96
CA THR B 28 0.42 15.96 4.93
C THR B 28 -0.03 17.39 4.73
N VAL B 29 -1.05 17.58 3.90
CA VAL B 29 -1.58 18.92 3.62
C VAL B 29 -2.52 19.37 4.72
N ASN B 30 -2.82 18.47 5.65
CA ASN B 30 -3.71 18.79 6.77
C ASN B 30 -3.02 18.54 8.09
N SER B 31 -2.20 17.50 8.15
CA SER B 31 -1.47 17.15 9.36
C SER B 31 0.03 17.21 9.14
N GLY B 32 0.44 17.58 7.93
CA GLY B 32 1.84 17.67 7.61
C GLY B 32 2.37 19.08 7.71
N PHE B 33 1.49 20.06 7.56
CA PHE B 33 1.86 21.46 7.63
C PHE B 33 2.45 21.80 9.01
N PHE B 34 2.19 20.93 9.98
CA PHE B 34 2.69 21.14 11.33
C PHE B 34 4.17 20.79 11.43
N LEU B 35 4.54 19.62 10.92
CA LEU B 35 5.93 19.18 10.95
C LEU B 35 6.85 20.24 10.37
N LEU B 36 6.91 20.30 9.04
CA LEU B 36 7.76 21.28 8.36
C LEU B 36 6.93 22.17 7.44
N SER B 37 6.70 21.68 6.22
CA SER B 37 5.93 22.43 5.24
C SER B 37 4.77 21.60 4.71
N GLY B 38 5.04 20.31 4.46
CA GLY B 38 4.01 19.43 3.95
C GLY B 38 4.38 18.81 2.61
N PHE B 39 5.69 18.72 2.36
CA PHE B 39 6.17 18.15 1.10
C PHE B 39 7.13 16.99 1.37
N VAL B 40 7.93 17.13 2.43
CA VAL B 40 8.89 16.09 2.80
C VAL B 40 8.18 14.80 3.22
N GLY B 41 7.08 14.95 3.94
CA GLY B 41 6.32 13.81 4.40
C GLY B 41 5.62 13.09 3.27
N ALA B 42 4.61 13.74 2.70
CA ALA B 42 3.85 13.16 1.60
C ALA B 42 4.75 12.85 0.41
N GLY B 43 5.80 13.65 0.24
CA GLY B 43 6.73 13.45 -0.85
C GLY B 43 7.50 12.15 -0.72
N LEU B 44 8.21 12.01 0.40
CA LEU B 44 9.01 10.80 0.64
C LEU B 44 8.13 9.56 0.59
N LEU B 45 6.90 9.68 1.07
CA LEU B 45 5.97 8.56 1.07
C LEU B 45 5.58 8.16 -0.35
N PHE B 46 5.34 9.17 -1.19
CA PHE B 46 4.96 8.91 -2.58
C PHE B 46 6.08 8.20 -3.33
N ALA B 47 7.29 8.73 -3.23
CA ALA B 47 8.44 8.14 -3.89
C ALA B 47 8.64 6.69 -3.46
N GLY B 48 8.55 6.45 -2.15
CA GLY B 48 8.71 5.10 -1.64
C GLY B 48 7.69 4.14 -2.18
N ILE B 49 6.42 4.39 -1.87
CA ILE B 49 5.34 3.53 -2.33
C ILE B 49 5.32 3.43 -3.84
N SER B 50 5.91 4.43 -4.51
CA SER B 50 5.97 4.44 -5.96
C SER B 50 6.90 3.36 -6.49
N GLY B 51 8.18 3.45 -6.13
CA GLY B 51 9.15 2.48 -6.58
C GLY B 51 8.81 1.08 -6.10
N PHE B 52 8.25 0.97 -4.90
CA PHE B 52 7.88 -0.32 -4.34
C PHE B 52 6.74 -0.95 -5.13
N SER B 53 5.63 -0.23 -5.22
CA SER B 53 4.46 -0.72 -5.93
C SER B 53 4.84 -1.17 -7.34
N GLY B 54 5.59 -0.34 -8.05
CA GLY B 54 6.00 -0.67 -9.40
C GLY B 54 6.82 -1.95 -9.45
N MET B 55 7.79 -2.06 -8.54
CA MET B 55 8.65 -3.24 -8.49
C MET B 55 7.83 -4.50 -8.25
N ALA B 56 6.76 -4.37 -7.48
CA ALA B 56 5.89 -5.50 -7.18
C ALA B 56 5.04 -5.88 -8.39
N ARG B 57 4.42 -4.88 -8.99
CA ARG B 57 3.56 -5.10 -10.16
C ARG B 57 4.36 -5.76 -11.28
N LEU B 58 5.65 -5.46 -11.35
CA LEU B 58 6.52 -6.01 -12.38
C LEU B 58 6.92 -7.45 -12.03
N LEU B 59 7.35 -7.65 -10.78
CA LEU B 59 7.76 -8.96 -10.32
C LEU B 59 6.60 -9.95 -10.35
N ASP B 60 5.38 -9.42 -10.41
CA ASP B 60 4.19 -10.26 -10.45
C ASP B 60 3.65 -10.38 -11.88
N LYS B 61 3.50 -9.23 -12.55
CA LYS B 61 3.00 -9.20 -13.92
C LYS B 61 3.85 -8.29 -14.79
N MET B 62 5.14 -8.57 -14.85
CA MET B 62 6.07 -7.76 -15.65
C MET B 62 5.55 -7.60 -17.07
N PRO B 63 5.77 -6.42 -17.66
CA PRO B 63 5.34 -6.12 -19.03
C PRO B 63 6.14 -6.90 -20.07
N TRP B 64 6.24 -8.21 -19.87
CA TRP B 64 6.97 -9.07 -20.80
C TRP B 64 6.42 -8.94 -22.21
N ASN B 65 5.32 -9.66 -22.48
CA ASN B 65 4.70 -9.62 -23.80
C ASN B 65 4.05 -8.26 -24.05
N GLN B 66 3.98 -7.44 -23.02
CA GLN B 66 3.39 -6.11 -23.13
C GLN B 66 4.46 -5.05 -23.39
N ARG B 67 5.60 -5.49 -23.91
CA ARG B 67 6.71 -4.59 -24.20
C ARG B 67 6.43 -3.78 -25.46
N ALA B 68 5.76 -4.40 -26.43
CA ALA B 68 5.41 -3.73 -27.68
C ALA B 68 6.67 -3.17 -28.35
N LYS A 1 8.35 -25.84 -1.19
CA LYS A 1 8.26 -24.40 -1.03
C LYS A 1 8.87 -23.68 -2.24
N SER A 2 8.14 -23.67 -3.35
CA SER A 2 8.61 -23.02 -4.57
C SER A 2 8.48 -21.51 -4.46
N GLN A 3 7.29 -21.05 -4.11
CA GLN A 3 7.03 -19.62 -3.97
C GLN A 3 8.09 -18.96 -3.09
N PRO A 4 8.97 -18.17 -3.70
CA PRO A 4 10.04 -17.47 -3.00
C PRO A 4 9.52 -16.35 -2.10
N LEU A 5 10.43 -15.62 -1.48
CA LEU A 5 10.05 -14.52 -0.59
C LEU A 5 10.79 -13.24 -0.98
N PRO A 6 10.47 -12.70 -2.16
CA PRO A 6 11.09 -11.48 -2.67
C PRO A 6 10.66 -10.24 -1.89
N LEU A 7 11.50 -9.21 -1.90
CA LEU A 7 11.20 -7.98 -1.20
C LEU A 7 10.33 -7.05 -2.04
N MET A 8 9.97 -7.52 -3.24
CA MET A 8 9.13 -6.75 -4.14
C MET A 8 7.67 -6.79 -3.70
N ARG A 9 7.36 -7.72 -2.79
CA ARG A 9 6.00 -7.87 -2.29
C ARG A 9 5.95 -7.64 -0.78
N GLN A 10 6.88 -8.24 -0.07
CA GLN A 10 6.94 -8.10 1.38
C GLN A 10 7.08 -6.63 1.78
N VAL A 11 7.79 -5.87 0.97
CA VAL A 11 7.99 -4.45 1.23
C VAL A 11 6.72 -3.65 0.97
N GLN A 12 5.92 -4.12 0.01
CA GLN A 12 4.68 -3.45 -0.34
C GLN A 12 3.63 -3.65 0.75
N ILE A 13 3.59 -4.84 1.32
CA ILE A 13 2.64 -5.16 2.37
C ILE A 13 3.06 -4.55 3.70
N ALA A 14 4.36 -4.59 3.99
CA ALA A 14 4.89 -4.03 5.22
C ALA A 14 4.91 -2.51 5.17
N ALA A 15 5.54 -1.96 4.14
CA ALA A 15 5.63 -0.52 3.99
C ALA A 15 4.28 0.08 3.59
N GLY A 16 3.58 -0.61 2.69
CA GLY A 16 2.28 -0.14 2.24
C GLY A 16 1.24 -0.19 3.34
N GLY A 17 1.23 -1.28 4.10
CA GLY A 17 0.26 -1.42 5.17
C GLY A 17 0.53 -0.47 6.32
N LEU A 18 1.78 -0.42 6.77
CA LEU A 18 2.16 0.45 7.87
C LEU A 18 1.98 1.92 7.49
N ILE A 19 2.66 2.35 6.45
CA ILE A 19 2.58 3.73 5.99
C ILE A 19 1.12 4.14 5.79
N LEU A 20 0.40 3.36 4.98
CA LEU A 20 -1.01 3.64 4.70
C LEU A 20 -1.77 3.89 5.99
N ILE A 21 -1.71 2.92 6.91
CA ILE A 21 -2.40 3.03 8.19
C ILE A 21 -2.11 4.37 8.86
N GLY A 22 -0.85 4.80 8.79
CA GLY A 22 -0.47 6.06 9.40
C GLY A 22 -1.08 7.25 8.69
N VAL A 23 -0.70 7.46 7.43
CA VAL A 23 -1.21 8.57 6.64
C VAL A 23 -2.74 8.57 6.63
N VAL A 24 -3.33 7.40 6.88
CA VAL A 24 -4.78 7.27 6.89
C VAL A 24 -5.37 7.83 8.19
N LEU A 25 -4.87 7.35 9.32
CA LEU A 25 -5.34 7.80 10.62
C LEU A 25 -5.19 9.30 10.76
N GLY A 26 -4.18 9.86 10.09
CA GLY A 26 -3.94 11.29 10.15
C GLY A 26 -4.83 12.06 9.20
N TYR A 27 -4.95 11.58 7.97
CA TYR A 27 -5.76 12.23 6.96
C TYR A 27 -7.25 12.19 7.34
N THR A 28 -7.60 11.23 8.19
CA THR A 28 -8.97 11.07 8.63
C THR A 28 -9.23 11.86 9.92
N VAL A 29 -8.24 11.84 10.82
CA VAL A 29 -8.36 12.55 12.09
C VAL A 29 -8.03 14.03 11.93
N ASN A 30 -7.54 14.39 10.75
CA ASN A 30 -7.19 15.78 10.46
C ASN A 30 -7.98 16.31 9.27
N SER A 31 -8.24 15.43 8.29
CA SER A 31 -8.99 15.82 7.10
C SER A 31 -10.25 14.98 6.97
N GLY A 32 -10.47 14.08 7.93
CA GLY A 32 -11.64 13.23 7.89
C GLY A 32 -12.75 13.73 8.80
N PHE A 33 -12.38 14.51 9.81
CA PHE A 33 -13.35 15.06 10.75
C PHE A 33 -14.33 15.99 10.04
N PHE A 34 -13.97 16.41 8.83
CA PHE A 34 -14.82 17.30 8.05
C PHE A 34 -15.95 16.53 7.39
N LEU A 35 -15.62 15.43 6.74
CA LEU A 35 -16.62 14.61 6.06
C LEU A 35 -17.76 14.25 7.01
N LEU A 36 -17.52 13.27 7.87
CA LEU A 36 -18.53 12.84 8.83
C LEU A 36 -18.01 12.96 10.26
N SER A 37 -17.30 11.93 10.72
CA SER A 37 -16.74 11.92 12.06
C SER A 37 -15.24 11.67 12.04
N GLY A 38 -14.81 10.76 11.17
CA GLY A 38 -13.40 10.45 11.06
C GLY A 38 -13.11 8.98 11.35
N PHE A 39 -14.12 8.13 11.14
CA PHE A 39 -13.96 6.70 11.39
C PHE A 39 -14.29 5.90 10.13
N VAL A 40 -15.28 6.37 9.38
CA VAL A 40 -15.69 5.69 8.16
C VAL A 40 -14.59 5.72 7.11
N GLY A 41 -13.88 6.85 7.04
CA GLY A 41 -12.80 6.99 6.08
C GLY A 41 -11.61 6.10 6.41
N ALA A 42 -10.91 6.43 7.50
CA ALA A 42 -9.75 5.66 7.93
C ALA A 42 -10.13 4.21 8.19
N GLY A 43 -11.35 3.99 8.64
CA GLY A 43 -11.81 2.64 8.92
C GLY A 43 -11.92 1.79 7.68
N LEU A 44 -12.70 2.26 6.71
CA LEU A 44 -12.89 1.53 5.46
C LEU A 44 -11.56 1.27 4.77
N LEU A 45 -10.66 2.25 4.86
CA LEU A 45 -9.34 2.13 4.25
C LEU A 45 -8.53 1.03 4.91
N PHE A 46 -8.59 0.98 6.24
CA PHE A 46 -7.85 -0.03 6.99
C PHE A 46 -8.32 -1.44 6.63
N ALA A 47 -9.64 -1.63 6.64
CA ALA A 47 -10.22 -2.92 6.32
C ALA A 47 -9.78 -3.39 4.92
N GLY A 48 -9.86 -2.48 3.95
CA GLY A 48 -9.47 -2.82 2.60
C GLY A 48 -8.02 -3.25 2.50
N ILE A 49 -7.12 -2.33 2.83
CA ILE A 49 -5.69 -2.60 2.77
C ILE A 49 -5.33 -3.83 3.62
N SER A 50 -6.18 -4.12 4.60
CA SER A 50 -5.95 -5.25 5.49
C SER A 50 -6.12 -6.56 4.73
N GLY A 51 -7.32 -6.79 4.21
CA GLY A 51 -7.59 -8.01 3.47
C GLY A 51 -6.70 -8.17 2.26
N PHE A 52 -6.39 -7.05 1.59
CA PHE A 52 -5.55 -7.07 0.41
C PHE A 52 -4.13 -7.52 0.77
N SER A 53 -3.51 -6.81 1.70
CA SER A 53 -2.16 -7.13 2.13
C SER A 53 -2.06 -8.58 2.58
N GLY A 54 -3.08 -9.03 3.30
CA GLY A 54 -3.10 -10.39 3.80
C GLY A 54 -3.01 -11.42 2.68
N MET A 55 -3.85 -11.25 1.66
CA MET A 55 -3.87 -12.17 0.53
C MET A 55 -2.55 -12.10 -0.24
N ALA A 56 -1.93 -10.93 -0.24
CA ALA A 56 -0.66 -10.73 -0.94
C ALA A 56 0.49 -11.39 -0.18
N ARG A 57 0.59 -11.10 1.11
CA ARG A 57 1.65 -11.67 1.94
C ARG A 57 1.56 -13.19 1.97
N LEU A 58 0.34 -13.70 1.83
CA LEU A 58 0.13 -15.15 1.84
C LEU A 58 0.53 -15.77 0.51
N LEU A 59 0.03 -15.20 -0.58
CA LEU A 59 0.35 -15.69 -1.92
C LEU A 59 1.80 -15.42 -2.28
N ASP A 60 2.44 -14.56 -1.49
CA ASP A 60 3.85 -14.22 -1.72
C ASP A 60 4.76 -15.08 -0.86
N LYS A 61 4.40 -15.22 0.42
CA LYS A 61 5.19 -16.01 1.35
C LYS A 61 4.37 -16.40 2.58
N MET A 62 3.28 -17.11 2.34
CA MET A 62 2.40 -17.55 3.43
C MET A 62 3.21 -18.18 4.56
N PRO A 63 2.66 -18.12 5.78
CA PRO A 63 3.31 -18.68 6.97
C PRO A 63 3.34 -20.20 6.95
N TRP A 64 3.81 -20.76 5.84
CA TRP A 64 3.89 -22.21 5.70
C TRP A 64 4.56 -22.84 6.91
N ASN A 65 5.89 -22.89 6.89
CA ASN A 65 6.65 -23.47 7.98
C ASN A 65 6.84 -22.46 9.12
N GLN A 66 6.31 -21.25 8.91
CA GLN A 66 6.43 -20.20 9.91
C GLN A 66 5.89 -20.66 11.26
N ARG A 67 4.98 -21.62 11.23
CA ARG A 67 4.39 -22.16 12.45
C ARG A 67 3.39 -23.27 12.14
N ALA A 68 3.87 -24.31 11.45
CA ALA A 68 3.03 -25.44 11.09
C ALA A 68 2.48 -26.13 12.34
N LYS B 1 5.36 -17.40 -20.18
CA LYS B 1 4.68 -16.54 -19.24
C LYS B 1 4.15 -17.35 -18.05
N SER B 2 5.06 -17.77 -17.18
CA SER B 2 4.68 -18.56 -16.00
C SER B 2 4.03 -17.67 -14.94
N GLN B 3 4.72 -16.60 -14.58
CA GLN B 3 4.21 -15.67 -13.57
C GLN B 3 2.79 -15.23 -13.91
N PRO B 4 1.82 -15.69 -13.11
CA PRO B 4 0.40 -15.35 -13.30
C PRO B 4 0.10 -13.89 -12.98
N LEU B 5 -1.18 -13.57 -12.88
CA LEU B 5 -1.60 -12.20 -12.57
C LEU B 5 -2.77 -12.20 -11.58
N PRO B 6 -2.51 -12.69 -10.37
CA PRO B 6 -3.52 -12.75 -9.30
C PRO B 6 -3.90 -11.37 -8.79
N LEU B 7 -5.10 -11.26 -8.23
CA LEU B 7 -5.59 -9.99 -7.70
C LEU B 7 -5.05 -9.75 -6.29
N MET B 8 -4.24 -10.70 -5.81
CA MET B 8 -3.65 -10.59 -4.48
C MET B 8 -2.51 -9.58 -4.47
N ARG B 9 -2.03 -9.22 -5.66
CA ARG B 9 -0.94 -8.27 -5.79
C ARG B 9 -1.39 -7.03 -6.57
N GLN B 10 -2.08 -7.25 -7.68
CA GLN B 10 -2.57 -6.16 -8.51
C GLN B 10 -3.41 -5.19 -7.69
N VAL B 11 -4.15 -5.72 -6.72
CA VAL B 11 -5.00 -4.90 -5.87
C VAL B 11 -4.17 -4.15 -4.83
N GLN B 12 -3.06 -4.75 -4.42
CA GLN B 12 -2.17 -4.15 -3.44
C GLN B 12 -1.47 -2.92 -4.01
N ILE B 13 -1.04 -3.03 -5.26
CA ILE B 13 -0.36 -1.93 -5.94
C ILE B 13 -1.35 -0.87 -6.40
N ALA B 14 -2.49 -1.32 -6.91
CA ALA B 14 -3.52 -0.41 -7.41
C ALA B 14 -4.23 0.28 -6.25
N ALA B 15 -4.77 -0.50 -5.33
CA ALA B 15 -5.46 0.04 -4.17
C ALA B 15 -4.48 0.67 -3.19
N GLY B 16 -3.36 0.00 -2.96
CA GLY B 16 -2.36 0.50 -2.03
C GLY B 16 -1.72 1.78 -2.53
N GLY B 17 -1.37 1.81 -3.81
CA GLY B 17 -0.74 2.99 -4.38
C GLY B 17 -1.69 4.17 -4.47
N LEU B 18 -2.89 3.93 -5.01
CA LEU B 18 -3.89 4.98 -5.15
C LEU B 18 -4.32 5.51 -3.79
N ILE B 19 -4.88 4.63 -2.96
CA ILE B 19 -5.33 5.01 -1.63
C ILE B 19 -4.22 5.75 -0.87
N LEU B 20 -3.07 5.10 -0.75
CA LEU B 20 -1.94 5.70 -0.05
C LEU B 20 -1.69 7.13 -0.52
N ILE B 21 -1.49 7.30 -1.82
CA ILE B 21 -1.26 8.61 -2.40
C ILE B 21 -2.30 9.63 -1.91
N GLY B 22 -3.55 9.20 -1.85
CA GLY B 22 -4.61 10.07 -1.41
C GLY B 22 -4.49 10.42 0.06
N VAL B 23 -4.64 9.41 0.92
CA VAL B 23 -4.55 9.62 2.36
C VAL B 23 -3.25 10.33 2.75
N VAL B 24 -2.25 10.22 1.87
CA VAL B 24 -0.95 10.86 2.10
C VAL B 24 -1.03 12.36 1.84
N LEU B 25 -1.42 12.73 0.63
CA LEU B 25 -1.53 14.13 0.26
C LEU B 25 -2.42 14.89 1.24
N GLY B 26 -3.40 14.19 1.80
CA GLY B 26 -4.31 14.81 2.76
C GLY B 26 -3.72 14.90 4.15
N TYR B 27 -3.13 13.79 4.61
CA TYR B 27 -2.53 13.75 5.94
C TYR B 27 -1.35 14.72 6.03
N THR B 28 -0.76 15.04 4.88
CA THR B 28 0.37 15.96 4.84
C THR B 28 -0.09 17.40 4.63
N VAL B 29 -1.13 17.57 3.83
CA VAL B 29 -1.67 18.89 3.55
C VAL B 29 -2.59 19.36 4.67
N ASN B 30 -2.88 18.46 5.60
CA ASN B 30 -3.75 18.78 6.73
C ASN B 30 -3.03 18.54 8.05
N SER B 31 -2.19 17.50 8.09
CA SER B 31 -1.45 17.16 9.29
C SER B 31 0.06 17.23 9.04
N GLY B 32 0.43 17.60 7.82
CA GLY B 32 1.84 17.71 7.48
C GLY B 32 2.34 19.13 7.54
N PHE B 33 1.43 20.09 7.40
CA PHE B 33 1.80 21.51 7.44
C PHE B 33 2.36 21.88 8.81
N PHE B 34 2.12 21.02 9.80
CA PHE B 34 2.59 21.27 11.16
C PHE B 34 4.07 20.94 11.28
N LEU B 35 4.46 19.76 10.80
CA LEU B 35 5.86 19.34 10.86
C LEU B 35 6.79 20.41 10.27
N LEU B 36 6.84 20.46 8.94
CA LEU B 36 7.68 21.43 8.25
C LEU B 36 6.85 22.29 7.32
N SER B 37 6.62 21.80 6.10
CA SER B 37 5.85 22.53 5.12
C SER B 37 4.69 21.69 4.60
N GLY B 38 4.96 20.41 4.36
CA GLY B 38 3.93 19.50 3.87
C GLY B 38 4.30 18.88 2.54
N PHE B 39 5.60 18.78 2.28
CA PHE B 39 6.08 18.19 1.04
C PHE B 39 7.04 17.04 1.32
N VAL B 40 7.83 17.17 2.38
CA VAL B 40 8.79 16.13 2.76
C VAL B 40 8.08 14.86 3.19
N GLY B 41 6.96 15.03 3.89
CA GLY B 41 6.19 13.87 4.35
C GLY B 41 5.52 13.14 3.21
N ALA B 42 4.52 13.77 2.62
CA ALA B 42 3.78 13.17 1.51
C ALA B 42 4.71 12.84 0.35
N GLY B 43 5.76 13.65 0.18
CA GLY B 43 6.71 13.41 -0.89
C GLY B 43 7.49 12.13 -0.71
N LEU B 44 8.18 12.03 0.42
CA LEU B 44 8.99 10.84 0.72
C LEU B 44 8.13 9.58 0.65
N LEU B 45 6.89 9.68 1.10
CA LEU B 45 5.97 8.55 1.10
C LEU B 45 5.64 8.13 -0.32
N PHE B 46 5.39 9.11 -1.19
CA PHE B 46 5.07 8.84 -2.59
C PHE B 46 6.22 8.12 -3.29
N ALA B 47 7.43 8.65 -3.11
CA ALA B 47 8.62 8.06 -3.72
C ALA B 47 8.78 6.60 -3.30
N GLY B 48 8.66 6.34 -2.00
CA GLY B 48 8.80 4.99 -1.49
C GLY B 48 7.79 4.04 -2.08
N ILE B 49 6.51 4.31 -1.82
CA ILE B 49 5.43 3.48 -2.33
C ILE B 49 5.49 3.36 -3.85
N SER B 50 6.12 4.34 -4.49
CA SER B 50 6.25 4.36 -5.95
C SER B 50 7.18 3.25 -6.41
N GLY B 51 8.42 3.28 -5.95
CA GLY B 51 9.40 2.28 -6.34
C GLY B 51 8.97 0.87 -5.93
N PHE B 52 8.34 0.78 -4.76
CA PHE B 52 7.88 -0.52 -4.26
C PHE B 52 6.79 -1.10 -5.14
N SER B 53 5.76 -0.29 -5.41
CA SER B 53 4.65 -0.74 -6.25
C SER B 53 5.15 -1.17 -7.63
N GLY B 54 6.10 -0.41 -8.18
CA GLY B 54 6.64 -0.74 -9.48
C GLY B 54 7.31 -2.10 -9.51
N MET B 55 8.17 -2.35 -8.53
CA MET B 55 8.88 -3.62 -8.44
C MET B 55 7.90 -4.77 -8.20
N ALA B 56 6.82 -4.48 -7.48
CA ALA B 56 5.81 -5.49 -7.19
C ALA B 56 4.97 -5.81 -8.42
N ARG B 57 4.46 -4.77 -9.06
CA ARG B 57 3.64 -4.95 -10.26
C ARG B 57 4.43 -5.65 -11.37
N LEU B 58 5.73 -5.45 -11.37
CA LEU B 58 6.60 -6.05 -12.37
C LEU B 58 6.84 -7.53 -12.06
N LEU B 59 7.26 -7.81 -10.83
CA LEU B 59 7.51 -9.18 -10.41
C LEU B 59 6.23 -9.98 -10.32
N ASP B 60 5.10 -9.28 -10.33
CA ASP B 60 3.79 -9.93 -10.26
C ASP B 60 3.20 -10.13 -11.65
N LYS B 61 3.29 -9.11 -12.48
CA LYS B 61 2.78 -9.18 -13.85
C LYS B 61 3.38 -8.07 -14.71
N MET B 62 4.69 -8.09 -14.85
CA MET B 62 5.40 -7.10 -15.66
C MET B 62 4.74 -6.95 -17.03
N PRO B 63 4.90 -5.77 -17.63
CA PRO B 63 4.33 -5.46 -18.95
C PRO B 63 5.01 -6.25 -20.06
N TRP B 64 5.12 -7.56 -19.89
CA TRP B 64 5.76 -8.42 -20.89
C TRP B 64 5.20 -8.14 -22.28
N ASN B 65 4.09 -8.79 -22.60
CA ASN B 65 3.46 -8.61 -23.91
C ASN B 65 2.57 -7.37 -23.92
N GLN B 66 2.52 -6.67 -22.79
CA GLN B 66 1.71 -5.47 -22.66
C GLN B 66 2.09 -4.46 -23.74
N ARG B 67 3.32 -4.53 -24.22
CA ARG B 67 3.79 -3.62 -25.25
C ARG B 67 5.25 -3.94 -25.64
N ALA B 68 5.47 -5.17 -26.10
CA ALA B 68 6.80 -5.60 -26.51
C ALA B 68 7.33 -4.75 -27.65
N LYS A 1 10.54 -24.33 1.05
CA LYS A 1 10.89 -23.13 0.29
C LYS A 1 10.53 -23.30 -1.19
N SER A 2 9.25 -23.19 -1.50
CA SER A 2 8.78 -23.34 -2.87
C SER A 2 9.08 -22.08 -3.69
N GLN A 3 8.66 -20.93 -3.17
CA GLN A 3 8.89 -19.66 -3.85
C GLN A 3 10.14 -18.97 -3.31
N PRO A 4 10.74 -18.11 -4.14
CA PRO A 4 11.95 -17.36 -3.78
C PRO A 4 11.69 -16.31 -2.71
N LEU A 5 10.42 -15.91 -2.59
CA LEU A 5 10.03 -14.90 -1.60
C LEU A 5 10.93 -13.67 -1.71
N PRO A 6 10.78 -12.92 -2.81
CA PRO A 6 11.57 -11.71 -3.04
C PRO A 6 11.18 -10.57 -2.10
N LEU A 7 11.69 -9.38 -2.38
CA LEU A 7 11.40 -8.21 -1.55
C LEU A 7 10.65 -7.15 -2.35
N MET A 8 10.36 -7.46 -3.61
CA MET A 8 9.63 -6.54 -4.48
C MET A 8 8.15 -6.54 -4.14
N ARG A 9 7.70 -7.57 -3.45
CA ARG A 9 6.29 -7.69 -3.08
C ARG A 9 6.12 -7.50 -1.57
N GLN A 10 6.94 -8.21 -0.79
CA GLN A 10 6.87 -8.12 0.66
C GLN A 10 7.03 -6.68 1.12
N VAL A 11 7.76 -5.90 0.35
CA VAL A 11 8.00 -4.49 0.69
C VAL A 11 6.75 -3.65 0.42
N GLN A 12 5.96 -4.07 -0.55
CA GLN A 12 4.74 -3.35 -0.91
C GLN A 12 3.65 -3.58 0.15
N ILE A 13 3.53 -4.82 0.61
CA ILE A 13 2.53 -5.16 1.62
C ILE A 13 2.96 -4.66 3.00
N ALA A 14 4.24 -4.79 3.30
CA ALA A 14 4.78 -4.35 4.58
C ALA A 14 4.81 -2.83 4.68
N ALA A 15 5.48 -2.20 3.72
CA ALA A 15 5.58 -0.75 3.69
C ALA A 15 4.24 -0.11 3.35
N GLY A 16 3.54 -0.68 2.38
CA GLY A 16 2.25 -0.16 1.97
C GLY A 16 1.21 -0.27 3.06
N GLY A 17 1.20 -1.41 3.76
CA GLY A 17 0.24 -1.63 4.82
C GLY A 17 0.49 -0.73 6.01
N LEU A 18 1.74 -0.69 6.48
CA LEU A 18 2.11 0.13 7.62
C LEU A 18 1.89 1.61 7.32
N ILE A 19 2.57 2.10 6.28
CA ILE A 19 2.45 3.49 5.89
C ILE A 19 0.99 3.90 5.72
N LEU A 20 0.24 3.11 4.95
CA LEU A 20 -1.17 3.39 4.72
C LEU A 20 -1.92 3.57 6.04
N ILE A 21 -1.72 2.62 6.95
CA ILE A 21 -2.37 2.67 8.25
C ILE A 21 -2.18 4.03 8.92
N GLY A 22 -0.92 4.41 9.11
CA GLY A 22 -0.63 5.70 9.72
C GLY A 22 -1.20 6.85 8.95
N VAL A 23 -0.81 6.98 7.69
CA VAL A 23 -1.30 8.06 6.84
C VAL A 23 -2.83 8.14 6.86
N VAL A 24 -3.46 6.99 7.06
CA VAL A 24 -4.92 6.92 7.10
C VAL A 24 -5.46 7.60 8.36
N LEU A 25 -5.01 7.13 9.51
CA LEU A 25 -5.45 7.68 10.79
C LEU A 25 -5.22 9.19 10.84
N GLY A 26 -4.22 9.65 10.10
CA GLY A 26 -3.92 11.07 10.07
C GLY A 26 -4.78 11.82 9.08
N TYR A 27 -4.87 11.30 7.86
CA TYR A 27 -5.67 11.94 6.82
C TYR A 27 -7.15 12.01 7.22
N THR A 28 -7.54 11.12 8.13
CA THR A 28 -8.92 11.07 8.60
C THR A 28 -9.10 11.93 9.85
N VAL A 29 -8.11 11.90 10.73
CA VAL A 29 -8.16 12.67 11.96
C VAL A 29 -7.80 14.13 11.71
N ASN A 30 -7.36 14.43 10.49
CA ASN A 30 -6.98 15.78 10.12
C ASN A 30 -7.78 16.28 8.92
N SER A 31 -8.08 15.36 8.00
CA SER A 31 -8.85 15.70 6.80
C SER A 31 -10.14 14.89 6.74
N GLY A 32 -10.35 14.04 7.74
CA GLY A 32 -11.54 13.22 7.79
C GLY A 32 -12.63 13.81 8.66
N PHE A 33 -12.22 14.61 9.64
CA PHE A 33 -13.17 15.25 10.55
C PHE A 33 -14.11 16.18 9.80
N PHE A 34 -13.73 16.54 8.58
CA PHE A 34 -14.54 17.42 7.75
C PHE A 34 -15.67 16.66 7.07
N LEU A 35 -15.32 15.51 6.49
CA LEU A 35 -16.31 14.67 5.80
C LEU A 35 -17.51 14.40 6.70
N LEU A 36 -17.36 13.43 7.60
CA LEU A 36 -18.42 13.07 8.54
C LEU A 36 -17.96 13.21 9.98
N SER A 37 -17.31 12.16 10.49
CA SER A 37 -16.82 12.17 11.86
C SER A 37 -15.33 11.86 11.90
N GLY A 38 -14.90 10.89 11.08
CA GLY A 38 -13.51 10.52 11.04
C GLY A 38 -13.29 9.05 11.35
N PHE A 39 -14.32 8.25 11.11
CA PHE A 39 -14.24 6.81 11.35
C PHE A 39 -14.56 6.02 10.09
N VAL A 40 -15.52 6.51 9.31
CA VAL A 40 -15.92 5.85 8.08
C VAL A 40 -14.79 5.86 7.06
N GLY A 41 -14.06 6.98 7.00
CA GLY A 41 -12.96 7.09 6.06
C GLY A 41 -11.79 6.19 6.42
N ALA A 42 -11.12 6.51 7.52
CA ALA A 42 -9.98 5.73 7.99
C ALA A 42 -10.38 4.29 8.25
N GLY A 43 -11.64 4.09 8.65
CA GLY A 43 -12.12 2.75 8.95
C GLY A 43 -12.21 1.89 7.70
N LEU A 44 -12.96 2.34 6.72
CA LEU A 44 -13.13 1.59 5.47
C LEU A 44 -11.77 1.36 4.80
N LEU A 45 -10.89 2.34 4.90
CA LEU A 45 -9.56 2.24 4.31
C LEU A 45 -8.74 1.15 5.00
N PHE A 46 -8.80 1.12 6.32
CA PHE A 46 -8.05 0.14 7.11
C PHE A 46 -8.52 -1.27 6.76
N ALA A 47 -9.82 -1.49 6.81
CA ALA A 47 -10.40 -2.80 6.51
C ALA A 47 -9.98 -3.27 5.12
N GLY A 48 -10.09 -2.38 4.13
CA GLY A 48 -9.72 -2.73 2.77
C GLY A 48 -8.26 -3.13 2.66
N ILE A 49 -7.36 -2.20 2.94
CA ILE A 49 -5.93 -2.46 2.86
C ILE A 49 -5.54 -3.63 3.76
N SER A 50 -6.36 -3.90 4.76
CA SER A 50 -6.10 -4.99 5.70
C SER A 50 -6.25 -6.34 5.01
N GLY A 51 -7.45 -6.62 4.52
CA GLY A 51 -7.70 -7.88 3.84
C GLY A 51 -6.84 -8.05 2.61
N PHE A 52 -6.60 -6.96 1.90
CA PHE A 52 -5.78 -6.99 0.69
C PHE A 52 -4.34 -7.36 1.01
N SER A 53 -3.73 -6.59 1.91
CA SER A 53 -2.35 -6.84 2.32
C SER A 53 -2.16 -8.28 2.80
N GLY A 54 -3.08 -8.73 3.64
CA GLY A 54 -3.00 -10.09 4.17
C GLY A 54 -2.96 -11.13 3.07
N MET A 55 -3.89 -11.02 2.12
CA MET A 55 -3.97 -11.96 1.01
C MET A 55 -2.69 -11.91 0.17
N ALA A 56 -2.09 -10.72 0.07
CA ALA A 56 -0.88 -10.54 -0.70
C ALA A 56 0.32 -11.15 0.02
N ARG A 57 0.43 -10.88 1.31
CA ARG A 57 1.53 -11.39 2.11
C ARG A 57 1.53 -12.92 2.12
N LEU A 58 0.34 -13.51 2.08
CA LEU A 58 0.20 -14.95 2.08
C LEU A 58 0.55 -15.54 0.72
N LEU A 59 0.01 -14.93 -0.34
CA LEU A 59 0.27 -15.39 -1.70
C LEU A 59 1.68 -15.03 -2.14
N ASP A 60 2.34 -14.18 -1.34
CA ASP A 60 3.70 -13.76 -1.65
C ASP A 60 4.72 -14.65 -0.92
N LYS A 61 4.47 -14.91 0.36
CA LYS A 61 5.35 -15.74 1.15
C LYS A 61 4.58 -16.43 2.29
N MET A 62 3.56 -17.19 1.92
CA MET A 62 2.74 -17.90 2.89
C MET A 62 3.63 -18.68 3.87
N PRO A 63 3.20 -18.72 5.15
CA PRO A 63 3.94 -19.42 6.20
C PRO A 63 3.90 -20.93 6.03
N TRP A 64 4.19 -21.40 4.82
CA TRP A 64 4.18 -22.82 4.53
C TRP A 64 5.07 -23.59 5.51
N ASN A 65 6.38 -23.56 5.25
CA ASN A 65 7.33 -24.25 6.11
C ASN A 65 7.45 -23.55 7.46
N GLN A 66 6.85 -22.38 7.57
CA GLN A 66 6.89 -21.61 8.80
C GLN A 66 5.65 -21.86 9.64
N ARG A 67 5.01 -23.00 9.43
CA ARG A 67 3.80 -23.36 10.16
C ARG A 67 4.14 -23.67 11.62
N ALA A 68 5.38 -24.05 11.87
CA ALA A 68 5.82 -24.36 13.23
C ALA A 68 5.99 -23.10 14.06
N LYS B 1 2.16 -16.00 -21.07
CA LYS B 1 1.50 -16.13 -19.79
C LYS B 1 2.24 -17.14 -18.89
N SER B 2 3.36 -16.70 -18.32
CA SER B 2 4.16 -17.56 -17.45
C SER B 2 3.51 -17.68 -16.07
N GLN B 3 3.21 -16.54 -15.46
CA GLN B 3 2.60 -16.53 -14.14
C GLN B 3 1.08 -16.40 -14.24
N PRO B 4 0.38 -16.85 -13.19
CA PRO B 4 -1.09 -16.80 -13.15
C PRO B 4 -1.61 -15.38 -13.03
N LEU B 5 -0.80 -14.49 -12.46
CA LEU B 5 -1.18 -13.10 -12.29
C LEU B 5 -2.50 -12.98 -11.53
N PRO B 6 -2.48 -13.37 -10.25
CA PRO B 6 -3.67 -13.32 -9.39
C PRO B 6 -4.09 -11.89 -9.07
N LEU B 7 -5.02 -11.76 -8.12
CA LEU B 7 -5.51 -10.45 -7.71
C LEU B 7 -5.14 -10.15 -6.26
N MET B 8 -4.41 -11.08 -5.64
CA MET B 8 -3.99 -10.92 -4.26
C MET B 8 -2.81 -9.96 -4.16
N ARG B 9 -2.12 -9.76 -5.27
CA ARG B 9 -0.98 -8.87 -5.31
C ARG B 9 -1.31 -7.58 -6.07
N GLN B 10 -1.89 -7.74 -7.25
CA GLN B 10 -2.26 -6.60 -8.08
C GLN B 10 -3.16 -5.64 -7.32
N VAL B 11 -3.94 -6.18 -6.39
CA VAL B 11 -4.86 -5.38 -5.59
C VAL B 11 -4.10 -4.58 -4.52
N GLN B 12 -2.98 -5.13 -4.07
CA GLN B 12 -2.17 -4.48 -3.05
C GLN B 12 -1.42 -3.29 -3.64
N ILE B 13 -0.88 -3.47 -4.84
CA ILE B 13 -0.14 -2.41 -5.52
C ILE B 13 -1.08 -1.36 -6.09
N ALA B 14 -2.20 -1.82 -6.65
CA ALA B 14 -3.18 -0.92 -7.25
C ALA B 14 -3.93 -0.15 -6.17
N ALA B 15 -4.54 -0.86 -5.23
CA ALA B 15 -5.28 -0.24 -4.14
C ALA B 15 -4.34 0.44 -3.16
N GLY B 16 -3.25 -0.23 -2.82
CA GLY B 16 -2.28 0.33 -1.88
C GLY B 16 -1.61 1.56 -2.43
N GLY B 17 -1.23 1.52 -3.70
CA GLY B 17 -0.56 2.65 -4.32
C GLY B 17 -1.49 3.85 -4.47
N LEU B 18 -2.67 3.62 -5.03
CA LEU B 18 -3.64 4.68 -5.22
C LEU B 18 -4.07 5.28 -3.89
N ILE B 19 -4.64 4.45 -3.03
CA ILE B 19 -5.10 4.90 -1.73
C ILE B 19 -4.00 5.65 -0.98
N LEU B 20 -2.83 5.05 -0.90
CA LEU B 20 -1.69 5.67 -0.22
C LEU B 20 -1.44 7.08 -0.76
N ILE B 21 -1.37 7.18 -2.08
CA ILE B 21 -1.14 8.48 -2.72
C ILE B 21 -2.11 9.54 -2.19
N GLY B 22 -3.40 9.28 -2.33
CA GLY B 22 -4.40 10.22 -1.85
C GLY B 22 -4.28 10.50 -0.37
N VAL B 23 -4.34 9.44 0.44
CA VAL B 23 -4.24 9.57 1.89
C VAL B 23 -2.98 10.35 2.28
N VAL B 24 -1.94 10.22 1.46
CA VAL B 24 -0.67 10.90 1.71
C VAL B 24 -0.82 12.41 1.56
N LEU B 25 -1.24 12.84 0.37
CA LEU B 25 -1.42 14.26 0.08
C LEU B 25 -2.34 14.90 1.11
N GLY B 26 -3.28 14.11 1.64
CA GLY B 26 -4.21 14.62 2.63
C GLY B 26 -3.63 14.64 4.03
N TYR B 27 -3.01 13.53 4.42
CA TYR B 27 -2.41 13.43 5.74
C TYR B 27 -1.28 14.45 5.92
N THR B 28 -0.71 14.88 4.79
CA THR B 28 0.37 15.86 4.83
C THR B 28 -0.16 17.28 4.71
N VAL B 29 -1.20 17.46 3.89
CA VAL B 29 -1.81 18.77 3.70
C VAL B 29 -2.76 19.10 4.84
N ASN B 30 -2.97 18.14 5.72
CA ASN B 30 -3.87 18.33 6.86
C ASN B 30 -3.14 18.06 8.18
N SER B 31 -2.25 17.09 8.16
CA SER B 31 -1.48 16.73 9.35
C SER B 31 0.02 16.90 9.11
N GLY B 32 0.37 17.34 7.91
CA GLY B 32 1.77 17.53 7.57
C GLY B 32 2.20 18.98 7.70
N PHE B 33 1.24 19.89 7.58
CA PHE B 33 1.53 21.32 7.68
C PHE B 33 2.07 21.67 9.07
N PHE B 34 1.87 20.76 10.01
CA PHE B 34 2.34 20.97 11.38
C PHE B 34 3.82 20.63 11.51
N LEU B 35 4.22 19.50 10.95
CA LEU B 35 5.61 19.06 11.00
C LEU B 35 6.54 20.16 10.51
N LEU B 36 6.65 20.28 9.19
CA LEU B 36 7.52 21.29 8.59
C LEU B 36 6.72 22.20 7.67
N SER B 37 6.55 21.77 6.42
CA SER B 37 5.80 22.55 5.44
C SER B 37 4.67 21.72 4.83
N GLY B 38 4.96 20.45 4.56
CA GLY B 38 3.96 19.57 3.98
C GLY B 38 4.40 18.98 2.65
N PHE B 39 5.71 18.91 2.44
CA PHE B 39 6.27 18.37 1.21
C PHE B 39 7.21 17.20 1.50
N VAL B 40 7.97 17.32 2.58
CA VAL B 40 8.92 16.29 2.97
C VAL B 40 8.19 15.00 3.36
N GLY B 41 7.07 15.14 4.05
CA GLY B 41 6.30 13.98 4.46
C GLY B 41 5.64 13.27 3.30
N ALA B 42 4.67 13.94 2.68
CA ALA B 42 3.96 13.35 1.55
C ALA B 42 4.91 13.05 0.40
N GLY B 43 5.99 13.84 0.30
CA GLY B 43 6.96 13.63 -0.76
C GLY B 43 7.73 12.34 -0.60
N LEU B 44 8.39 12.18 0.54
CA LEU B 44 9.17 10.98 0.82
C LEU B 44 8.29 9.73 0.75
N LEU B 45 7.04 9.87 1.20
CA LEU B 45 6.10 8.76 1.19
C LEU B 45 5.74 8.36 -0.24
N PHE B 46 5.51 9.35 -1.09
CA PHE B 46 5.16 9.10 -2.48
C PHE B 46 6.30 8.39 -3.20
N ALA B 47 7.50 8.93 -3.08
CA ALA B 47 8.67 8.35 -3.72
C ALA B 47 8.87 6.89 -3.29
N GLY B 48 8.78 6.65 -2.00
CA GLY B 48 8.94 5.30 -1.49
C GLY B 48 7.91 4.34 -2.04
N ILE B 49 6.64 4.59 -1.75
CA ILE B 49 5.56 3.73 -2.22
C ILE B 49 5.56 3.65 -3.74
N SER B 50 6.16 4.65 -4.39
CA SER B 50 6.22 4.69 -5.84
C SER B 50 7.14 3.58 -6.37
N GLY B 51 8.41 3.64 -5.99
CA GLY B 51 9.36 2.64 -6.44
C GLY B 51 8.99 1.25 -5.99
N PHE B 52 8.44 1.14 -4.79
CA PHE B 52 8.03 -0.16 -4.24
C PHE B 52 6.88 -0.75 -5.06
N SER B 53 5.83 0.04 -5.25
CA SER B 53 4.66 -0.41 -6.01
C SER B 53 5.07 -0.87 -7.41
N GLY B 54 5.88 -0.06 -8.07
CA GLY B 54 6.33 -0.40 -9.41
C GLY B 54 7.04 -1.73 -9.47
N MET B 55 8.00 -1.93 -8.56
CA MET B 55 8.74 -3.18 -8.52
C MET B 55 7.83 -4.36 -8.25
N ALA B 56 6.81 -4.14 -7.43
CA ALA B 56 5.85 -5.19 -7.09
C ALA B 56 4.94 -5.51 -8.28
N ARG B 57 4.45 -4.47 -8.93
CA ARG B 57 3.57 -4.65 -10.09
C ARG B 57 4.28 -5.40 -11.21
N LEU B 58 5.59 -5.16 -11.33
CA LEU B 58 6.38 -5.83 -12.37
C LEU B 58 6.64 -7.29 -12.00
N LEU B 59 7.05 -7.53 -10.77
CA LEU B 59 7.32 -8.88 -10.30
C LEU B 59 6.02 -9.66 -10.08
N ASP B 60 4.90 -8.95 -10.13
CA ASP B 60 3.59 -9.57 -9.95
C ASP B 60 2.99 -9.95 -11.30
N LYS B 61 3.08 -9.03 -12.26
CA LYS B 61 2.53 -9.26 -13.59
C LYS B 61 3.26 -8.42 -14.63
N MET B 62 4.57 -8.59 -14.71
CA MET B 62 5.39 -7.85 -15.66
C MET B 62 4.78 -7.90 -17.06
N PRO B 63 4.88 -6.79 -17.80
CA PRO B 63 4.34 -6.69 -19.16
C PRO B 63 5.13 -7.54 -20.15
N TRP B 64 5.37 -8.80 -19.79
CA TRP B 64 6.11 -9.72 -20.65
C TRP B 64 5.48 -9.77 -22.05
N ASN B 65 4.42 -10.55 -22.18
CA ASN B 65 3.72 -10.70 -23.45
C ASN B 65 2.98 -9.41 -23.82
N GLN B 66 2.93 -8.48 -22.88
CA GLN B 66 2.25 -7.20 -23.11
C GLN B 66 3.24 -6.14 -23.55
N ARG B 67 4.37 -6.56 -24.10
CA ARG B 67 5.40 -5.63 -24.56
C ARG B 67 4.93 -4.86 -25.78
N ALA B 68 3.98 -5.44 -26.51
CA ALA B 68 3.43 -4.79 -27.71
C ALA B 68 2.62 -3.55 -27.35
#